data_7A6E
#
_entry.id   7A6E
#
loop_
_entity.id
_entity.type
_entity.pdbx_description
1 polymer 'Multidrug resistance protein 1'
2 polymer 'MRK16 Fab-fragment light chain'
3 polymer 'MRK16 Fab-fragment heavy chain'
4 non-polymer tariquidar
5 non-polymer CHOLESTEROL
#
loop_
_entity_poly.entity_id
_entity_poly.type
_entity_poly.pdbx_seq_one_letter_code
_entity_poly.pdbx_strand_id
1 'polypeptide(L)'
;MDLEGDRNGGAKKKNFFKLNNKSEKDKKEKKPTVSVFSMFRYSNWLDKLYMVVGTLAAIIHGAGLPLMMLVFGEMTDIFA
NAGNLEDLMSNITNRSDINDTGFFMNLEEDMTRYAYYYSGIGAGVLVAAYIQVSFWCLAAGRQIHKIRKQFFHAIMRQEI
GWFDVHDVGELNTRLTDDVSKINEGIGDKIGMFFQSMATFFTGFIVGFTRGWKLTLVILAISPVLGLSAAVWAKILSSFT
DKELLAYAKAGAVAEEVLAAIRTVIAFGGQKKELERYNKNLEEAKRIGIKKAITANISIGAAFLLIYASYALAFWYGTTL
VLSGEYSIGQVLTVFFSVLIGAFSVGQASPSIEAFANARGAAYEIFKIIDNKPSIDSYSKSGHKPDNIKGNLEFRNVHFS
YPSRKEVKILKGLNLKVQSGQTVALVGNSGCGKSTTVQLMQRLYDPTEGMVSVDGQDIRTINVRFLREIIGVVSQEPVLF
ATTIAENIRYGRENVTMDEIEKAVKEANAYDFIMKLPHKFDTLVGERGAQLSGGQKQRIAIARALVRNPKILLLDEATSA
LDTESEAVVQVALDKARKGRTTIVIAHRLSTVRNADVIAGFDDGVIVEKGNHDELMKEKGIYFKLVTMQTAGNEVELENA
ADESKSEIDALEMSSNDSRSSLIRKRSTRRSVRGSQAQDRKLSTKEALDESIPPVSFWRIMKLNLTEWPYFVVGVFCAII
NGGLQPAFAIIFSKIIGVFTRIDDPETKRQNSNLFSLLFLALGIISFITFFLQGFTFGKAGEILTKRLRYMVFRSMLRQD
VSWFDDPKNTTGALTTRLANDAAQVKGAIGSRLAVITQNIANLGTGIIISFIYGWQLTLLLLAIVPIIAIAGVVEMKMLS
GQALKDKKELEGAGKIATEAIENFRTVVSLTQEQKFEHMYAQSLQVPYRNSLRKAHIFGITFSFTQAMMYFSYAGCFRFG
AYLVAHKLMSFEDVLLVFSAVVFGAMAVGQVSSFAPDYAKAKISAAHIIMIIEKTPLIDSYSTEGLMPNTLEGNVTFGEV
VFNYPTRPDIPVLQGLSLEVKKGQTLALVGSSGCGKSTVVQLLERFYDPLAGKVLLDGKEIKRLNVQWLRAHLGIVSQEP
ILFDCSIAENIAYGDNSRVVSQEEIVRAAKEANIHAFIESLPNKYSTKVGDKGTQLSGGQKQRIAIARALVRQPHILLLD
EATSALDTESEKVVQEALDKAREGRTCIVIAHRLSTIQNADLIVVFQNGRVKEHGTHQQLLAQKGIYFSMVSVQAGTKRQ
;
A
2 'polypeptide(L)'
;DVLMTQTPVSLSVSLGDQASISCRSSQSIVHSTGNTYLEWYLQKPGQSPKLLIYKISNRFSGVPDRFSGSGSGTDFTLKI
SRVEAEDLGVYYCFQASHAPRTFGGGTKLEIKRADAAPTVSIFPPSSEQLTSGGASVVCFLNNFYPKDINVKWKIDGSER
QNGVLNSWTDQDSKDSTYSMSSTLTLTKDEYERHNSYTCEATHKTSTSPIVKSFNRNEC
;
B
3 'polypeptide(L)'
;EVILVESGGGLVKPGGSLKLSCAASGFTFSSYTMSWVRQTPEKRLEWVATISSGGGNTYYPDSVKGRFTISRDNAKNNLY
LQMSSLRSEDTALYYCARYYRYEAWFASWGQGTLVTVSAAKTTAPSVYPLAPVCGDTTGSSVTLGCLVKGYFPEPVTLTW
NSGSLSSGVHTFPAVLQSDLYTLSSSVTVTSSTWPSQSITCNVAHPASSTKVDKKIEP
;
C
#
loop_
_chem_comp.id
_chem_comp.type
_chem_comp.name
_chem_comp.formula
CLR non-polymer CHOLESTEROL 'C27 H46 O'
R1H non-polymer tariquidar 'C38 H38 N4 O6'
#
# COMPACT_ATOMS: atom_id res chain seq x y z
N PRO A 32 -21.24 8.41 23.34
CA PRO A 32 -19.89 8.42 22.76
C PRO A 32 -19.65 9.59 21.80
N THR A 33 -20.37 9.60 20.67
CA THR A 33 -20.20 10.65 19.67
C THR A 33 -21.00 11.88 20.09
N VAL A 34 -20.51 12.54 21.15
CA VAL A 34 -21.09 13.78 21.64
C VAL A 34 -19.95 14.73 21.97
N SER A 35 -20.28 16.02 21.99
CA SER A 35 -19.36 17.07 22.41
C SER A 35 -18.17 17.14 21.46
N VAL A 36 -18.47 17.34 20.17
CA VAL A 36 -17.41 17.49 19.17
C VAL A 36 -16.50 18.66 19.54
N PHE A 37 -17.11 19.83 19.74
CA PHE A 37 -16.34 21.01 20.09
C PHE A 37 -15.61 20.83 21.41
N SER A 38 -16.04 19.87 22.23
CA SER A 38 -15.41 19.67 23.53
C SER A 38 -14.08 18.95 23.43
N MET A 39 -13.86 18.16 22.37
CA MET A 39 -12.56 17.48 22.26
C MET A 39 -11.44 18.49 22.08
N PHE A 40 -11.71 19.59 21.40
CA PHE A 40 -10.75 20.66 21.30
C PHE A 40 -10.85 21.63 22.47
N ARG A 41 -11.41 21.20 23.60
CA ARG A 41 -11.55 22.09 24.74
C ARG A 41 -10.20 22.52 25.27
N TYR A 42 -9.21 21.64 25.25
CA TYR A 42 -7.89 21.95 25.80
C TYR A 42 -7.00 22.56 24.73
N SER A 43 -7.37 23.78 24.30
CA SER A 43 -6.72 24.44 23.18
C SER A 43 -6.54 25.91 23.46
N ASN A 44 -5.29 26.38 23.48
CA ASN A 44 -5.02 27.79 23.67
C ASN A 44 -5.37 28.55 22.39
N TRP A 45 -5.03 29.84 22.37
CA TRP A 45 -5.25 30.64 21.16
C TRP A 45 -4.27 30.24 20.06
N LEU A 46 -3.01 30.03 20.43
CA LEU A 46 -2.00 29.70 19.44
C LEU A 46 -2.39 28.46 18.64
N ASP A 47 -3.06 27.51 19.29
CA ASP A 47 -3.43 26.30 18.57
C ASP A 47 -4.59 26.55 17.62
N LYS A 48 -5.52 27.44 17.98
CA LYS A 48 -6.54 27.83 17.03
C LYS A 48 -5.93 28.48 15.80
N LEU A 49 -4.93 29.33 16.01
CA LEU A 49 -4.23 29.94 14.88
C LEU A 49 -3.56 28.86 14.04
N TYR A 50 -2.84 27.95 14.68
CA TYR A 50 -2.16 26.89 13.95
C TYR A 50 -3.13 26.08 13.10
N MET A 51 -4.32 25.80 13.64
CA MET A 51 -5.27 25.01 12.88
C MET A 51 -5.79 25.77 11.66
N VAL A 52 -6.12 27.05 11.82
CA VAL A 52 -6.63 27.79 10.67
C VAL A 52 -5.57 27.87 9.56
N VAL A 53 -4.36 28.27 9.93
CA VAL A 53 -3.30 28.38 8.92
C VAL A 53 -3.03 27.02 8.28
N GLY A 54 -3.02 25.96 9.08
CA GLY A 54 -2.80 24.64 8.53
C GLY A 54 -3.85 24.23 7.52
N THR A 55 -5.11 24.57 7.78
CA THR A 55 -6.15 24.16 6.84
C THR A 55 -6.06 24.96 5.54
N LEU A 56 -5.62 26.22 5.60
CA LEU A 56 -5.45 26.97 4.36
C LEU A 56 -4.29 26.41 3.54
N ALA A 57 -3.18 26.10 4.20
CA ALA A 57 -2.09 25.46 3.49
C ALA A 57 -2.53 24.14 2.88
N ALA A 58 -3.42 23.43 3.58
CA ALA A 58 -3.95 22.17 3.05
C ALA A 58 -4.69 22.41 1.75
N ILE A 59 -5.60 23.37 1.73
CA ILE A 59 -6.40 23.60 0.54
C ILE A 59 -5.51 23.99 -0.64
N ILE A 60 -4.49 24.81 -0.40
CA ILE A 60 -3.57 25.17 -1.47
C ILE A 60 -2.80 23.95 -1.98
N HIS A 61 -2.30 23.12 -1.08
CA HIS A 61 -1.66 21.86 -1.48
C HIS A 61 -2.58 21.06 -2.38
N GLY A 62 -3.87 21.05 -2.04
CA GLY A 62 -4.89 20.29 -2.80
C GLY A 62 -5.08 20.81 -4.20
N ALA A 63 -4.76 22.10 -4.43
CA ALA A 63 -4.91 22.71 -5.77
C ALA A 63 -3.55 22.75 -6.47
N GLY A 64 -2.74 21.70 -6.27
CA GLY A 64 -1.40 21.62 -6.89
C GLY A 64 -1.34 20.56 -7.96
N LEU A 65 -2.00 19.41 -7.73
CA LEU A 65 -2.02 18.30 -8.72
C LEU A 65 -2.84 18.72 -9.94
N PRO A 66 -4.13 19.10 -9.79
CA PRO A 66 -4.97 19.51 -10.91
C PRO A 66 -4.30 20.55 -11.84
N LEU A 67 -3.77 21.64 -11.28
CA LEU A 67 -3.13 22.65 -12.10
C LEU A 67 -1.94 22.08 -12.84
N MET A 68 -1.21 21.17 -12.21
CA MET A 68 -0.14 20.47 -12.91
C MET A 68 -0.68 19.73 -14.11
N MET A 69 -1.84 19.09 -13.96
CA MET A 69 -2.41 18.39 -15.11
C MET A 69 -2.84 19.35 -16.20
N LEU A 70 -3.29 20.55 -15.84
CA LEU A 70 -3.64 21.53 -16.86
C LEU A 70 -2.39 21.95 -17.67
N VAL A 71 -1.31 22.29 -16.98
CA VAL A 71 -0.09 22.68 -17.67
C VAL A 71 0.41 21.55 -18.56
N PHE A 72 0.35 20.30 -18.08
CA PHE A 72 0.80 19.18 -18.89
C PHE A 72 -0.07 18.99 -20.13
N GLY A 73 -1.38 19.17 -19.98
CA GLY A 73 -2.24 19.05 -21.13
C GLY A 73 -1.98 20.11 -22.19
N GLU A 74 -1.46 21.26 -21.77
CA GLU A 74 -1.12 22.26 -22.81
C GLU A 74 0.25 21.98 -23.43
N MET A 75 1.18 21.49 -22.62
CA MET A 75 2.49 21.13 -23.16
C MET A 75 2.37 20.06 -24.24
N THR A 76 1.42 19.13 -24.10
CA THR A 76 1.28 18.09 -25.12
C THR A 76 0.78 18.67 -26.44
N ASP A 77 -0.19 19.59 -26.40
CA ASP A 77 -0.57 20.30 -27.61
C ASP A 77 0.64 20.95 -28.28
N ILE A 78 1.53 21.54 -27.49
CA ILE A 78 2.68 22.21 -28.08
C ILE A 78 3.60 21.19 -28.75
N PHE A 79 3.87 20.07 -28.09
CA PHE A 79 4.75 19.07 -28.69
C PHE A 79 4.17 18.52 -29.98
N ALA A 80 2.86 18.27 -30.01
CA ALA A 80 2.23 17.78 -31.23
C ALA A 80 2.40 18.78 -32.37
N ASN A 81 1.89 20.00 -32.17
CA ASN A 81 1.93 20.99 -33.23
C ASN A 81 3.35 21.22 -33.73
N ALA A 82 4.29 21.45 -32.82
CA ALA A 82 5.65 21.75 -33.24
C ALA A 82 6.26 20.59 -34.00
N GLY A 83 6.03 19.36 -33.54
CA GLY A 83 6.55 18.21 -34.26
C GLY A 83 6.03 18.12 -35.68
N ASN A 84 4.72 18.30 -35.85
CA ASN A 84 4.14 18.22 -37.18
C ASN A 84 4.68 19.31 -38.10
N LEU A 85 5.11 20.44 -37.53
CA LEU A 85 5.73 21.57 -38.23
C LEU A 85 5.08 21.92 -39.56
N PHE A 104 11.15 22.84 -36.37
CA PHE A 104 10.47 23.31 -35.17
C PHE A 104 11.47 23.96 -34.20
N MET A 105 12.10 25.03 -34.65
CA MET A 105 13.12 25.66 -33.82
C MET A 105 12.51 26.37 -32.62
N ASN A 106 11.22 26.72 -32.68
CA ASN A 106 10.55 27.37 -31.57
C ASN A 106 10.31 26.43 -30.39
N LEU A 107 10.31 25.11 -30.60
CA LEU A 107 9.99 24.16 -29.54
C LEU A 107 10.70 24.52 -28.25
N GLU A 108 12.04 24.52 -28.28
CA GLU A 108 12.81 24.80 -27.08
C GLU A 108 12.26 26.01 -26.35
N GLU A 109 12.07 27.12 -27.06
CA GLU A 109 11.68 28.35 -26.38
C GLU A 109 10.36 28.17 -25.66
N ASP A 110 9.34 27.63 -26.33
CA ASP A 110 8.06 27.43 -25.65
C ASP A 110 8.24 26.55 -24.44
N MET A 111 9.06 25.53 -24.55
CA MET A 111 9.23 24.65 -23.41
C MET A 111 9.89 25.36 -22.26
N THR A 112 10.81 26.28 -22.54
CA THR A 112 11.35 27.08 -21.45
C THR A 112 10.21 27.70 -20.66
N ARG A 113 9.28 28.35 -21.33
CA ARG A 113 8.16 28.95 -20.61
C ARG A 113 7.49 27.93 -19.72
N TYR A 114 7.11 26.78 -20.28
CA TYR A 114 6.36 25.84 -19.46
C TYR A 114 7.21 25.29 -18.35
N ALA A 115 8.51 25.12 -18.56
CA ALA A 115 9.36 24.71 -17.47
C ALA A 115 9.22 25.66 -16.30
N TYR A 116 9.30 26.97 -16.56
CA TYR A 116 9.06 27.95 -15.50
C TYR A 116 7.77 27.64 -14.77
N TYR A 117 6.66 27.51 -15.51
CA TYR A 117 5.38 27.25 -14.90
C TYR A 117 5.46 26.06 -13.96
N TYR A 118 5.99 24.93 -14.44
CA TYR A 118 6.08 23.76 -13.57
C TYR A 118 6.88 24.09 -12.33
N SER A 119 8.07 24.65 -12.50
CA SER A 119 8.88 25.02 -11.36
C SER A 119 8.09 25.91 -10.42
N GLY A 120 7.38 26.89 -10.97
CA GLY A 120 6.53 27.73 -10.13
C GLY A 120 5.66 26.90 -9.23
N ILE A 121 4.81 26.06 -9.83
CA ILE A 121 3.88 25.28 -9.02
C ILE A 121 4.65 24.44 -8.02
N GLY A 122 5.78 23.87 -8.45
CA GLY A 122 6.59 23.11 -7.53
C GLY A 122 6.84 23.88 -6.25
N ALA A 123 7.44 25.06 -6.37
CA ALA A 123 7.75 25.85 -5.19
C ALA A 123 6.51 26.08 -4.35
N GLY A 124 5.40 26.46 -4.98
CA GLY A 124 4.18 26.67 -4.23
C GLY A 124 3.80 25.45 -3.42
N VAL A 125 3.72 24.30 -4.08
CA VAL A 125 3.29 23.08 -3.39
C VAL A 125 4.32 22.68 -2.37
N LEU A 126 5.57 23.12 -2.53
CA LEU A 126 6.52 22.96 -1.44
C LEU A 126 6.02 23.68 -0.20
N VAL A 127 5.90 25.01 -0.27
CA VAL A 127 5.66 25.79 0.94
C VAL A 127 4.34 25.37 1.58
N ALA A 128 3.26 25.36 0.82
CA ALA A 128 2.00 24.90 1.37
C ALA A 128 2.19 23.58 2.10
N ALA A 129 2.77 22.58 1.44
CA ALA A 129 2.94 21.28 2.08
C ALA A 129 3.54 21.44 3.46
N TYR A 130 4.69 22.10 3.54
CA TYR A 130 5.33 22.25 4.84
C TYR A 130 4.38 22.87 5.83
N ILE A 131 3.86 24.07 5.51
CA ILE A 131 3.04 24.79 6.47
C ILE A 131 1.86 23.92 6.90
N GLN A 132 1.35 23.10 5.99
CA GLN A 132 0.26 22.23 6.41
C GLN A 132 0.74 21.27 7.48
N VAL A 133 1.65 20.37 7.09
CA VAL A 133 1.94 19.21 7.94
C VAL A 133 2.42 19.69 9.30
N SER A 134 3.57 20.37 9.31
CA SER A 134 4.10 20.89 10.55
C SER A 134 3.02 21.53 11.40
N PHE A 135 2.26 22.47 10.85
CA PHE A 135 1.35 23.21 11.70
C PHE A 135 0.34 22.28 12.34
N TRP A 136 -0.30 21.41 11.54
CA TRP A 136 -1.29 20.53 12.15
C TRP A 136 -0.64 19.68 13.23
N CYS A 137 0.53 19.11 12.94
CA CYS A 137 1.20 18.30 13.94
C CYS A 137 1.38 19.09 15.22
N LEU A 138 1.88 20.33 15.10
CA LEU A 138 2.11 21.13 16.29
C LEU A 138 0.84 21.26 17.10
N ALA A 139 -0.26 21.65 16.45
CA ALA A 139 -1.52 21.75 17.17
C ALA A 139 -1.78 20.47 17.95
N ALA A 140 -1.88 19.34 17.25
CA ALA A 140 -2.16 18.09 17.95
C ALA A 140 -1.19 17.89 19.08
N GLY A 141 0.12 18.02 18.79
CA GLY A 141 1.11 17.83 19.82
C GLY A 141 0.72 18.52 21.11
N ARG A 142 0.52 19.82 21.06
CA ARG A 142 0.27 20.56 22.29
C ARG A 142 -0.96 20.04 22.99
N GLN A 143 -2.06 19.91 22.25
CA GLN A 143 -3.29 19.46 22.90
C GLN A 143 -3.06 18.13 23.59
N ILE A 144 -2.42 17.19 22.90
CA ILE A 144 -2.25 15.87 23.50
C ILE A 144 -1.53 16.00 24.82
N HIS A 145 -0.42 16.75 24.82
CA HIS A 145 0.32 16.95 26.06
C HIS A 145 -0.62 17.41 27.17
N LYS A 146 -1.36 18.48 26.92
CA LYS A 146 -2.27 18.98 27.95
C LYS A 146 -3.21 17.89 28.42
N ILE A 147 -3.91 17.24 27.49
CA ILE A 147 -4.84 16.19 27.91
C ILE A 147 -4.12 15.17 28.76
N ARG A 148 -2.98 14.69 28.28
CA ARG A 148 -2.20 13.72 29.04
C ARG A 148 -2.01 14.22 30.45
N LYS A 149 -1.42 15.41 30.59
CA LYS A 149 -1.02 15.86 31.92
C LYS A 149 -2.23 16.05 32.82
N GLN A 150 -3.39 16.42 32.26
CA GLN A 150 -4.52 16.60 33.16
C GLN A 150 -5.14 15.26 33.49
N PHE A 151 -5.18 14.36 32.52
CA PHE A 151 -5.80 13.05 32.74
C PHE A 151 -5.17 12.34 33.92
N PHE A 152 -3.84 12.20 33.92
CA PHE A 152 -3.19 11.52 35.04
C PHE A 152 -3.55 12.18 36.35
N HIS A 153 -3.60 13.51 36.38
CA HIS A 153 -3.99 14.19 37.60
C HIS A 153 -5.36 13.74 38.05
N ALA A 154 -6.32 13.72 37.13
CA ALA A 154 -7.66 13.33 37.52
C ALA A 154 -7.70 11.88 37.96
N ILE A 155 -6.86 11.05 37.35
CA ILE A 155 -6.74 9.60 37.69
C ILE A 155 -6.18 9.46 39.13
N MET A 156 -5.22 10.32 39.49
CA MET A 156 -4.54 10.23 40.81
C MET A 156 -5.53 10.41 41.98
N ARG A 157 -6.47 11.35 41.88
CA ARG A 157 -7.40 11.54 42.98
C ARG A 157 -8.66 10.75 42.66
N GLN A 158 -9.04 9.84 43.56
CA GLN A 158 -10.25 9.05 43.32
C GLN A 158 -10.62 8.28 44.58
N GLU A 159 -11.90 8.36 44.95
CA GLU A 159 -12.44 7.56 46.04
C GLU A 159 -11.98 6.12 45.90
N ILE A 160 -11.60 5.51 47.03
CA ILE A 160 -11.03 4.16 46.96
C ILE A 160 -12.09 3.16 46.54
N GLY A 161 -13.33 3.35 47.01
CA GLY A 161 -14.42 2.51 46.54
C GLY A 161 -14.53 2.49 45.03
N TRP A 162 -14.49 3.67 44.40
CA TRP A 162 -14.49 3.73 42.95
C TRP A 162 -13.30 2.98 42.37
N PHE A 163 -12.12 3.16 42.98
CA PHE A 163 -10.94 2.46 42.51
C PHE A 163 -11.15 0.96 42.51
N ASP A 164 -11.99 0.44 43.41
CA ASP A 164 -12.21 -1.00 43.47
C ASP A 164 -12.94 -1.53 42.24
N VAL A 165 -13.66 -0.68 41.53
CA VAL A 165 -14.55 -1.17 40.48
C VAL A 165 -13.80 -1.46 39.19
N HIS A 166 -12.74 -0.71 38.90
CA HIS A 166 -12.01 -0.91 37.65
C HIS A 166 -10.63 -1.50 37.93
N ASP A 167 -10.19 -2.36 37.03
CA ASP A 167 -8.91 -3.04 37.17
C ASP A 167 -7.76 -2.05 37.00
N VAL A 168 -6.65 -2.31 37.68
CA VAL A 168 -5.49 -1.45 37.55
C VAL A 168 -4.86 -1.60 36.16
N GLY A 169 -4.69 -2.84 35.71
CA GLY A 169 -3.99 -3.07 34.46
C GLY A 169 -4.70 -2.46 33.27
N GLU A 170 -6.02 -2.66 33.20
CA GLU A 170 -6.80 -2.11 32.10
C GLU A 170 -6.76 -0.59 32.09
N LEU A 171 -6.93 0.04 33.25
CA LEU A 171 -6.89 1.50 33.33
C LEU A 171 -5.55 2.04 32.88
N ASN A 172 -4.46 1.44 33.36
CA ASN A 172 -3.14 1.88 32.98
C ASN A 172 -2.95 1.79 31.48
N THR A 173 -3.25 0.63 30.89
CA THR A 173 -3.20 0.51 29.44
C THR A 173 -4.07 1.57 28.76
N ARG A 174 -5.21 1.87 29.37
CA ARG A 174 -6.21 2.72 28.75
C ARG A 174 -5.71 4.13 28.59
N LEU A 175 -5.06 4.66 29.62
CA LEU A 175 -4.44 5.97 29.52
C LEU A 175 -3.67 6.12 28.22
N THR A 176 -2.64 5.29 28.07
CA THR A 176 -1.71 5.42 26.96
C THR A 176 -2.38 5.12 25.63
N ASP A 177 -3.19 4.06 25.56
CA ASP A 177 -3.75 3.67 24.26
C ASP A 177 -4.79 4.67 23.78
N ASP A 178 -5.68 5.11 24.67
CA ASP A 178 -6.64 6.13 24.28
C ASP A 178 -5.95 7.42 23.86
N VAL A 179 -4.91 7.83 24.58
CA VAL A 179 -4.27 9.09 24.19
C VAL A 179 -3.61 8.95 22.82
N SER A 180 -3.00 7.80 22.54
CA SER A 180 -2.40 7.62 21.22
C SER A 180 -3.46 7.62 20.13
N LYS A 181 -4.64 7.07 20.40
CA LYS A 181 -5.69 7.07 19.38
C LYS A 181 -6.22 8.48 19.12
N ILE A 182 -6.45 9.24 20.19
CA ILE A 182 -6.87 10.63 20.05
C ILE A 182 -5.86 11.41 19.20
N ASN A 183 -4.58 11.26 19.53
CA ASN A 183 -3.55 12.00 18.80
C ASN A 183 -3.52 11.58 17.34
N GLU A 184 -3.64 10.29 17.06
CA GLU A 184 -3.66 9.85 15.68
C GLU A 184 -4.75 10.57 14.91
N GLY A 185 -5.92 10.73 15.52
CA GLY A 185 -6.94 11.49 14.83
C GLY A 185 -6.52 12.93 14.60
N ILE A 186 -6.45 13.68 15.71
CA ILE A 186 -6.28 15.13 15.70
C ILE A 186 -5.09 15.57 14.87
N GLY A 187 -4.02 14.79 14.86
CA GLY A 187 -2.77 15.25 14.29
C GLY A 187 -2.86 15.64 12.84
N ASP A 188 -3.05 14.65 11.99
CA ASP A 188 -3.03 14.88 10.57
C ASP A 188 -4.27 14.47 9.84
N LYS A 189 -5.16 13.68 10.45
CA LYS A 189 -6.25 13.18 9.63
C LYS A 189 -7.10 14.32 9.13
N ILE A 190 -7.26 15.37 9.93
CA ILE A 190 -8.11 16.48 9.52
C ILE A 190 -7.45 17.26 8.38
N GLY A 191 -6.16 17.54 8.50
CA GLY A 191 -5.46 18.24 7.44
C GLY A 191 -5.48 17.49 6.13
N MET A 192 -5.25 16.18 6.18
CA MET A 192 -5.30 15.37 4.97
C MET A 192 -6.72 15.30 4.41
N PHE A 193 -7.73 15.29 5.25
CA PHE A 193 -9.09 15.37 4.75
C PHE A 193 -9.29 16.64 3.94
N PHE A 194 -8.79 17.77 4.45
CA PHE A 194 -9.01 19.03 3.74
C PHE A 194 -8.21 19.09 2.45
N GLN A 195 -6.99 18.57 2.46
CA GLN A 195 -6.21 18.51 1.23
C GLN A 195 -6.93 17.68 0.17
N SER A 196 -7.44 16.51 0.55
CA SER A 196 -8.18 15.70 -0.41
C SER A 196 -9.39 16.43 -0.95
N MET A 197 -10.10 17.13 -0.06
CA MET A 197 -11.33 17.87 -0.47
C MET A 197 -10.96 18.94 -1.50
N ALA A 198 -9.83 19.62 -1.30
CA ALA A 198 -9.42 20.67 -2.24
C ALA A 198 -8.99 20.07 -3.56
N THR A 199 -8.24 18.97 -3.50
CA THR A 199 -7.72 18.31 -4.72
C THR A 199 -8.91 17.84 -5.57
N PHE A 200 -9.97 17.36 -4.91
CA PHE A 200 -11.14 16.88 -5.62
C PHE A 200 -11.90 18.01 -6.30
N PHE A 201 -12.11 19.12 -5.58
CA PHE A 201 -12.89 20.21 -6.17
C PHE A 201 -12.11 20.94 -7.27
N THR A 202 -10.81 21.17 -7.06
CA THR A 202 -9.99 21.76 -8.11
C THR A 202 -9.98 20.87 -9.33
N GLY A 203 -9.87 19.55 -9.14
CA GLY A 203 -9.93 18.63 -10.25
C GLY A 203 -11.20 18.77 -11.06
N PHE A 204 -12.35 18.74 -10.38
CA PHE A 204 -13.60 18.76 -11.13
C PHE A 204 -13.81 20.11 -11.83
N ILE A 205 -13.38 21.21 -11.21
CA ILE A 205 -13.59 22.51 -11.85
C ILE A 205 -12.70 22.67 -13.08
N VAL A 206 -11.43 22.25 -12.99
CA VAL A 206 -10.56 22.25 -14.16
C VAL A 206 -11.15 21.39 -15.26
N GLY A 207 -11.62 20.20 -14.89
CA GLY A 207 -12.21 19.31 -15.88
C GLY A 207 -13.44 19.89 -16.54
N PHE A 208 -14.18 20.73 -15.82
CA PHE A 208 -15.40 21.30 -16.40
C PHE A 208 -15.11 22.56 -17.19
N THR A 209 -14.01 23.25 -16.92
CA THR A 209 -13.73 24.44 -17.72
C THR A 209 -13.03 24.08 -19.01
N ARG A 210 -12.09 23.12 -18.97
CA ARG A 210 -11.44 22.72 -20.22
C ARG A 210 -12.44 22.12 -21.20
N GLY A 211 -13.03 20.99 -20.84
CA GLY A 211 -14.05 20.39 -21.69
C GLY A 211 -15.12 19.67 -20.91
N TRP A 212 -16.38 20.01 -21.13
CA TRP A 212 -17.42 19.56 -20.21
C TRP A 212 -18.01 18.21 -20.56
N LYS A 213 -17.88 17.75 -21.80
CA LYS A 213 -18.54 16.50 -22.18
C LYS A 213 -17.78 15.29 -21.65
N LEU A 214 -16.47 15.25 -21.90
CA LEU A 214 -15.67 14.16 -21.39
C LEU A 214 -15.71 14.12 -19.87
N THR A 215 -15.79 15.29 -19.22
CA THR A 215 -15.85 15.26 -17.77
C THR A 215 -17.21 14.82 -17.27
N LEU A 216 -18.28 15.08 -18.03
CA LEU A 216 -19.55 14.45 -17.69
C LEU A 216 -19.42 12.94 -17.71
N VAL A 217 -18.88 12.39 -18.81
CA VAL A 217 -18.76 10.93 -18.90
C VAL A 217 -17.96 10.38 -17.73
N ILE A 218 -16.86 11.04 -17.38
CA ILE A 218 -16.07 10.45 -16.30
C ILE A 218 -16.75 10.66 -14.95
N LEU A 219 -17.58 11.70 -14.79
CA LEU A 219 -18.43 11.78 -13.62
C LEU A 219 -19.37 10.59 -13.55
N ALA A 220 -19.86 10.13 -14.70
CA ALA A 220 -20.79 9.01 -14.72
C ALA A 220 -20.18 7.74 -14.16
N ILE A 221 -18.93 7.46 -14.51
CA ILE A 221 -18.24 6.28 -13.99
C ILE A 221 -17.43 6.58 -12.75
N SER A 222 -17.55 7.78 -12.20
CA SER A 222 -16.75 8.20 -11.06
C SER A 222 -17.19 7.60 -9.73
N PRO A 223 -18.48 7.38 -9.46
CA PRO A 223 -18.83 6.80 -8.16
C PRO A 223 -18.13 5.47 -7.90
N VAL A 224 -18.17 4.58 -8.89
CA VAL A 224 -17.53 3.29 -8.80
C VAL A 224 -16.03 3.43 -8.55
N LEU A 225 -15.44 4.52 -9.06
CA LEU A 225 -14.02 4.81 -8.90
C LEU A 225 -13.69 5.31 -7.50
N GLY A 226 -14.49 6.26 -7.00
CA GLY A 226 -14.29 6.74 -5.65
C GLY A 226 -14.49 5.66 -4.61
N LEU A 227 -15.50 4.82 -4.81
CA LEU A 227 -15.74 3.74 -3.86
C LEU A 227 -14.59 2.73 -3.89
N SER A 228 -14.08 2.42 -5.10
CA SER A 228 -12.90 1.58 -5.18
C SER A 228 -11.72 2.18 -4.41
N ALA A 229 -11.51 3.49 -4.56
CA ALA A 229 -10.40 4.13 -3.85
C ALA A 229 -10.57 4.03 -2.33
N ALA A 230 -11.78 4.31 -1.84
CA ALA A 230 -12.03 4.22 -0.40
C ALA A 230 -11.77 2.83 0.12
N VAL A 231 -12.29 1.81 -0.57
CA VAL A 231 -12.11 0.44 -0.12
C VAL A 231 -10.63 0.08 -0.08
N TRP A 232 -9.90 0.45 -1.14
CA TRP A 232 -8.48 0.12 -1.22
C TRP A 232 -7.69 0.79 -0.10
N ALA A 233 -7.96 2.06 0.18
CA ALA A 233 -7.26 2.77 1.25
C ALA A 233 -7.52 2.11 2.60
N LYS A 234 -8.79 1.80 2.87
CA LYS A 234 -9.14 1.15 4.13
C LYS A 234 -8.39 -0.16 4.29
N ILE A 235 -8.31 -0.95 3.22
CA ILE A 235 -7.64 -2.25 3.31
C ILE A 235 -6.18 -2.07 3.67
N LEU A 236 -5.48 -1.19 2.95
CA LEU A 236 -4.06 -1.03 3.24
C LEU A 236 -3.83 -0.55 4.67
N SER A 237 -4.72 0.31 5.18
CA SER A 237 -4.52 0.80 6.55
C SER A 237 -4.84 -0.26 7.60
N SER A 238 -5.80 -1.13 7.35
CA SER A 238 -6.33 -2.02 8.38
C SER A 238 -5.84 -3.48 8.26
N PHE A 239 -5.00 -3.76 7.26
CA PHE A 239 -4.52 -5.12 7.07
C PHE A 239 -3.80 -5.65 8.32
N THR A 240 -3.02 -4.81 8.99
CA THR A 240 -2.31 -5.27 10.19
C THR A 240 -3.26 -5.41 11.37
N ASP A 241 -4.28 -4.57 11.44
CA ASP A 241 -5.21 -4.63 12.57
C ASP A 241 -6.08 -5.88 12.53
N LYS A 242 -6.44 -6.34 11.33
CA LYS A 242 -7.38 -7.47 11.24
C LYS A 242 -6.85 -8.73 11.94
N GLU A 243 -5.54 -8.94 11.91
CA GLU A 243 -4.98 -10.18 12.48
C GLU A 243 -5.21 -10.23 14.00
N LEU A 244 -5.02 -9.09 14.66
CA LEU A 244 -5.18 -9.02 16.10
C LEU A 244 -6.60 -9.36 16.51
N LEU A 245 -7.57 -9.01 15.68
CA LEU A 245 -8.95 -9.35 15.96
C LEU A 245 -9.21 -10.83 15.72
N ALA A 246 -8.60 -11.39 14.67
CA ALA A 246 -8.87 -12.80 14.37
C ALA A 246 -8.39 -13.72 15.49
N TYR A 247 -7.18 -13.50 16.00
CA TYR A 247 -6.54 -14.51 16.86
C TYR A 247 -7.05 -14.53 18.31
N ALA A 248 -7.98 -13.64 18.68
CA ALA A 248 -8.26 -13.39 20.10
C ALA A 248 -8.82 -14.62 20.82
N LYS A 249 -9.72 -15.37 20.19
CA LYS A 249 -10.33 -16.51 20.87
C LYS A 249 -9.28 -17.51 21.30
N ALA A 250 -8.34 -17.84 20.41
CA ALA A 250 -7.22 -18.68 20.79
C ALA A 250 -6.39 -18.01 21.88
N GLY A 251 -6.06 -16.73 21.67
CA GLY A 251 -5.17 -16.06 22.60
C GLY A 251 -5.64 -16.16 24.04
N ALA A 252 -6.96 -16.15 24.24
CA ALA A 252 -7.50 -16.29 25.59
C ALA A 252 -7.08 -17.61 26.23
N VAL A 253 -7.30 -18.72 25.54
CA VAL A 253 -6.96 -20.03 26.11
C VAL A 253 -5.46 -20.14 26.30
N ALA A 254 -4.69 -19.64 25.34
CA ALA A 254 -3.24 -19.63 25.49
C ALA A 254 -2.86 -18.89 26.76
N GLU A 255 -3.50 -17.76 27.04
CA GLU A 255 -3.14 -16.97 28.20
C GLU A 255 -3.54 -17.68 29.49
N GLU A 256 -4.71 -18.30 29.51
CA GLU A 256 -5.11 -19.04 30.70
C GLU A 256 -4.10 -20.13 31.02
N VAL A 257 -3.74 -20.95 30.04
CA VAL A 257 -2.92 -22.11 30.36
C VAL A 257 -1.46 -21.74 30.58
N LEU A 258 -0.98 -20.69 29.89
CA LEU A 258 0.36 -20.22 30.20
C LEU A 258 0.40 -19.55 31.57
N ALA A 259 -0.73 -19.03 32.03
CA ALA A 259 -0.77 -18.46 33.37
C ALA A 259 -0.63 -19.54 34.42
N ALA A 260 -1.49 -20.56 34.35
CA ALA A 260 -1.55 -21.61 35.35
C ALA A 260 -0.72 -22.82 34.94
N ILE A 261 0.57 -22.59 34.74
CA ILE A 261 1.42 -23.63 34.19
C ILE A 261 1.70 -24.71 35.22
N ARG A 262 2.06 -24.30 36.45
CA ARG A 262 2.44 -25.27 37.46
C ARG A 262 1.28 -26.24 37.76
N THR A 263 0.06 -25.72 37.82
CA THR A 263 -1.11 -26.55 38.02
C THR A 263 -1.28 -27.57 36.88
N VAL A 264 -1.45 -27.08 35.65
CA VAL A 264 -1.70 -27.99 34.53
C VAL A 264 -0.59 -29.03 34.44
N ILE A 265 0.66 -28.63 34.76
CA ILE A 265 1.73 -29.61 34.73
C ILE A 265 1.50 -30.66 35.79
N ALA A 266 1.01 -30.25 36.96
CA ALA A 266 0.73 -31.22 38.00
C ALA A 266 -0.35 -32.21 37.57
N PHE A 267 -1.24 -31.80 36.67
CA PHE A 267 -2.34 -32.69 36.31
C PHE A 267 -2.10 -33.49 35.03
N GLY A 268 -0.95 -33.35 34.38
CA GLY A 268 -0.69 -34.12 33.18
C GLY A 268 -1.57 -33.76 31.99
N GLY A 269 -2.53 -32.87 32.16
CA GLY A 269 -3.43 -32.55 31.09
C GLY A 269 -2.90 -31.48 30.15
N GLN A 270 -1.65 -31.63 29.74
CA GLN A 270 -1.09 -30.74 28.74
C GLN A 270 -1.63 -31.08 27.35
N LYS A 271 -1.78 -32.37 27.06
CA LYS A 271 -2.21 -32.82 25.74
C LYS A 271 -3.61 -32.31 25.39
N LYS A 272 -4.55 -32.49 26.32
CA LYS A 272 -5.93 -32.03 26.09
C LYS A 272 -5.99 -30.53 25.87
N GLU A 273 -5.22 -29.79 26.65
CA GLU A 273 -5.17 -28.34 26.48
C GLU A 273 -4.63 -27.97 25.11
N LEU A 274 -3.57 -28.64 24.69
CA LEU A 274 -3.02 -28.44 23.35
C LEU A 274 -4.08 -28.70 22.29
N GLU A 275 -4.94 -29.70 22.50
CA GLU A 275 -6.03 -29.94 21.56
C GLU A 275 -6.94 -28.73 21.44
N ARG A 276 -7.38 -28.19 22.59
CA ARG A 276 -8.23 -26.99 22.52
C ARG A 276 -7.53 -25.87 21.75
N TYR A 277 -6.25 -25.65 22.04
CA TYR A 277 -5.54 -24.57 21.34
C TYR A 277 -5.50 -24.83 19.84
N ASN A 278 -5.30 -26.09 19.44
CA ASN A 278 -5.30 -26.41 18.01
C ASN A 278 -6.64 -26.06 17.37
N LYS A 279 -7.74 -26.37 18.06
CA LYS A 279 -9.05 -26.01 17.51
C LYS A 279 -9.16 -24.51 17.26
N ASN A 280 -8.80 -23.72 18.28
CA ASN A 280 -8.89 -22.27 18.10
C ASN A 280 -7.95 -21.77 17.00
N LEU A 281 -6.82 -22.45 16.81
CA LEU A 281 -5.92 -22.08 15.72
C LEU A 281 -6.54 -22.37 14.36
N GLU A 282 -7.18 -23.52 14.20
CA GLU A 282 -7.86 -23.80 12.94
C GLU A 282 -8.88 -22.72 12.62
N GLU A 283 -9.65 -22.31 13.62
CA GLU A 283 -10.61 -21.23 13.37
C GLU A 283 -9.89 -19.94 12.96
N ALA A 284 -8.80 -19.60 13.64
CA ALA A 284 -8.08 -18.37 13.29
C ALA A 284 -7.51 -18.43 11.88
N LYS A 285 -6.99 -19.60 11.48
CA LYS A 285 -6.46 -19.77 10.13
C LYS A 285 -7.57 -19.60 9.10
N ARG A 286 -8.75 -20.18 9.35
CA ARG A 286 -9.83 -20.05 8.37
C ARG A 286 -10.27 -18.60 8.23
N ILE A 287 -10.35 -17.87 9.35
CA ILE A 287 -10.72 -16.47 9.28
C ILE A 287 -9.68 -15.67 8.49
N GLY A 288 -8.40 -15.89 8.79
CA GLY A 288 -7.36 -15.14 8.10
C GLY A 288 -7.32 -15.43 6.61
N ILE A 289 -7.56 -16.68 6.23
CA ILE A 289 -7.55 -17.04 4.81
C ILE A 289 -8.73 -16.40 4.08
N LYS A 290 -9.93 -16.45 4.67
CA LYS A 290 -11.06 -15.77 4.05
C LYS A 290 -10.79 -14.28 3.89
N LYS A 291 -10.17 -13.66 4.90
CA LYS A 291 -9.91 -12.22 4.81
C LYS A 291 -8.88 -11.93 3.72
N ALA A 292 -7.91 -12.82 3.52
CA ALA A 292 -6.95 -12.62 2.45
C ALA A 292 -7.62 -12.71 1.08
N ILE A 293 -8.49 -13.71 0.91
CA ILE A 293 -9.22 -13.81 -0.36
C ILE A 293 -10.00 -12.53 -0.62
N THR A 294 -10.62 -11.96 0.41
CA THR A 294 -11.49 -10.82 0.15
C THR A 294 -10.70 -9.56 -0.13
N ALA A 295 -9.66 -9.30 0.66
CA ALA A 295 -8.81 -8.14 0.39
C ALA A 295 -8.27 -8.19 -1.03
N ASN A 296 -7.80 -9.37 -1.47
CA ASN A 296 -7.18 -9.40 -2.78
C ASN A 296 -8.19 -9.37 -3.93
N ILE A 297 -9.38 -9.96 -3.76
CA ILE A 297 -10.37 -9.80 -4.83
C ILE A 297 -10.78 -8.35 -4.96
N SER A 298 -10.81 -7.61 -3.85
CA SER A 298 -11.21 -6.21 -3.94
C SER A 298 -10.13 -5.37 -4.61
N ILE A 299 -8.86 -5.59 -4.26
CA ILE A 299 -7.79 -4.83 -4.92
C ILE A 299 -7.72 -5.17 -6.41
N GLY A 300 -7.86 -6.45 -6.74
CA GLY A 300 -7.90 -6.83 -8.14
C GLY A 300 -9.02 -6.13 -8.89
N ALA A 301 -10.21 -6.06 -8.30
CA ALA A 301 -11.31 -5.40 -8.99
C ALA A 301 -11.07 -3.91 -9.11
N ALA A 302 -10.43 -3.29 -8.11
CA ALA A 302 -10.12 -1.87 -8.22
C ALA A 302 -9.19 -1.60 -9.41
N PHE A 303 -8.16 -2.42 -9.56
CA PHE A 303 -7.26 -2.24 -10.71
C PHE A 303 -8.00 -2.47 -12.02
N LEU A 304 -8.83 -3.52 -12.09
CA LEU A 304 -9.57 -3.77 -13.32
C LEU A 304 -10.45 -2.57 -13.66
N LEU A 305 -11.05 -1.94 -12.65
CA LEU A 305 -11.90 -0.79 -12.91
C LEU A 305 -11.09 0.40 -13.41
N ILE A 306 -9.89 0.62 -12.85
CA ILE A 306 -9.07 1.73 -13.32
C ILE A 306 -8.69 1.54 -14.78
N TYR A 307 -8.27 0.33 -15.15
CA TYR A 307 -7.91 0.09 -16.53
C TYR A 307 -9.11 0.18 -17.46
N ALA A 308 -10.28 -0.27 -17.04
CA ALA A 308 -11.44 -0.10 -17.89
C ALA A 308 -11.81 1.37 -18.03
N SER A 309 -11.54 2.18 -17.02
CA SER A 309 -11.78 3.61 -17.15
C SER A 309 -10.82 4.25 -18.16
N TYR A 310 -9.56 3.86 -18.13
CA TYR A 310 -8.63 4.33 -19.15
C TYR A 310 -9.11 3.94 -20.54
N ALA A 311 -9.58 2.71 -20.70
CA ALA A 311 -10.05 2.27 -22.02
C ALA A 311 -11.27 3.05 -22.48
N LEU A 312 -12.24 3.28 -21.59
CA LEU A 312 -13.41 4.06 -21.97
C LEU A 312 -13.03 5.49 -22.33
N ALA A 313 -12.20 6.12 -21.50
CA ALA A 313 -11.88 7.52 -21.72
C ALA A 313 -11.12 7.71 -23.01
N PHE A 314 -10.19 6.80 -23.34
CA PHE A 314 -9.48 7.00 -24.59
C PHE A 314 -10.30 6.61 -25.80
N TRP A 315 -11.21 5.64 -25.70
CA TRP A 315 -12.11 5.39 -26.83
C TRP A 315 -12.94 6.64 -27.13
N TYR A 316 -13.58 7.19 -26.10
CA TYR A 316 -14.38 8.37 -26.35
C TYR A 316 -13.53 9.57 -26.73
N GLY A 317 -12.33 9.67 -26.17
CA GLY A 317 -11.44 10.76 -26.52
C GLY A 317 -11.01 10.72 -27.97
N THR A 318 -10.83 9.52 -28.52
CA THR A 318 -10.52 9.49 -29.94
C THR A 318 -11.73 9.85 -30.78
N THR A 319 -12.92 9.41 -30.38
CA THR A 319 -14.10 9.86 -31.15
C THR A 319 -14.18 11.38 -31.18
N LEU A 320 -13.88 12.02 -30.05
CA LEU A 320 -13.95 13.48 -30.01
C LEU A 320 -12.85 14.11 -30.85
N VAL A 321 -11.59 13.73 -30.61
CA VAL A 321 -10.49 14.36 -31.32
C VAL A 321 -10.65 14.21 -32.82
N LEU A 322 -11.01 13.02 -33.29
CA LEU A 322 -11.21 12.85 -34.73
C LEU A 322 -12.44 13.59 -35.22
N SER A 323 -13.42 13.83 -34.35
CA SER A 323 -14.53 14.67 -34.78
C SER A 323 -14.13 16.12 -34.94
N GLY A 324 -13.00 16.53 -34.37
CA GLY A 324 -12.56 17.91 -34.45
C GLY A 324 -12.89 18.78 -33.25
N GLU A 325 -13.55 18.24 -32.23
CA GLU A 325 -13.98 19.06 -31.12
C GLU A 325 -12.82 19.36 -30.17
N TYR A 326 -12.11 18.32 -29.71
CA TYR A 326 -11.12 18.46 -28.66
C TYR A 326 -9.74 18.10 -29.17
N SER A 327 -8.73 18.83 -28.74
CA SER A 327 -7.36 18.45 -29.05
C SER A 327 -6.90 17.33 -28.13
N ILE A 328 -5.74 16.75 -28.44
CA ILE A 328 -5.31 15.57 -27.67
C ILE A 328 -4.86 15.99 -26.28
N GLY A 329 -4.15 17.11 -26.17
CA GLY A 329 -3.76 17.59 -24.86
C GLY A 329 -4.96 17.95 -23.99
N GLN A 330 -6.06 18.35 -24.61
CA GLN A 330 -7.25 18.70 -23.84
C GLN A 330 -7.94 17.46 -23.28
N VAL A 331 -7.98 16.39 -24.05
CA VAL A 331 -8.46 15.12 -23.53
C VAL A 331 -7.58 14.67 -22.36
N LEU A 332 -6.27 14.85 -22.49
CA LEU A 332 -5.40 14.47 -21.38
C LEU A 332 -5.68 15.30 -20.14
N THR A 333 -5.79 16.62 -20.30
CA THR A 333 -6.11 17.49 -19.19
C THR A 333 -7.37 17.03 -18.48
N VAL A 334 -8.47 16.95 -19.21
CA VAL A 334 -9.75 16.62 -18.59
C VAL A 334 -9.69 15.27 -17.91
N PHE A 335 -9.24 14.24 -18.63
CA PHE A 335 -9.27 12.90 -18.06
C PHE A 335 -8.45 12.83 -16.79
N PHE A 336 -7.23 13.36 -16.79
CA PHE A 336 -6.40 13.17 -15.61
C PHE A 336 -6.88 14.01 -14.44
N SER A 337 -7.28 15.26 -14.68
CA SER A 337 -7.83 16.06 -13.60
C SER A 337 -8.99 15.33 -12.94
N VAL A 338 -9.91 14.77 -13.72
CA VAL A 338 -11.10 14.17 -13.11
C VAL A 338 -10.76 12.84 -12.44
N LEU A 339 -9.90 12.02 -13.04
CA LEU A 339 -9.53 10.77 -12.41
C LEU A 339 -8.87 11.01 -11.05
N ILE A 340 -7.91 11.93 -11.00
CA ILE A 340 -7.22 12.18 -9.74
C ILE A 340 -8.15 12.83 -8.73
N GLY A 341 -9.04 13.72 -9.20
CA GLY A 341 -10.01 14.30 -8.29
C GLY A 341 -10.96 13.27 -7.72
N ALA A 342 -11.21 12.18 -8.44
CA ALA A 342 -12.11 11.17 -7.92
C ALA A 342 -11.39 10.09 -7.12
N PHE A 343 -10.07 10.01 -7.21
CA PHE A 343 -9.35 9.15 -6.29
C PHE A 343 -9.13 9.80 -4.94
N SER A 344 -8.98 11.13 -4.93
CA SER A 344 -8.76 11.87 -3.67
C SER A 344 -9.87 11.58 -2.65
N VAL A 345 -11.12 11.40 -3.13
CA VAL A 345 -12.28 11.13 -2.23
C VAL A 345 -12.01 9.88 -1.39
N GLY A 346 -11.39 8.86 -1.99
CA GLY A 346 -11.08 7.60 -1.29
C GLY A 346 -10.17 7.80 -0.09
N GLN A 347 -9.20 8.71 -0.19
CA GLN A 347 -8.24 8.96 0.93
C GLN A 347 -8.95 9.58 2.14
N ALA A 348 -10.02 10.34 1.90
CA ALA A 348 -10.78 11.02 2.98
C ALA A 348 -11.29 10.02 4.04
N SER A 349 -11.70 8.82 3.63
CA SER A 349 -12.32 7.82 4.55
C SER A 349 -11.42 7.44 5.73
N PRO A 350 -10.11 7.16 5.56
CA PRO A 350 -9.25 6.82 6.70
C PRO A 350 -9.26 7.97 7.71
N SER A 351 -9.22 9.21 7.22
CA SER A 351 -9.29 10.44 8.04
C SER A 351 -10.65 10.55 8.78
N ILE A 352 -11.76 10.31 8.08
CA ILE A 352 -13.10 10.41 8.74
C ILE A 352 -13.24 9.30 9.78
N GLU A 353 -12.79 8.09 9.46
CA GLU A 353 -12.87 6.93 10.40
C GLU A 353 -12.01 7.23 11.63
N ALA A 354 -10.81 7.81 11.41
CA ALA A 354 -9.88 8.14 12.51
C ALA A 354 -10.54 9.15 13.46
N PHE A 355 -11.25 10.14 12.91
CA PHE A 355 -11.90 11.15 13.72
C PHE A 355 -13.00 10.54 14.58
N ALA A 356 -13.79 9.63 14.01
CA ALA A 356 -14.80 8.95 14.81
C ALA A 356 -14.17 8.21 15.98
N ASN A 357 -13.07 7.51 15.73
CA ASN A 357 -12.38 6.81 16.81
C ASN A 357 -11.92 7.78 17.90
N ALA A 358 -11.30 8.88 17.50
CA ALA A 358 -10.89 9.88 18.48
C ALA A 358 -12.08 10.31 19.33
N ARG A 359 -13.22 10.60 18.70
CA ARG A 359 -14.39 11.01 19.47
C ARG A 359 -14.79 9.95 20.49
N GLY A 360 -14.76 8.70 20.06
CA GLY A 360 -15.11 7.61 20.96
C GLY A 360 -14.25 7.59 22.20
N ALA A 361 -12.93 7.50 22.02
CA ALA A 361 -12.05 7.42 23.18
C ALA A 361 -12.13 8.70 24.02
N ALA A 362 -12.35 9.83 23.38
CA ALA A 362 -12.43 11.09 24.11
C ALA A 362 -13.57 11.06 25.10
N TYR A 363 -14.73 10.52 24.70
CA TYR A 363 -15.85 10.50 25.65
C TYR A 363 -15.48 9.76 26.92
N GLU A 364 -14.85 8.59 26.79
CA GLU A 364 -14.57 7.79 27.96
C GLU A 364 -13.45 8.37 28.81
N ILE A 365 -12.54 9.16 28.22
CA ILE A 365 -11.51 9.80 29.05
C ILE A 365 -12.06 11.03 29.75
N PHE A 366 -12.85 11.83 29.04
CA PHE A 366 -13.42 13.02 29.66
C PHE A 366 -14.46 12.68 30.71
N LYS A 367 -15.03 11.47 30.68
CA LYS A 367 -15.87 11.07 31.81
C LYS A 367 -15.04 10.95 33.08
N ILE A 368 -13.92 10.23 33.01
CA ILE A 368 -13.05 10.07 34.18
C ILE A 368 -12.56 11.43 34.68
N ILE A 369 -12.25 12.34 33.75
CA ILE A 369 -11.86 13.69 34.17
C ILE A 369 -13.01 14.38 34.90
N ASP A 370 -14.15 14.50 34.23
CA ASP A 370 -15.31 15.19 34.79
C ASP A 370 -15.86 14.51 36.03
N ASN A 371 -15.72 13.19 36.13
CA ASN A 371 -16.32 12.44 37.24
C ASN A 371 -15.86 13.01 38.57
N LYS A 372 -16.81 13.53 39.34
CA LYS A 372 -16.50 14.12 40.64
C LYS A 372 -16.84 13.16 41.78
N PRO A 373 -15.81 12.63 42.46
CA PRO A 373 -15.99 11.69 43.58
C PRO A 373 -16.63 12.36 44.78
N SER A 374 -17.30 11.56 45.62
CA SER A 374 -17.95 12.09 46.81
C SER A 374 -16.92 12.64 47.79
N ILE A 375 -15.78 11.95 47.89
CA ILE A 375 -14.71 12.38 48.78
C ILE A 375 -13.48 12.76 47.98
N ASP A 376 -13.10 14.04 48.04
CA ASP A 376 -11.95 14.54 47.31
C ASP A 376 -10.68 14.51 48.16
N SER A 377 -9.54 14.34 47.50
CA SER A 377 -8.25 14.29 48.19
C SER A 377 -7.74 15.68 48.55
N TYR A 378 -8.07 16.67 47.72
CA TYR A 378 -7.63 18.06 47.97
C TYR A 378 -8.87 18.94 48.19
N SER A 379 -8.96 19.59 49.34
CA SER A 379 -10.10 20.51 49.63
C SER A 379 -9.59 21.84 50.19
N LYS A 380 -9.97 22.95 49.58
CA LYS A 380 -9.58 24.30 50.09
C LYS A 380 -10.61 24.75 51.14
N SER A 381 -11.81 24.17 51.07
CA SER A 381 -12.93 24.52 51.98
C SER A 381 -12.90 23.66 53.24
N GLY A 382 -12.06 22.63 53.26
CA GLY A 382 -11.98 21.77 54.45
C GLY A 382 -11.52 22.62 55.62
N HIS A 383 -12.20 22.50 56.78
CA HIS A 383 -11.79 23.32 57.94
C HIS A 383 -10.63 22.63 58.67
N LYS A 384 -9.52 23.33 58.84
CA LYS A 384 -8.32 22.75 59.51
C LYS A 384 -8.29 23.17 60.98
N PRO A 385 -8.11 22.22 61.94
CA PRO A 385 -8.05 22.55 63.36
C PRO A 385 -6.66 23.09 63.74
N ASP A 386 -6.55 23.68 64.93
CA ASP A 386 -5.25 24.24 65.40
C ASP A 386 -4.76 23.46 66.62
N ASN A 387 -5.56 23.46 67.70
CA ASN A 387 -5.19 22.75 68.93
C ASN A 387 -5.60 21.30 68.79
N ILE A 388 -4.80 20.55 68.04
CA ILE A 388 -5.12 19.17 67.70
C ILE A 388 -4.77 18.29 68.90
N LYS A 389 -5.79 17.81 69.59
CA LYS A 389 -5.65 16.93 70.74
C LYS A 389 -6.26 15.58 70.41
N GLY A 390 -5.53 14.52 70.75
CA GLY A 390 -5.96 13.17 70.40
C GLY A 390 -7.22 12.71 71.09
N ASN A 391 -8.32 12.61 70.35
CA ASN A 391 -9.59 12.15 70.87
C ASN A 391 -10.38 11.49 69.74
N LEU A 392 -10.79 10.24 69.96
CA LEU A 392 -11.51 9.47 68.96
C LEU A 392 -12.94 9.21 69.41
N GLU A 393 -13.92 9.51 68.54
CA GLU A 393 -15.34 9.29 68.84
C GLU A 393 -15.98 8.56 67.66
N PHE A 394 -16.45 7.34 67.91
CA PHE A 394 -17.23 6.58 66.94
C PHE A 394 -18.56 6.21 67.60
N ARG A 395 -19.66 6.46 66.91
CA ARG A 395 -20.98 6.14 67.45
C ARG A 395 -21.91 5.71 66.33
N ASN A 396 -22.45 4.49 66.46
CA ASN A 396 -23.43 3.92 65.53
C ASN A 396 -22.88 3.88 64.10
N VAL A 397 -21.67 3.35 63.95
CA VAL A 397 -20.96 3.40 62.68
C VAL A 397 -21.27 2.13 61.89
N HIS A 398 -22.10 2.27 60.85
CA HIS A 398 -22.40 1.19 59.91
C HIS A 398 -21.84 1.55 58.55
N PHE A 399 -21.13 0.60 57.94
CA PHE A 399 -20.48 0.84 56.67
C PHE A 399 -20.28 -0.50 55.97
N SER A 400 -20.40 -0.49 54.64
CA SER A 400 -20.19 -1.68 53.83
C SER A 400 -19.39 -1.31 52.58
N TYR A 401 -18.55 -2.23 52.14
CA TYR A 401 -17.74 -2.01 50.95
C TYR A 401 -18.63 -1.90 49.72
N PRO A 402 -18.49 -0.86 48.90
CA PRO A 402 -19.30 -0.76 47.69
C PRO A 402 -18.90 -1.75 46.61
N SER A 403 -17.80 -2.49 46.80
CA SER A 403 -17.47 -3.55 45.85
C SER A 403 -18.43 -4.72 45.99
N ARG A 404 -18.75 -5.09 47.23
CA ARG A 404 -19.78 -6.09 47.55
C ARG A 404 -20.70 -5.49 48.60
N LYS A 405 -21.71 -4.75 48.16
CA LYS A 405 -22.59 -4.05 49.08
C LYS A 405 -23.69 -4.95 49.64
N GLU A 406 -23.88 -6.14 49.07
CA GLU A 406 -24.92 -7.05 49.57
C GLU A 406 -24.57 -7.58 50.96
N VAL A 407 -23.29 -7.76 51.26
CA VAL A 407 -22.85 -8.26 52.56
C VAL A 407 -22.54 -7.08 53.46
N LYS A 408 -23.02 -7.14 54.70
CA LYS A 408 -22.74 -6.13 55.72
C LYS A 408 -21.78 -6.72 56.74
N ILE A 409 -20.53 -6.24 56.72
CA ILE A 409 -19.55 -6.71 57.68
C ILE A 409 -19.73 -6.02 59.03
N LEU A 410 -20.06 -4.73 59.01
CA LEU A 410 -20.19 -3.93 60.22
C LEU A 410 -21.66 -3.71 60.55
N LYS A 411 -22.01 -3.90 61.82
CA LYS A 411 -23.35 -3.63 62.32
C LYS A 411 -23.25 -2.73 63.56
N GLY A 412 -22.50 -1.64 63.41
CA GLY A 412 -22.41 -0.64 64.45
C GLY A 412 -21.30 -0.87 65.45
N LEU A 413 -20.40 0.10 65.57
CA LEU A 413 -19.35 0.08 66.58
C LEU A 413 -19.28 1.45 67.24
N ASN A 414 -19.19 1.46 68.57
CA ASN A 414 -19.12 2.68 69.36
C ASN A 414 -17.86 2.64 70.21
N LEU A 415 -17.02 3.67 70.06
CA LEU A 415 -15.75 3.75 70.77
C LEU A 415 -15.48 5.19 71.17
N LYS A 416 -14.80 5.34 72.30
CA LYS A 416 -14.30 6.64 72.74
C LYS A 416 -12.88 6.42 73.26
N VAL A 417 -11.90 7.02 72.59
CA VAL A 417 -10.50 6.82 72.93
C VAL A 417 -9.88 8.16 73.30
N GLN A 418 -9.29 8.21 74.49
CA GLN A 418 -8.61 9.39 75.00
C GLN A 418 -7.19 9.49 74.45
N SER A 419 -6.49 10.55 74.85
CA SER A 419 -5.12 10.76 74.43
C SER A 419 -4.18 9.82 75.17
N GLY A 420 -3.09 9.43 74.50
CA GLY A 420 -2.11 8.54 75.07
C GLY A 420 -2.63 7.16 75.39
N GLN A 421 -3.79 6.77 74.86
CA GLN A 421 -4.41 5.50 75.19
C GLN A 421 -4.09 4.48 74.10
N THR A 422 -3.17 3.57 74.41
CA THR A 422 -2.83 2.48 73.50
C THR A 422 -3.97 1.47 73.51
N VAL A 423 -4.76 1.47 72.43
CA VAL A 423 -5.90 0.58 72.28
C VAL A 423 -5.53 -0.54 71.30
N ALA A 424 -5.64 -1.78 71.76
CA ALA A 424 -5.46 -2.95 70.91
C ALA A 424 -6.81 -3.60 70.67
N LEU A 425 -6.97 -4.19 69.49
CA LEU A 425 -8.20 -4.89 69.12
C LEU A 425 -7.85 -6.31 68.69
N VAL A 426 -8.50 -7.30 69.32
CA VAL A 426 -8.22 -8.70 69.08
C VAL A 426 -9.45 -9.36 68.50
N GLY A 427 -9.22 -10.35 67.63
CA GLY A 427 -10.29 -11.03 66.95
C GLY A 427 -9.76 -11.75 65.73
N ASN A 428 -10.52 -12.75 65.29
CA ASN A 428 -10.10 -13.57 64.17
C ASN A 428 -10.20 -12.78 62.87
N SER A 429 -9.47 -13.24 61.86
CA SER A 429 -9.43 -12.57 60.57
C SER A 429 -10.78 -12.69 59.88
N GLY A 430 -11.49 -11.57 59.75
CA GLY A 430 -12.81 -11.58 59.16
C GLY A 430 -13.76 -10.60 59.84
N CYS A 431 -13.32 -10.01 60.94
CA CYS A 431 -14.13 -9.02 61.62
C CYS A 431 -13.84 -7.61 61.12
N GLY A 432 -12.67 -7.39 60.55
CA GLY A 432 -12.38 -6.09 59.95
C GLY A 432 -11.62 -5.12 60.82
N LYS A 433 -10.49 -5.55 61.37
CA LYS A 433 -9.53 -4.59 61.93
C LYS A 433 -9.02 -3.65 60.84
N SER A 434 -8.58 -4.22 59.72
CA SER A 434 -8.18 -3.43 58.57
C SER A 434 -9.32 -2.55 58.08
N THR A 435 -10.56 -3.03 58.21
CA THR A 435 -11.70 -2.20 57.83
C THR A 435 -11.80 -0.96 58.71
N THR A 436 -11.58 -1.12 60.02
CA THR A 436 -11.61 0.04 60.90
C THR A 436 -10.44 0.98 60.60
N VAL A 437 -9.26 0.42 60.32
CA VAL A 437 -8.11 1.25 59.97
C VAL A 437 -8.41 2.09 58.72
N GLN A 438 -8.98 1.46 57.70
CA GLN A 438 -9.31 2.20 56.49
C GLN A 438 -10.47 3.17 56.70
N LEU A 439 -11.37 2.86 57.65
CA LEU A 439 -12.41 3.81 58.00
C LEU A 439 -11.86 5.03 58.73
N MET A 440 -10.71 4.89 59.38
CA MET A 440 -10.20 6.00 60.20
C MET A 440 -9.71 7.15 59.32
N GLN A 441 -8.91 6.84 58.31
CA GLN A 441 -8.28 7.85 57.47
C GLN A 441 -9.24 8.49 56.47
N ARG A 442 -10.54 8.26 56.62
CA ARG A 442 -11.56 8.73 55.69
C ARG A 442 -11.25 8.28 54.26
N LEU A 443 -10.85 7.02 54.11
CA LEU A 443 -10.80 6.42 52.78
C LEU A 443 -12.20 6.16 52.24
N TYR A 444 -13.20 6.14 53.10
CA TYR A 444 -14.60 6.02 52.73
C TYR A 444 -15.40 6.91 53.67
N ASP A 445 -16.71 6.73 53.68
CA ASP A 445 -17.57 7.35 54.66
C ASP A 445 -18.55 6.32 55.19
N PRO A 446 -18.86 6.36 56.48
CA PRO A 446 -19.83 5.40 57.04
C PRO A 446 -21.26 5.75 56.65
N THR A 447 -22.04 4.71 56.37
CA THR A 447 -23.42 4.91 55.91
C THR A 447 -24.36 5.31 57.05
N GLU A 448 -24.04 5.00 58.29
CA GLU A 448 -24.87 5.34 59.44
C GLU A 448 -24.03 5.96 60.53
N GLY A 449 -24.62 6.92 61.25
CA GLY A 449 -23.95 7.55 62.35
C GLY A 449 -23.02 8.67 61.93
N MET A 450 -22.22 9.10 62.90
CA MET A 450 -21.28 10.20 62.71
C MET A 450 -20.02 9.92 63.52
N VAL A 451 -18.86 10.06 62.88
CA VAL A 451 -17.59 9.92 63.56
C VAL A 451 -17.02 11.31 63.80
N SER A 452 -16.21 11.44 64.85
CA SER A 452 -15.68 12.73 65.25
C SER A 452 -14.29 12.55 65.85
N VAL A 453 -13.46 13.58 65.68
CA VAL A 453 -12.13 13.63 66.28
C VAL A 453 -12.05 14.91 67.08
N ASP A 454 -12.06 14.79 68.41
CA ASP A 454 -11.97 15.90 69.35
C ASP A 454 -13.10 16.90 69.13
N GLY A 455 -14.31 16.42 69.40
CA GLY A 455 -15.49 17.26 69.39
C GLY A 455 -16.24 17.29 68.06
N GLN A 456 -15.66 17.93 67.05
CA GLN A 456 -16.35 18.12 65.79
C GLN A 456 -16.08 16.96 64.85
N ASP A 457 -17.03 16.74 63.94
CA ASP A 457 -17.01 15.60 63.04
C ASP A 457 -16.05 15.81 61.88
N ILE A 458 -15.75 14.70 61.18
CA ILE A 458 -14.87 14.77 60.02
C ILE A 458 -15.60 15.36 58.82
N ARG A 459 -16.93 15.27 58.80
CA ARG A 459 -17.72 15.62 57.63
C ARG A 459 -17.76 17.11 57.31
N THR A 460 -17.05 17.96 58.06
CA THR A 460 -17.01 19.38 57.75
C THR A 460 -15.59 19.95 57.81
N ILE A 461 -14.58 19.11 57.87
CA ILE A 461 -13.21 19.54 58.10
C ILE A 461 -12.33 18.96 56.99
N ASN A 462 -11.21 19.65 56.72
CA ASN A 462 -10.37 19.33 55.57
C ASN A 462 -9.82 17.90 55.64
N VAL A 463 -9.67 17.27 54.47
CA VAL A 463 -9.29 15.87 54.39
C VAL A 463 -7.77 15.71 54.37
N ARG A 464 -7.09 16.59 53.65
CA ARG A 464 -5.63 16.49 53.53
C ARG A 464 -4.95 16.84 54.85
N PHE A 465 -5.42 17.89 55.52
CA PHE A 465 -4.87 18.24 56.83
C PHE A 465 -5.09 17.12 57.84
N LEU A 466 -6.22 16.41 57.74
CA LEU A 466 -6.45 15.28 58.62
C LEU A 466 -5.59 14.09 58.22
N ARG A 467 -5.34 13.91 56.93
CA ARG A 467 -4.57 12.76 56.47
C ARG A 467 -3.09 12.89 56.79
N GLU A 468 -2.56 14.10 56.85
CA GLU A 468 -1.14 14.27 57.15
C GLU A 468 -0.82 13.97 58.60
N ILE A 469 -1.79 14.12 59.50
CA ILE A 469 -1.56 14.05 60.93
C ILE A 469 -1.98 12.71 61.52
N ILE A 470 -2.10 11.68 60.71
CA ILE A 470 -2.40 10.33 61.18
C ILE A 470 -1.37 9.41 60.55
N GLY A 471 -0.33 9.08 61.30
CA GLY A 471 0.69 8.18 60.79
C GLY A 471 0.23 6.74 60.84
N VAL A 472 0.07 6.10 59.68
CA VAL A 472 -0.46 4.75 59.60
C VAL A 472 0.52 3.86 58.87
N VAL A 473 0.77 2.68 59.42
CA VAL A 473 1.45 1.60 58.73
C VAL A 473 0.45 0.50 58.46
N SER A 474 0.31 0.09 57.21
CA SER A 474 -0.68 -0.90 56.82
C SER A 474 -0.09 -2.31 57.00
N GLN A 475 -0.82 -3.31 56.51
CA GLN A 475 -0.40 -4.69 56.71
C GLN A 475 0.92 -4.99 56.02
N GLU A 476 1.05 -4.63 54.74
CA GLU A 476 2.23 -4.97 53.98
C GLU A 476 3.00 -3.73 53.60
N PRO A 477 4.28 -3.64 53.95
CA PRO A 477 5.12 -2.56 53.42
C PRO A 477 5.79 -2.97 52.14
N VAL A 478 6.11 -2.00 51.29
CA VAL A 478 6.77 -2.23 50.01
C VAL A 478 7.71 -1.07 49.76
N LEU A 479 9.00 -1.38 49.57
CA LEU A 479 9.98 -0.33 49.37
C LEU A 479 9.89 0.21 47.95
N PHE A 480 9.88 1.53 47.82
CA PHE A 480 9.82 2.16 46.52
C PHE A 480 11.13 2.02 45.78
N ALA A 481 11.12 2.37 44.49
CA ALA A 481 12.34 2.22 43.70
C ALA A 481 13.32 3.35 43.98
N THR A 482 12.81 4.52 44.37
CA THR A 482 13.69 5.65 44.63
C THR A 482 14.63 5.33 45.79
N THR A 483 15.71 6.12 45.89
CA THR A 483 16.73 5.88 46.90
C THR A 483 16.12 5.93 48.30
N ILE A 484 16.75 5.19 49.21
CA ILE A 484 16.23 5.06 50.57
C ILE A 484 16.12 6.44 51.24
N ALA A 485 17.08 7.32 50.96
CA ALA A 485 16.95 8.70 51.43
C ALA A 485 15.63 9.31 50.98
N GLU A 486 15.29 9.13 49.69
CA GLU A 486 14.02 9.64 49.18
C GLU A 486 12.83 8.92 49.79
N ASN A 487 12.94 7.62 50.05
CA ASN A 487 11.83 6.87 50.61
C ASN A 487 11.52 7.35 52.02
N ILE A 488 12.53 7.43 52.88
CA ILE A 488 12.36 7.97 54.21
C ILE A 488 11.98 9.45 54.16
N ARG A 489 12.35 10.16 53.10
CA ARG A 489 11.95 11.55 52.95
C ARG A 489 10.50 11.69 52.51
N TYR A 490 9.92 10.64 51.96
CA TYR A 490 8.54 10.68 51.47
C TYR A 490 7.51 10.99 52.55
N GLY A 491 7.93 11.07 53.82
CA GLY A 491 7.00 11.47 54.86
C GLY A 491 6.56 12.91 54.72
N ARG A 492 7.52 13.84 54.78
CA ARG A 492 7.21 15.25 54.67
C ARG A 492 8.29 15.95 53.86
N GLU A 493 8.00 17.19 53.48
CA GLU A 493 8.78 17.88 52.46
C GLU A 493 10.20 18.20 52.94
N ASN A 494 10.33 18.98 54.03
CA ASN A 494 11.60 19.55 54.44
C ASN A 494 12.13 18.80 55.66
N VAL A 495 12.84 17.71 55.38
CA VAL A 495 13.48 16.90 56.42
C VAL A 495 14.97 16.84 56.11
N THR A 496 15.79 17.17 57.10
CA THR A 496 17.24 17.08 56.95
C THR A 496 17.74 15.72 57.41
N MET A 497 19.01 15.44 57.11
CA MET A 497 19.56 14.12 57.37
C MET A 497 19.76 13.84 58.85
N ASP A 498 19.76 14.87 59.71
CA ASP A 498 19.84 14.61 61.14
C ASP A 498 18.56 14.00 61.67
N GLU A 499 17.41 14.55 61.26
CA GLU A 499 16.14 13.93 61.60
C GLU A 499 16.00 12.56 60.96
N ILE A 500 16.58 12.38 59.77
CA ILE A 500 16.57 11.06 59.12
C ILE A 500 17.34 10.05 59.96
N GLU A 501 18.54 10.42 60.42
CA GLU A 501 19.33 9.51 61.22
C GLU A 501 18.65 9.22 62.56
N LYS A 502 18.04 10.24 63.17
CA LYS A 502 17.29 10.00 64.41
C LYS A 502 16.14 9.03 64.18
N ALA A 503 15.41 9.19 63.07
CA ALA A 503 14.26 8.34 62.83
C ALA A 503 14.66 6.91 62.49
N VAL A 504 15.76 6.74 61.75
CA VAL A 504 16.18 5.38 61.42
C VAL A 504 16.85 4.71 62.62
N LYS A 505 17.43 5.49 63.54
CA LYS A 505 17.94 4.90 64.77
C LYS A 505 16.82 4.57 65.74
N GLU A 506 15.71 5.32 65.68
CA GLU A 506 14.52 4.89 66.40
C GLU A 506 13.96 3.61 65.80
N ALA A 507 14.02 3.48 64.47
CA ALA A 507 13.57 2.27 63.81
C ALA A 507 14.58 1.13 63.91
N ASN A 508 15.78 1.40 64.40
CA ASN A 508 16.82 0.39 64.55
C ASN A 508 17.10 -0.33 63.23
N ALA A 509 17.10 0.43 62.15
CA ALA A 509 17.33 -0.09 60.82
C ALA A 509 18.57 0.55 60.20
N TYR A 510 19.60 0.77 61.02
CA TYR A 510 20.83 1.39 60.57
C TYR A 510 21.97 0.40 60.37
N ASP A 511 21.83 -0.84 60.85
CA ASP A 511 22.88 -1.82 60.67
C ASP A 511 22.95 -2.30 59.22
N PHE A 512 21.80 -2.66 58.65
CA PHE A 512 21.79 -3.09 57.25
C PHE A 512 21.97 -1.90 56.31
N ILE A 513 21.78 -0.68 56.80
CA ILE A 513 22.20 0.49 56.04
C ILE A 513 23.72 0.62 56.06
N MET A 514 24.33 0.27 57.20
CA MET A 514 25.78 0.36 57.31
C MET A 514 26.49 -0.75 56.55
N LYS A 515 25.84 -1.90 56.36
CA LYS A 515 26.51 -3.00 55.68
C LYS A 515 26.44 -2.90 54.16
N LEU A 516 25.37 -2.29 53.62
CA LEU A 516 25.25 -2.27 52.17
C LEU A 516 25.86 -1.01 51.57
N PRO A 517 26.42 -1.12 50.37
CA PRO A 517 26.97 0.07 49.72
C PRO A 517 25.89 1.09 49.40
N HIS A 518 26.33 2.32 49.12
CA HIS A 518 25.45 3.43 48.80
C HIS A 518 24.41 3.64 49.91
N LYS A 519 24.96 3.99 51.08
CA LYS A 519 24.20 4.01 52.33
C LYS A 519 23.02 4.98 52.30
N PHE A 520 23.06 5.99 51.42
CA PHE A 520 21.88 6.82 51.14
C PHE A 520 21.59 6.87 49.65
N ASP A 521 22.27 6.04 48.86
CA ASP A 521 22.17 6.07 47.40
C ASP A 521 21.75 4.72 46.84
N THR A 522 21.38 3.77 47.68
CA THR A 522 20.99 2.44 47.21
C THR A 522 19.60 2.49 46.56
N LEU A 523 19.54 2.14 45.29
CA LEU A 523 18.28 2.05 44.57
C LEU A 523 17.64 0.70 44.89
N VAL A 524 16.63 0.70 45.77
CA VAL A 524 15.93 -0.52 46.07
C VAL A 524 15.06 -0.92 44.89
N GLY A 525 15.00 -2.21 44.61
CA GLY A 525 14.29 -2.71 43.45
C GLY A 525 12.78 -2.53 43.55
N GLU A 526 12.08 -3.20 42.64
CA GLU A 526 10.64 -3.07 42.53
C GLU A 526 9.94 -3.91 43.60
N ARG A 527 9.04 -3.27 44.35
CA ARG A 527 8.21 -3.92 45.35
C ARG A 527 9.04 -4.50 46.49
N GLY A 528 10.09 -3.79 46.88
CA GLY A 528 10.94 -4.22 47.98
C GLY A 528 11.57 -5.58 47.80
N ALA A 529 11.99 -5.91 46.58
CA ALA A 529 12.59 -7.21 46.31
C ALA A 529 14.08 -7.26 46.58
N GLN A 530 14.76 -6.10 46.67
CA GLN A 530 16.20 -6.10 46.83
C GLN A 530 16.61 -6.47 48.25
N LEU A 531 15.80 -6.09 49.23
CA LEU A 531 16.13 -6.30 50.64
C LEU A 531 15.15 -7.27 51.28
N SER A 532 15.42 -7.62 52.54
CA SER A 532 14.64 -8.59 53.29
C SER A 532 13.37 -7.95 53.84
N GLY A 533 12.46 -8.80 54.33
CA GLY A 533 11.18 -8.31 54.81
C GLY A 533 11.29 -7.55 56.12
N GLY A 534 12.17 -7.99 57.02
CA GLY A 534 12.30 -7.31 58.31
C GLY A 534 12.87 -5.92 58.17
N GLN A 535 13.94 -5.79 57.39
CA GLN A 535 14.46 -4.46 57.07
C GLN A 535 13.39 -3.60 56.40
N LYS A 536 12.58 -4.22 55.54
CA LYS A 536 11.50 -3.49 54.86
C LYS A 536 10.51 -2.92 55.86
N GLN A 537 10.01 -3.76 56.77
CA GLN A 537 9.00 -3.28 57.71
C GLN A 537 9.58 -2.29 58.70
N ARG A 538 10.85 -2.45 59.07
CA ARG A 538 11.45 -1.47 59.97
C ARG A 538 11.60 -0.10 59.30
N ILE A 539 12.06 -0.09 58.04
CA ILE A 539 12.17 1.19 57.36
C ILE A 539 10.79 1.75 57.02
N ALA A 540 9.76 0.90 56.88
CA ALA A 540 8.42 1.42 56.72
C ALA A 540 7.92 2.09 58.00
N ILE A 541 8.27 1.52 59.16
CA ILE A 541 7.98 2.18 60.42
C ILE A 541 8.67 3.53 60.49
N ALA A 542 9.94 3.59 60.08
CA ALA A 542 10.64 4.87 60.03
C ALA A 542 9.95 5.84 59.08
N ARG A 543 9.51 5.34 57.92
CA ARG A 543 8.86 6.16 56.91
C ARG A 543 7.57 6.75 57.43
N ALA A 544 6.87 6.01 58.30
CA ALA A 544 5.71 6.58 58.96
C ALA A 544 6.12 7.60 60.02
N LEU A 545 7.17 7.29 60.79
CA LEU A 545 7.55 8.11 61.92
C LEU A 545 8.12 9.46 61.54
N VAL A 546 8.65 9.60 60.32
CA VAL A 546 9.21 10.90 59.93
C VAL A 546 8.16 11.99 59.79
N ARG A 547 6.87 11.64 59.76
CA ARG A 547 5.83 12.65 59.64
C ARG A 547 5.60 13.41 60.95
N ASN A 548 6.07 12.87 62.07
CA ASN A 548 5.79 13.40 63.40
C ASN A 548 4.28 13.57 63.58
N PRO A 549 3.54 12.46 63.68
CA PRO A 549 2.07 12.56 63.65
C PRO A 549 1.43 12.78 65.02
N LYS A 550 0.12 12.93 65.05
CA LYS A 550 -0.62 13.05 66.30
C LYS A 550 -1.39 11.79 66.67
N ILE A 551 -1.77 10.97 65.69
CA ILE A 551 -2.41 9.69 65.93
C ILE A 551 -1.67 8.62 65.13
N LEU A 552 -1.21 7.59 65.81
CA LEU A 552 -0.42 6.53 65.20
C LEU A 552 -1.27 5.27 65.13
N LEU A 553 -1.25 4.62 63.97
CA LEU A 553 -2.07 3.44 63.71
C LEU A 553 -1.20 2.38 63.06
N LEU A 554 -0.91 1.31 63.80
CA LEU A 554 -0.18 0.18 63.27
C LEU A 554 -1.15 -0.95 62.93
N ASP A 555 -0.96 -1.57 61.76
CA ASP A 555 -1.75 -2.73 61.36
C ASP A 555 -0.80 -3.86 61.01
N GLU A 556 -0.60 -4.78 61.96
CA GLU A 556 0.26 -5.95 61.79
C GLU A 556 1.69 -5.53 61.42
N ALA A 557 2.30 -4.77 62.33
CA ALA A 557 3.63 -4.19 62.11
C ALA A 557 4.77 -5.17 62.34
N THR A 558 4.51 -6.37 62.84
CA THR A 558 5.58 -7.32 63.14
C THR A 558 5.21 -8.72 62.63
N SER A 559 4.76 -8.78 61.38
CA SER A 559 4.29 -10.05 60.81
C SER A 559 5.44 -11.04 60.65
N ALA A 560 6.51 -10.62 59.96
CA ALA A 560 7.65 -11.50 59.68
C ALA A 560 8.88 -11.12 60.48
N LEU A 561 8.72 -10.41 61.59
CA LEU A 561 9.83 -9.89 62.35
C LEU A 561 10.24 -10.87 63.45
N ASP A 562 11.52 -10.85 63.79
CA ASP A 562 12.07 -11.71 64.83
C ASP A 562 11.76 -11.11 66.20
N THR A 563 12.46 -11.61 67.23
CA THR A 563 12.14 -11.27 68.62
C THR A 563 12.75 -9.93 69.02
N GLU A 564 14.08 -9.80 68.89
CA GLU A 564 14.77 -8.64 69.43
C GLU A 564 14.44 -7.37 68.65
N SER A 565 14.26 -7.47 67.33
CA SER A 565 13.93 -6.29 66.55
C SER A 565 12.51 -5.82 66.82
N GLU A 566 11.56 -6.76 66.92
CA GLU A 566 10.22 -6.40 67.37
C GLU A 566 10.25 -5.78 68.76
N ALA A 567 11.13 -6.27 69.63
CA ALA A 567 11.23 -5.73 70.98
C ALA A 567 11.73 -4.29 70.98
N VAL A 568 12.83 -4.03 70.29
CA VAL A 568 13.37 -2.67 70.24
C VAL A 568 12.41 -1.74 69.50
N VAL A 569 11.66 -2.27 68.53
CA VAL A 569 10.66 -1.45 67.84
C VAL A 569 9.52 -1.08 68.78
N GLN A 570 9.06 -2.03 69.61
CA GLN A 570 7.99 -1.70 70.53
C GLN A 570 8.47 -0.77 71.64
N VAL A 571 9.74 -0.90 72.05
CA VAL A 571 10.31 0.07 72.98
C VAL A 571 10.34 1.46 72.36
N ALA A 572 10.70 1.55 71.07
CA ALA A 572 10.67 2.82 70.38
C ALA A 572 9.24 3.35 70.23
N LEU A 573 8.26 2.45 70.11
CA LEU A 573 6.87 2.87 69.99
C LEU A 573 6.37 3.43 71.31
N ASP A 574 6.74 2.81 72.42
CA ASP A 574 6.48 3.37 73.75
C ASP A 574 7.35 4.58 74.06
N LYS A 575 8.40 4.82 73.27
CA LYS A 575 9.19 6.04 73.39
C LYS A 575 8.47 7.26 72.84
N ALA A 576 7.55 7.07 71.89
CA ALA A 576 6.89 8.18 71.20
C ALA A 576 5.37 8.06 71.31
N ARG A 577 4.88 7.46 72.39
CA ARG A 577 3.45 7.26 72.56
C ARG A 577 2.83 8.21 73.58
N LYS A 578 3.63 9.02 74.27
CA LYS A 578 3.12 9.81 75.37
C LYS A 578 2.42 11.08 74.91
N GLY A 579 2.84 11.66 73.78
CA GLY A 579 2.19 12.84 73.27
C GLY A 579 1.10 12.60 72.25
N ARG A 580 0.89 11.33 71.87
CA ARG A 580 -0.01 10.99 70.78
C ARG A 580 -0.94 9.87 71.19
N THR A 581 -2.07 9.77 70.48
CA THR A 581 -2.98 8.64 70.58
C THR A 581 -2.51 7.54 69.65
N THR A 582 -2.73 6.28 70.04
CA THR A 582 -2.17 5.15 69.31
C THR A 582 -3.16 4.00 69.29
N ILE A 583 -3.24 3.32 68.15
CA ILE A 583 -4.01 2.10 67.99
C ILE A 583 -3.13 1.07 67.29
N VAL A 584 -2.97 -0.09 67.92
CA VAL A 584 -2.08 -1.13 67.42
C VAL A 584 -2.92 -2.38 67.15
N ILE A 585 -2.73 -2.95 65.96
CA ILE A 585 -3.35 -4.22 65.59
C ILE A 585 -2.24 -5.19 65.24
N ALA A 586 -2.21 -6.32 65.94
CA ALA A 586 -1.16 -7.30 65.71
C ALA A 586 -1.64 -8.67 66.15
N HIS A 587 -0.96 -9.70 65.66
CA HIS A 587 -1.25 -11.07 66.06
C HIS A 587 -0.45 -11.49 67.28
N ARG A 588 0.79 -11.01 67.41
CA ARG A 588 1.60 -11.34 68.57
C ARG A 588 1.10 -10.59 69.79
N LEU A 589 0.86 -11.32 70.88
CA LEU A 589 0.40 -10.74 72.13
C LEU A 589 1.53 -10.22 73.00
N SER A 590 2.77 -10.30 72.54
CA SER A 590 3.89 -9.78 73.33
C SER A 590 3.88 -8.26 73.38
N THR A 591 3.46 -7.63 72.29
CA THR A 591 3.36 -6.17 72.21
C THR A 591 1.98 -5.66 72.59
N VAL A 592 1.07 -6.54 73.02
CA VAL A 592 -0.30 -6.18 73.34
C VAL A 592 -0.47 -6.07 74.86
N ARG A 593 0.29 -6.90 75.60
CA ARG A 593 0.10 -6.99 77.04
C ARG A 593 0.46 -5.71 77.78
N ASN A 594 1.30 -4.84 77.19
CA ASN A 594 1.71 -3.58 77.81
C ASN A 594 0.92 -2.39 77.29
N ALA A 595 -0.30 -2.62 76.80
CA ALA A 595 -1.11 -1.56 76.23
C ALA A 595 -2.02 -0.94 77.29
N ASP A 596 -2.79 0.07 76.88
CA ASP A 596 -3.72 0.73 77.80
C ASP A 596 -5.03 -0.03 77.89
N VAL A 597 -5.73 -0.19 76.76
CA VAL A 597 -7.02 -0.86 76.72
C VAL A 597 -6.99 -1.92 75.63
N ILE A 598 -7.55 -3.09 75.94
CA ILE A 598 -7.69 -4.19 74.97
C ILE A 598 -9.18 -4.43 74.74
N ALA A 599 -9.56 -4.58 73.47
CA ALA A 599 -10.95 -4.78 73.10
C ALA A 599 -11.04 -5.96 72.13
N GLY A 600 -12.28 -6.40 71.89
CA GLY A 600 -12.49 -7.59 71.08
C GLY A 600 -13.60 -7.51 70.07
N PHE A 601 -13.28 -7.79 68.81
CA PHE A 601 -14.27 -7.81 67.76
C PHE A 601 -15.05 -9.12 67.77
N ASP A 602 -16.32 -9.05 67.43
CA ASP A 602 -17.15 -10.23 67.18
C ASP A 602 -18.27 -9.82 66.23
N ASP A 603 -18.25 -10.41 65.02
CA ASP A 603 -19.22 -10.09 63.98
C ASP A 603 -19.23 -8.60 63.65
N GLY A 604 -18.06 -7.97 63.74
CA GLY A 604 -17.91 -6.57 63.48
C GLY A 604 -18.28 -5.66 64.64
N VAL A 605 -18.87 -6.20 65.70
CA VAL A 605 -19.27 -5.39 66.85
C VAL A 605 -18.23 -5.56 67.96
N ILE A 606 -17.82 -4.44 68.56
CA ILE A 606 -16.86 -4.44 69.66
C ILE A 606 -17.60 -4.91 70.92
N VAL A 607 -17.32 -6.13 71.36
CA VAL A 607 -18.13 -6.73 72.42
C VAL A 607 -17.51 -6.46 73.79
N GLU A 608 -16.30 -6.97 74.00
CA GLU A 608 -15.64 -6.83 75.30
C GLU A 608 -14.87 -5.51 75.37
N LYS A 609 -14.92 -4.89 76.54
CA LYS A 609 -14.13 -3.69 76.82
C LYS A 609 -13.50 -3.80 78.21
N GLY A 610 -12.44 -3.04 78.41
CA GLY A 610 -11.78 -2.94 79.69
C GLY A 610 -10.29 -3.21 79.60
N ASN A 611 -9.67 -3.28 80.77
CA ASN A 611 -8.24 -3.51 80.88
C ASN A 611 -7.95 -5.00 80.87
N HIS A 612 -6.70 -5.36 81.16
CA HIS A 612 -6.28 -6.76 81.13
C HIS A 612 -7.04 -7.59 82.16
N ASP A 613 -7.00 -7.18 83.44
CA ASP A 613 -7.59 -7.98 84.50
C ASP A 613 -9.12 -7.98 84.42
N GLU A 614 -9.72 -6.95 83.82
CA GLU A 614 -11.16 -6.95 83.62
C GLU A 614 -11.58 -8.07 82.67
N LEU A 615 -10.89 -8.21 81.53
CA LEU A 615 -11.15 -9.33 80.63
C LEU A 615 -10.64 -10.65 81.20
N MET A 616 -9.78 -10.62 82.21
CA MET A 616 -9.40 -11.85 82.90
C MET A 616 -10.55 -12.36 83.75
N LYS A 617 -11.12 -11.50 84.60
CA LYS A 617 -12.27 -11.89 85.40
C LYS A 617 -13.56 -11.98 84.60
N GLU A 618 -13.57 -11.48 83.35
CA GLU A 618 -14.75 -11.57 82.50
C GLU A 618 -14.89 -12.96 81.88
N LYS A 619 -13.80 -13.72 81.83
CA LYS A 619 -13.71 -15.05 81.21
C LYS A 619 -14.46 -15.11 79.87
N GLY A 620 -13.98 -14.28 78.94
CA GLY A 620 -14.51 -14.29 77.59
C GLY A 620 -13.60 -14.99 76.60
N ILE A 621 -13.59 -14.53 75.35
CA ILE A 621 -12.77 -15.15 74.32
C ILE A 621 -11.30 -14.81 74.51
N TYR A 622 -11.00 -13.58 74.95
CA TYR A 622 -9.61 -13.22 75.23
C TYR A 622 -9.04 -14.01 76.40
N PHE A 623 -9.89 -14.36 77.38
CA PHE A 623 -9.42 -15.22 78.46
C PHE A 623 -9.10 -16.61 77.94
N LYS A 624 -9.92 -17.13 77.01
CA LYS A 624 -9.58 -18.39 76.34
C LYS A 624 -8.25 -18.27 75.61
N LEU A 625 -8.02 -17.13 74.96
CA LEU A 625 -6.80 -16.94 74.18
C LEU A 625 -5.56 -16.93 75.08
N VAL A 626 -5.62 -16.21 76.20
CA VAL A 626 -4.47 -16.14 77.09
C VAL A 626 -4.32 -17.42 77.91
N THR A 627 -5.41 -18.15 78.13
CA THR A 627 -5.31 -19.44 78.82
C THR A 627 -4.69 -20.50 77.91
N MET A 628 -4.99 -20.43 76.62
CA MET A 628 -4.37 -21.35 75.67
C MET A 628 -2.91 -20.97 75.41
N GLN A 629 -2.60 -19.66 75.40
CA GLN A 629 -1.23 -19.22 75.12
C GLN A 629 -0.26 -19.59 76.24
N THR A 630 -0.70 -19.55 77.50
CA THR A 630 0.18 -19.77 78.63
C THR A 630 0.54 -21.25 78.78
N PRO A 694 20.32 -11.84 19.56
CA PRO A 694 21.50 -12.64 19.92
C PRO A 694 22.18 -13.25 18.70
N VAL A 695 21.63 -14.35 18.21
CA VAL A 695 22.19 -15.09 17.09
C VAL A 695 21.10 -15.26 16.04
N SER A 696 21.32 -14.73 14.85
CA SER A 696 20.36 -14.83 13.77
C SER A 696 21.04 -15.33 12.50
N PHE A 697 20.35 -16.18 11.75
CA PHE A 697 20.88 -16.72 10.50
C PHE A 697 19.77 -16.79 9.46
N TRP A 698 20.11 -17.22 8.25
CA TRP A 698 19.12 -17.34 7.19
C TRP A 698 18.54 -18.75 7.08
N ARG A 699 18.07 -19.26 8.21
CA ARG A 699 17.47 -20.59 8.25
C ARG A 699 16.00 -20.44 8.62
N ILE A 700 15.43 -19.27 8.27
CA ILE A 700 14.04 -18.97 8.56
C ILE A 700 13.13 -19.42 7.41
N MET A 701 13.73 -19.93 6.35
CA MET A 701 12.96 -20.40 5.20
C MET A 701 13.03 -21.92 5.13
N LYS A 702 14.06 -22.47 5.77
CA LYS A 702 14.26 -23.92 5.78
C LYS A 702 13.14 -24.64 6.53
N LEU A 703 12.33 -23.89 7.26
CA LEU A 703 11.23 -24.48 8.00
C LEU A 703 9.93 -24.45 7.19
N ASN A 704 9.78 -23.47 6.31
CA ASN A 704 8.64 -23.38 5.41
C ASN A 704 8.90 -24.03 4.06
N LEU A 705 10.01 -24.77 3.93
CA LEU A 705 10.34 -25.40 2.66
C LEU A 705 9.20 -26.25 2.14
N THR A 706 8.54 -27.01 3.01
CA THR A 706 7.47 -27.92 2.61
C THR A 706 6.36 -27.23 1.83
N GLU A 707 6.33 -25.90 1.83
CA GLU A 707 5.29 -25.15 1.16
C GLU A 707 5.75 -24.53 -0.14
N TRP A 708 6.85 -25.00 -0.69
CA TRP A 708 7.46 -24.41 -1.87
C TRP A 708 6.53 -24.24 -3.08
N PRO A 709 5.49 -25.07 -3.28
CA PRO A 709 4.60 -24.79 -4.41
C PRO A 709 3.99 -23.41 -4.39
N TYR A 710 3.35 -23.04 -3.27
CA TYR A 710 2.72 -21.73 -3.17
C TYR A 710 3.68 -20.62 -3.54
N PHE A 711 4.94 -20.77 -3.20
CA PHE A 711 5.90 -19.71 -3.49
C PHE A 711 6.18 -19.62 -4.98
N VAL A 712 6.39 -20.76 -5.64
CA VAL A 712 6.74 -20.72 -7.06
C VAL A 712 5.66 -19.97 -7.84
N VAL A 713 4.42 -20.45 -7.79
CA VAL A 713 3.30 -19.73 -8.38
C VAL A 713 3.32 -18.28 -7.93
N GLY A 714 3.50 -18.06 -6.63
CA GLY A 714 3.47 -16.71 -6.11
C GLY A 714 4.59 -15.85 -6.62
N VAL A 715 5.75 -16.44 -6.90
CA VAL A 715 6.81 -15.66 -7.53
C VAL A 715 6.41 -15.30 -8.95
N PHE A 716 5.80 -16.24 -9.67
CA PHE A 716 5.49 -16.01 -11.07
C PHE A 716 4.56 -14.81 -11.22
N CYS A 717 3.36 -14.90 -10.66
CA CYS A 717 2.47 -13.75 -10.63
C CYS A 717 3.20 -12.50 -10.16
N ALA A 718 4.09 -12.63 -9.18
CA ALA A 718 4.86 -11.48 -8.70
C ALA A 718 5.52 -10.76 -9.87
N ILE A 719 6.33 -11.47 -10.66
CA ILE A 719 6.99 -10.85 -11.81
C ILE A 719 5.97 -10.11 -12.66
N ILE A 720 4.84 -10.76 -12.94
CA ILE A 720 3.81 -10.17 -13.85
C ILE A 720 3.31 -8.83 -13.30
N ASN A 721 3.10 -8.72 -11.99
CA ASN A 721 2.63 -7.43 -11.42
C ASN A 721 3.70 -6.36 -11.68
N GLY A 722 4.98 -6.71 -11.49
CA GLY A 722 6.11 -5.78 -11.74
C GLY A 722 6.20 -5.39 -13.19
N GLY A 723 5.98 -6.34 -14.10
CA GLY A 723 6.05 -6.14 -15.57
C GLY A 723 4.96 -5.25 -16.12
N LEU A 724 3.83 -5.12 -15.40
CA LEU A 724 2.66 -4.32 -15.84
C LEU A 724 3.05 -2.84 -16.03
N GLN A 725 3.91 -2.29 -15.17
CA GLN A 725 4.23 -0.85 -15.27
C GLN A 725 4.85 -0.51 -16.64
N PRO A 726 5.86 -1.25 -17.14
CA PRO A 726 6.41 -0.99 -18.47
C PRO A 726 5.41 -1.15 -19.59
N ALA A 727 4.64 -2.24 -19.60
CA ALA A 727 3.61 -2.40 -20.63
C ALA A 727 2.71 -1.18 -20.69
N PHE A 728 2.15 -0.79 -19.55
CA PHE A 728 1.28 0.37 -19.51
C PHE A 728 1.95 1.63 -20.01
N ALA A 729 3.26 1.75 -19.89
CA ALA A 729 3.93 2.89 -20.49
C ALA A 729 4.01 2.77 -22.00
N ILE A 730 4.43 1.61 -22.49
CA ILE A 730 4.64 1.42 -23.92
C ILE A 730 3.34 1.61 -24.67
N ILE A 731 2.21 1.19 -24.09
CA ILE A 731 0.94 1.47 -24.74
C ILE A 731 0.55 2.93 -24.54
N PHE A 732 0.71 3.45 -23.31
CA PHE A 732 0.35 4.84 -23.07
C PHE A 732 1.12 5.76 -23.98
N SER A 733 2.45 5.66 -23.97
CA SER A 733 3.23 6.40 -24.94
C SER A 733 2.64 6.23 -26.34
N LYS A 734 2.53 4.98 -26.79
CA LYS A 734 2.12 4.76 -28.18
C LYS A 734 0.75 5.36 -28.45
N ILE A 735 -0.15 5.32 -27.46
CA ILE A 735 -1.51 5.78 -27.74
C ILE A 735 -1.51 7.27 -27.98
N ILE A 736 -0.70 8.01 -27.22
CA ILE A 736 -0.57 9.43 -27.46
C ILE A 736 0.06 9.66 -28.82
N GLY A 737 1.02 8.80 -29.19
CA GLY A 737 1.64 8.91 -30.48
C GLY A 737 0.65 8.76 -31.63
N VAL A 738 -0.47 8.09 -31.41
CA VAL A 738 -1.40 7.93 -32.53
C VAL A 738 -1.93 9.27 -32.98
N PHE A 739 -1.85 10.30 -32.14
CA PHE A 739 -2.25 11.63 -32.53
C PHE A 739 -1.07 12.56 -32.76
N THR A 740 0.15 12.13 -32.49
CA THR A 740 1.31 12.95 -32.81
C THR A 740 1.64 12.85 -34.28
N ARG A 741 1.73 11.64 -34.80
CA ARG A 741 2.15 11.42 -36.17
C ARG A 741 1.13 12.00 -37.15
N ILE A 742 1.47 11.94 -38.42
CA ILE A 742 0.58 12.46 -39.45
C ILE A 742 0.03 11.33 -40.31
N ASP A 743 -1.09 10.75 -39.88
CA ASP A 743 -1.76 9.68 -40.58
C ASP A 743 -3.15 10.13 -40.97
N ASP A 744 -3.89 9.27 -41.63
CA ASP A 744 -5.26 9.59 -42.01
C ASP A 744 -6.19 9.26 -40.85
N PRO A 745 -7.47 9.58 -40.96
CA PRO A 745 -8.39 9.25 -39.85
C PRO A 745 -8.48 7.76 -39.57
N GLU A 746 -8.64 6.94 -40.60
CA GLU A 746 -8.88 5.52 -40.37
C GLU A 746 -7.75 4.86 -39.61
N THR A 747 -6.51 5.21 -39.92
CA THR A 747 -5.39 4.67 -39.16
C THR A 747 -5.47 5.09 -37.70
N LYS A 748 -5.83 6.34 -37.43
CA LYS A 748 -5.92 6.77 -36.04
C LYS A 748 -7.04 6.05 -35.31
N ARG A 749 -8.17 5.84 -35.97
CA ARG A 749 -9.27 5.14 -35.34
C ARG A 749 -8.93 3.68 -35.07
N GLN A 750 -8.30 3.01 -36.02
CA GLN A 750 -7.95 1.60 -35.80
C GLN A 750 -6.90 1.46 -34.72
N ASN A 751 -5.81 2.23 -34.78
CA ASN A 751 -4.78 2.10 -33.78
C ASN A 751 -5.28 2.51 -32.39
N SER A 752 -6.23 3.45 -32.31
CA SER A 752 -6.73 3.81 -31.00
C SER A 752 -7.65 2.74 -30.45
N ASN A 753 -8.46 2.11 -31.31
CA ASN A 753 -9.25 0.98 -30.82
C ASN A 753 -8.34 -0.15 -30.35
N LEU A 754 -7.25 -0.40 -31.07
CA LEU A 754 -6.34 -1.47 -30.67
C LEU A 754 -5.73 -1.20 -29.31
N PHE A 755 -5.22 0.01 -29.09
CA PHE A 755 -4.59 0.28 -27.80
C PHE A 755 -5.61 0.38 -26.67
N SER A 756 -6.84 0.79 -26.94
CA SER A 756 -7.84 0.74 -25.90
C SER A 756 -8.16 -0.70 -25.51
N LEU A 757 -8.24 -1.59 -26.48
CA LEU A 757 -8.37 -3.01 -26.15
C LEU A 757 -7.20 -3.50 -25.33
N LEU A 758 -6.00 -3.03 -25.64
CA LEU A 758 -4.86 -3.45 -24.84
C LEU A 758 -4.97 -2.96 -23.41
N PHE A 759 -5.61 -1.80 -23.22
CA PHE A 759 -5.87 -1.27 -21.85
C PHE A 759 -6.83 -2.21 -21.11
N LEU A 760 -7.88 -2.69 -21.80
CA LEU A 760 -8.83 -3.62 -21.20
C LEU A 760 -8.18 -4.95 -20.84
N ALA A 761 -7.33 -5.47 -21.74
CA ALA A 761 -6.70 -6.76 -21.48
C ALA A 761 -5.69 -6.67 -20.37
N LEU A 762 -4.93 -5.58 -20.31
CA LEU A 762 -4.01 -5.37 -19.20
C LEU A 762 -4.77 -5.31 -17.89
N GLY A 763 -5.97 -4.75 -17.91
CA GLY A 763 -6.76 -4.71 -16.68
C GLY A 763 -7.22 -6.09 -16.25
N ILE A 764 -7.72 -6.89 -17.18
CA ILE A 764 -8.19 -8.23 -16.83
C ILE A 764 -7.05 -9.09 -16.29
N ILE A 765 -5.88 -9.02 -16.92
CA ILE A 765 -4.80 -9.85 -16.40
C ILE A 765 -4.21 -9.25 -15.13
N SER A 766 -4.34 -7.95 -14.91
CA SER A 766 -3.95 -7.40 -13.61
C SER A 766 -4.85 -7.93 -12.50
N PHE A 767 -6.15 -7.98 -12.77
CA PHE A 767 -7.09 -8.56 -11.82
C PHE A 767 -6.69 -9.99 -11.46
N ILE A 768 -6.50 -10.83 -12.48
CA ILE A 768 -6.17 -12.23 -12.22
C ILE A 768 -4.85 -12.35 -11.47
N THR A 769 -3.86 -11.54 -11.82
CA THR A 769 -2.55 -11.67 -11.20
C THR A 769 -2.56 -11.19 -9.77
N PHE A 770 -3.22 -10.07 -9.49
CA PHE A 770 -3.27 -9.61 -8.11
C PHE A 770 -4.02 -10.60 -7.24
N PHE A 771 -5.12 -11.14 -7.75
CA PHE A 771 -5.85 -12.12 -6.95
C PHE A 771 -4.96 -13.32 -6.64
N LEU A 772 -4.26 -13.86 -7.64
CA LEU A 772 -3.50 -15.08 -7.38
C LEU A 772 -2.29 -14.81 -6.49
N GLN A 773 -1.56 -13.73 -6.73
CA GLN A 773 -0.44 -13.39 -5.85
C GLN A 773 -0.91 -13.28 -4.43
N GLY A 774 -1.96 -12.48 -4.19
CA GLY A 774 -2.46 -12.33 -2.85
C GLY A 774 -2.87 -13.64 -2.22
N PHE A 775 -3.70 -14.41 -2.91
CA PHE A 775 -4.21 -15.65 -2.34
C PHE A 775 -3.09 -16.63 -2.01
N THR A 776 -2.11 -16.78 -2.90
CA THR A 776 -1.06 -17.76 -2.66
C THR A 776 -0.13 -17.33 -1.53
N PHE A 777 0.44 -16.13 -1.61
CA PHE A 777 1.32 -15.71 -0.53
C PHE A 777 0.56 -15.60 0.79
N GLY A 778 -0.73 -15.29 0.75
CA GLY A 778 -1.49 -15.19 1.97
C GLY A 778 -1.74 -16.55 2.62
N LYS A 779 -2.04 -17.56 1.81
CA LYS A 779 -2.15 -18.88 2.41
C LYS A 779 -0.79 -19.39 2.89
N ALA A 780 0.30 -18.95 2.26
CA ALA A 780 1.62 -19.31 2.78
C ALA A 780 1.85 -18.70 4.16
N GLY A 781 1.54 -17.42 4.30
CA GLY A 781 1.66 -16.78 5.60
C GLY A 781 0.79 -17.43 6.64
N GLU A 782 -0.45 -17.76 6.28
CA GLU A 782 -1.36 -18.39 7.25
C GLU A 782 -0.83 -19.73 7.70
N ILE A 783 -0.40 -20.57 6.76
CA ILE A 783 0.04 -21.91 7.13
C ILE A 783 1.32 -21.83 7.96
N LEU A 784 2.24 -20.93 7.60
CA LEU A 784 3.45 -20.78 8.38
C LEU A 784 3.14 -20.32 9.80
N THR A 785 2.21 -19.38 9.94
CA THR A 785 1.88 -18.88 11.27
C THR A 785 1.19 -19.96 12.09
N LYS A 786 0.30 -20.73 11.48
CA LYS A 786 -0.33 -21.81 12.23
C LYS A 786 0.71 -22.80 12.73
N ARG A 787 1.58 -23.27 11.85
CA ARG A 787 2.53 -24.29 12.25
C ARG A 787 3.49 -23.76 13.31
N LEU A 788 3.90 -22.50 13.20
CA LEU A 788 4.80 -21.94 14.20
C LEU A 788 4.10 -21.79 15.54
N ARG A 789 2.88 -21.26 15.57
CA ARG A 789 2.18 -21.13 16.84
C ARG A 789 1.97 -22.50 17.49
N TYR A 790 1.56 -23.50 16.71
CA TYR A 790 1.33 -24.81 17.30
C TYR A 790 2.61 -25.42 17.85
N MET A 791 3.70 -25.37 17.08
CA MET A 791 4.94 -25.98 17.54
C MET A 791 5.51 -25.24 18.74
N VAL A 792 5.47 -23.91 18.73
CA VAL A 792 5.99 -23.14 19.85
C VAL A 792 5.18 -23.44 21.10
N PHE A 793 3.85 -23.54 20.97
CA PHE A 793 3.03 -23.86 22.12
C PHE A 793 3.34 -25.25 22.64
N ARG A 794 3.54 -26.21 21.75
CA ARG A 794 3.87 -27.58 22.19
C ARG A 794 5.18 -27.59 22.96
N SER A 795 6.19 -26.90 22.45
CA SER A 795 7.48 -26.88 23.12
C SER A 795 7.44 -26.06 24.41
N MET A 796 6.48 -25.15 24.54
CA MET A 796 6.32 -24.43 25.79
C MET A 796 5.69 -25.32 26.85
N LEU A 797 4.67 -26.09 26.48
CA LEU A 797 4.10 -27.03 27.42
C LEU A 797 5.14 -28.04 27.89
N ARG A 798 5.98 -28.54 26.97
CA ARG A 798 6.99 -29.51 27.39
C ARG A 798 8.06 -28.89 28.27
N GLN A 799 8.26 -27.59 28.17
CA GLN A 799 9.33 -26.92 28.90
C GLN A 799 9.16 -27.07 30.40
N ASP A 800 10.29 -27.07 31.11
CA ASP A 800 10.29 -27.20 32.57
C ASP A 800 9.62 -25.98 33.22
N VAL A 801 9.47 -26.05 34.55
CA VAL A 801 8.86 -24.97 35.32
C VAL A 801 9.88 -23.90 35.65
N SER A 802 11.08 -24.30 36.05
CA SER A 802 12.14 -23.36 36.35
C SER A 802 12.35 -22.37 35.21
N TRP A 803 12.15 -22.84 33.97
CA TRP A 803 12.21 -21.91 32.83
C TRP A 803 11.14 -20.85 32.93
N PHE A 804 9.97 -21.21 33.47
CA PHE A 804 8.95 -20.21 33.71
C PHE A 804 9.25 -19.36 34.94
N ASP A 805 10.21 -19.79 35.75
CA ASP A 805 10.63 -18.98 36.88
C ASP A 805 11.44 -17.76 36.43
N ASP A 806 12.34 -17.95 35.48
CA ASP A 806 13.30 -16.91 35.10
C ASP A 806 12.59 -15.59 34.84
N PRO A 807 13.16 -14.47 35.31
CA PRO A 807 12.45 -13.19 35.20
C PRO A 807 12.42 -12.62 33.79
N LYS A 808 13.39 -13.07 32.98
CA LYS A 808 13.50 -12.69 31.54
C LYS A 808 12.29 -13.28 30.82
N ASN A 809 11.96 -14.53 31.18
CA ASN A 809 10.77 -15.22 30.62
C ASN A 809 9.66 -15.03 31.65
N THR A 810 8.57 -14.38 31.24
CA THR A 810 7.46 -14.06 32.18
C THR A 810 6.14 -14.52 31.57
N THR A 811 5.07 -14.48 32.38
CA THR A 811 3.74 -14.91 31.92
C THR A 811 3.33 -14.07 30.70
N GLY A 812 3.68 -12.78 30.68
CA GLY A 812 3.23 -11.99 29.51
C GLY A 812 4.17 -12.06 28.33
N ALA A 813 5.48 -11.99 28.56
CA ALA A 813 6.44 -12.03 27.42
C ALA A 813 6.13 -13.24 26.53
N LEU A 814 5.82 -14.39 27.11
CA LEU A 814 5.52 -15.62 26.31
C LEU A 814 4.27 -15.39 25.45
N THR A 815 3.22 -14.82 26.02
CA THR A 815 1.96 -14.57 25.25
C THR A 815 2.24 -13.58 24.12
N THR A 816 3.01 -12.53 24.40
CA THR A 816 3.38 -11.53 23.42
C THR A 816 4.26 -12.12 22.33
N ARG A 817 5.21 -12.97 22.71
CA ARG A 817 6.04 -13.64 21.71
C ARG A 817 5.19 -14.53 20.81
N LEU A 818 4.28 -15.29 21.40
CA LEU A 818 3.39 -16.15 20.62
C LEU A 818 2.60 -15.36 19.59
N ALA A 819 2.05 -14.21 19.98
CA ALA A 819 1.14 -13.50 19.10
C ALA A 819 1.82 -12.48 18.19
N ASN A 820 3.12 -12.24 18.35
CA ASN A 820 3.84 -11.33 17.48
C ASN A 820 4.88 -12.03 16.62
N ASP A 821 5.76 -12.80 17.22
CA ASP A 821 6.89 -13.33 16.48
C ASP A 821 6.43 -14.39 15.47
N ALA A 822 5.56 -15.30 15.91
CA ALA A 822 4.97 -16.27 14.99
C ALA A 822 4.27 -15.58 13.83
N ALA A 823 3.78 -14.38 14.05
CA ALA A 823 3.07 -13.68 12.99
C ALA A 823 4.02 -12.90 12.08
N GLN A 824 5.18 -12.48 12.58
CA GLN A 824 6.08 -11.67 11.77
C GLN A 824 7.05 -12.50 10.94
N VAL A 825 7.24 -13.78 11.28
CA VAL A 825 8.12 -14.61 10.46
C VAL A 825 7.63 -14.67 9.01
N LYS A 826 6.31 -14.77 8.82
CA LYS A 826 5.76 -14.84 7.47
C LYS A 826 6.15 -13.62 6.65
N GLY A 827 6.15 -12.45 7.29
CA GLY A 827 6.59 -11.26 6.62
C GLY A 827 8.01 -11.47 6.18
N ALA A 828 8.87 -11.76 7.17
CA ALA A 828 10.31 -11.91 6.93
C ALA A 828 10.63 -12.78 5.72
N ILE A 829 9.79 -13.76 5.41
CA ILE A 829 10.11 -14.64 4.29
C ILE A 829 9.34 -14.29 3.02
N GLY A 830 8.01 -14.42 3.10
CA GLY A 830 7.22 -14.25 1.90
C GLY A 830 7.27 -12.83 1.36
N SER A 831 7.10 -11.85 2.24
CA SER A 831 7.08 -10.48 1.74
C SER A 831 8.42 -10.11 1.13
N ARG A 832 9.52 -10.59 1.73
CA ARG A 832 10.83 -10.33 1.17
C ARG A 832 10.94 -10.85 -0.25
N LEU A 833 10.56 -12.12 -0.45
CA LEU A 833 10.65 -12.70 -1.78
C LEU A 833 9.78 -11.96 -2.79
N ALA A 834 8.52 -11.69 -2.43
CA ALA A 834 7.61 -11.04 -3.36
C ALA A 834 8.01 -9.60 -3.65
N VAL A 835 8.59 -8.90 -2.67
CA VAL A 835 9.00 -7.52 -2.91
C VAL A 835 10.21 -7.48 -3.83
N ILE A 836 11.24 -8.28 -3.55
CA ILE A 836 12.39 -8.24 -4.44
C ILE A 836 11.99 -8.64 -5.85
N THR A 837 11.04 -9.56 -5.99
CA THR A 837 10.65 -9.95 -7.33
C THR A 837 9.86 -8.86 -8.06
N GLN A 838 8.80 -8.34 -7.42
CA GLN A 838 8.04 -7.26 -8.04
C GLN A 838 8.95 -6.11 -8.42
N ASN A 839 9.84 -5.71 -7.54
CA ASN A 839 10.67 -4.54 -7.81
C ASN A 839 11.67 -4.82 -8.91
N ILE A 840 12.34 -5.97 -8.89
CA ILE A 840 13.30 -6.25 -9.94
C ILE A 840 12.62 -6.25 -11.30
N ALA A 841 11.45 -6.88 -11.41
CA ALA A 841 10.72 -6.81 -12.66
C ALA A 841 10.43 -5.37 -13.05
N ASN A 842 9.79 -4.63 -12.15
CA ASN A 842 9.22 -3.31 -12.45
C ASN A 842 10.29 -2.26 -12.71
N LEU A 843 11.49 -2.42 -12.16
CA LEU A 843 12.53 -1.45 -12.41
C LEU A 843 13.54 -1.92 -13.45
N GLY A 844 13.91 -3.20 -13.45
CA GLY A 844 14.77 -3.69 -14.51
C GLY A 844 14.17 -3.49 -15.88
N THR A 845 12.93 -3.95 -16.07
CA THR A 845 12.31 -3.75 -17.39
C THR A 845 12.25 -2.27 -17.73
N GLY A 846 11.92 -1.43 -16.75
CA GLY A 846 11.72 -0.01 -17.05
C GLY A 846 13.01 0.68 -17.46
N ILE A 847 14.08 0.43 -16.72
CA ILE A 847 15.36 1.03 -17.03
C ILE A 847 15.94 0.46 -18.32
N ILE A 848 15.63 -0.80 -18.66
CA ILE A 848 16.18 -1.35 -19.90
C ILE A 848 15.45 -0.79 -21.12
N ILE A 849 14.12 -0.77 -21.08
CA ILE A 849 13.36 -0.17 -22.16
C ILE A 849 13.75 1.29 -22.34
N SER A 850 14.02 1.98 -21.23
CA SER A 850 14.36 3.39 -21.36
C SER A 850 15.79 3.59 -21.82
N PHE A 851 16.67 2.64 -21.49
CA PHE A 851 18.07 2.67 -21.98
C PHE A 851 18.06 2.48 -23.50
N ILE A 852 17.17 1.61 -24.01
CA ILE A 852 17.12 1.32 -25.43
C ILE A 852 16.57 2.51 -26.20
N TYR A 853 15.41 3.03 -25.78
CA TYR A 853 14.73 4.04 -26.60
C TYR A 853 15.47 5.38 -26.59
N GLY A 854 15.88 5.86 -25.42
CA GLY A 854 16.74 7.03 -25.39
C GLY A 854 17.62 7.10 -24.15
N TRP A 855 18.93 7.20 -24.33
CA TRP A 855 19.84 7.10 -23.20
C TRP A 855 20.20 8.44 -22.58
N GLN A 856 20.20 9.51 -23.38
CA GLN A 856 20.52 10.83 -22.86
C GLN A 856 19.54 11.25 -21.76
N LEU A 857 18.25 11.07 -22.02
CA LEU A 857 17.25 11.40 -21.00
C LEU A 857 17.25 10.38 -19.86
N THR A 858 17.59 9.13 -20.15
CA THR A 858 17.53 8.10 -19.11
C THR A 858 18.61 8.31 -18.06
N LEU A 859 19.79 8.80 -18.45
CA LEU A 859 20.78 9.14 -17.43
C LEU A 859 20.29 10.30 -16.54
N LEU A 860 19.69 11.32 -17.15
CA LEU A 860 19.22 12.47 -16.37
C LEU A 860 18.14 12.06 -15.38
N LEU A 861 17.28 11.12 -15.74
CA LEU A 861 16.25 10.71 -14.78
C LEU A 861 16.76 9.67 -13.80
N LEU A 862 17.74 8.87 -14.21
CA LEU A 862 18.34 7.93 -13.28
C LEU A 862 19.03 8.67 -12.14
N ALA A 863 19.57 9.85 -12.43
CA ALA A 863 20.18 10.64 -11.37
C ALA A 863 19.18 11.03 -10.29
N ILE A 864 17.88 11.00 -10.59
CA ILE A 864 16.87 11.42 -9.63
C ILE A 864 16.08 10.25 -9.03
N VAL A 865 16.04 9.09 -9.71
CA VAL A 865 15.31 7.90 -9.27
C VAL A 865 15.35 7.69 -7.74
N PRO A 866 16.52 7.79 -7.08
CA PRO A 866 16.52 7.67 -5.61
C PRO A 866 15.51 8.56 -4.89
N ILE A 867 15.46 9.85 -5.21
CA ILE A 867 14.59 10.76 -4.47
C ILE A 867 13.13 10.43 -4.74
N ILE A 868 12.79 10.05 -5.97
CA ILE A 868 11.41 9.68 -6.26
C ILE A 868 11.01 8.43 -5.48
N ALA A 869 11.91 7.44 -5.40
CA ALA A 869 11.59 6.27 -4.60
C ALA A 869 11.39 6.63 -3.14
N ILE A 870 12.26 7.47 -2.59
CA ILE A 870 12.11 7.87 -1.19
C ILE A 870 10.81 8.64 -0.99
N ALA A 871 10.37 9.36 -2.01
CA ALA A 871 9.14 10.15 -1.88
C ALA A 871 7.92 9.24 -1.90
N GLY A 872 7.95 8.21 -2.74
CA GLY A 872 6.90 7.21 -2.67
C GLY A 872 6.83 6.56 -1.31
N VAL A 873 7.99 6.23 -0.74
CA VAL A 873 8.01 5.59 0.59
C VAL A 873 7.42 6.51 1.64
N VAL A 874 7.81 7.79 1.62
CA VAL A 874 7.32 8.74 2.61
C VAL A 874 5.82 8.91 2.51
N GLU A 875 5.30 9.01 1.29
CA GLU A 875 3.86 9.14 1.15
C GLU A 875 3.13 7.88 1.63
N MET A 876 3.73 6.71 1.40
CA MET A 876 3.13 5.48 1.90
C MET A 876 3.10 5.43 3.41
N LYS A 877 4.13 5.95 4.07
CA LYS A 877 4.11 5.97 5.52
C LYS A 877 3.09 6.97 6.05
N MET A 878 2.90 8.09 5.34
CA MET A 878 1.85 9.02 5.74
C MET A 878 0.48 8.35 5.66
N LEU A 879 0.19 7.68 4.56
CA LEU A 879 -1.09 6.99 4.43
C LEU A 879 -1.24 5.88 5.44
N SER A 880 -0.15 5.15 5.70
CA SER A 880 -0.25 3.96 6.55
C SER A 880 -0.35 4.34 8.02
N GLY A 881 -0.10 5.61 8.34
CA GLY A 881 -0.20 6.09 9.69
C GLY A 881 0.60 5.25 10.65
N GLN A 882 1.81 4.88 10.25
CA GLN A 882 2.68 4.09 11.12
C GLN A 882 2.85 4.79 12.46
N ALA A 883 2.79 4.01 13.53
CA ALA A 883 2.76 4.57 14.88
C ALA A 883 3.97 5.48 15.12
N LEU A 884 3.77 6.49 15.95
CA LEU A 884 4.75 7.56 16.12
C LEU A 884 5.90 7.10 16.99
N LYS A 885 7.12 7.22 16.44
CA LYS A 885 8.32 6.81 17.17
C LYS A 885 8.41 7.44 18.55
N ASP A 886 7.91 8.68 18.69
CA ASP A 886 8.14 9.43 19.91
C ASP A 886 7.51 8.77 21.13
N LYS A 887 6.26 8.34 21.02
CA LYS A 887 5.60 7.66 22.12
C LYS A 887 6.23 6.30 22.40
N LYS A 888 6.59 5.57 21.35
CA LYS A 888 7.31 4.30 21.52
C LYS A 888 8.56 4.51 22.38
N GLU A 889 9.31 5.56 22.09
CA GLU A 889 10.46 5.90 22.93
C GLU A 889 10.01 6.31 24.34
N LEU A 890 9.03 7.19 24.42
CA LEU A 890 8.49 7.74 25.66
C LEU A 890 7.99 6.67 26.62
N GLU A 891 7.80 5.44 26.15
CA GLU A 891 7.39 4.35 27.03
C GLU A 891 8.16 4.32 28.35
N GLY A 892 9.44 4.70 28.33
CA GLY A 892 10.22 4.76 29.55
C GLY A 892 9.58 5.61 30.63
N ALA A 893 8.84 6.64 30.22
CA ALA A 893 8.15 7.54 31.14
C ALA A 893 6.79 7.02 31.59
N GLY A 894 6.41 5.82 31.16
CA GLY A 894 5.13 5.28 31.59
C GLY A 894 5.24 4.42 32.83
N LYS A 895 6.42 3.84 33.07
CA LYS A 895 6.61 3.01 34.25
C LYS A 895 6.40 3.79 35.53
N ILE A 896 6.65 5.10 35.51
CA ILE A 896 6.29 5.94 36.65
C ILE A 896 4.79 5.87 36.91
N ALA A 897 3.98 6.12 35.87
CA ALA A 897 2.54 6.09 36.06
C ALA A 897 2.04 4.72 36.45
N THR A 898 2.77 3.68 36.03
CA THR A 898 2.36 2.32 36.38
C THR A 898 2.66 2.02 37.85
N GLU A 899 3.89 2.28 38.28
CA GLU A 899 4.28 2.02 39.66
C GLU A 899 3.49 2.88 40.64
N ALA A 900 3.34 4.17 40.35
CA ALA A 900 2.79 5.10 41.34
C ALA A 900 1.32 4.83 41.65
N ILE A 901 0.63 4.07 40.81
CA ILE A 901 -0.70 3.60 41.13
C ILE A 901 -0.70 2.14 41.58
N GLU A 902 0.18 1.31 41.02
CA GLU A 902 0.21 -0.10 41.36
C GLU A 902 0.46 -0.31 42.84
N ASN A 903 1.36 0.48 43.42
CA ASN A 903 1.69 0.32 44.83
C ASN A 903 0.49 0.55 45.73
N PHE A 904 -0.11 1.73 45.65
CA PHE A 904 -1.31 2.06 46.43
C PHE A 904 -1.05 1.85 47.93
N ARG A 905 0.18 2.08 48.34
CA ARG A 905 0.51 1.96 49.75
C ARG A 905 0.98 3.29 50.32
N THR A 906 2.05 3.86 49.76
CA THR A 906 2.45 5.20 50.19
C THR A 906 1.42 6.22 49.75
N VAL A 907 0.77 5.96 48.61
CA VAL A 907 -0.34 6.79 48.17
C VAL A 907 -1.41 6.84 49.24
N VAL A 908 -1.63 5.73 49.94
CA VAL A 908 -2.49 5.76 51.11
C VAL A 908 -1.74 6.33 52.30
N SER A 909 -0.48 5.92 52.49
CA SER A 909 0.33 6.47 53.57
C SER A 909 0.35 7.99 53.53
N LEU A 910 0.54 8.55 52.35
CA LEU A 910 0.45 10.00 52.15
C LEU A 910 -0.20 10.24 50.80
N THR A 911 -1.02 11.30 50.72
CA THR A 911 -1.76 11.58 49.49
C THR A 911 -0.85 11.53 48.26
N GLN A 912 0.36 12.07 48.37
CA GLN A 912 1.43 11.84 47.39
C GLN A 912 1.03 12.17 45.97
N GLU A 913 -0.06 12.93 45.81
CA GLU A 913 -0.42 13.34 44.46
C GLU A 913 0.54 14.38 43.93
N GLN A 914 1.08 15.22 44.79
CA GLN A 914 2.00 16.23 44.31
C GLN A 914 3.33 15.61 43.90
N LYS A 915 3.94 14.81 44.77
CA LYS A 915 5.26 14.26 44.46
C LYS A 915 5.23 13.41 43.20
N PHE A 916 4.25 12.51 43.10
CA PHE A 916 4.22 11.62 41.94
C PHE A 916 3.58 12.25 40.71
N GLU A 917 2.58 13.10 40.88
CA GLU A 917 2.08 13.90 39.77
C GLU A 917 3.20 14.74 39.15
N HIS A 918 4.08 15.29 39.97
CA HIS A 918 5.16 16.12 39.45
C HIS A 918 6.29 15.29 38.88
N MET A 919 6.59 14.13 39.46
CA MET A 919 7.59 13.27 38.83
C MET A 919 7.13 12.82 37.46
N TYR A 920 5.85 12.53 37.31
CA TYR A 920 5.31 12.14 36.00
C TYR A 920 5.41 13.30 35.02
N ALA A 921 4.93 14.49 35.41
CA ALA A 921 5.04 15.66 34.53
C ALA A 921 6.48 15.90 34.11
N GLN A 922 7.41 15.84 35.06
CA GLN A 922 8.82 16.09 34.77
C GLN A 922 9.37 15.08 33.78
N SER A 923 9.06 13.80 33.98
CA SER A 923 9.52 12.81 33.02
C SER A 923 8.86 13.01 31.66
N LEU A 924 7.65 13.57 31.64
CA LEU A 924 6.95 13.81 30.39
C LEU A 924 7.57 14.97 29.62
N GLN A 925 8.20 15.90 30.34
CA GLN A 925 8.70 17.11 29.72
C GLN A 925 9.77 16.83 28.66
N VAL A 926 10.50 15.73 28.79
CA VAL A 926 11.62 15.47 27.88
C VAL A 926 11.15 15.00 26.51
N PRO A 927 10.19 14.08 26.39
CA PRO A 927 9.72 13.71 25.05
C PRO A 927 8.95 14.82 24.36
N TYR A 928 8.28 15.69 25.11
CA TYR A 928 7.59 16.82 24.49
C TYR A 928 8.57 17.66 23.67
N ARG A 929 9.73 17.99 24.24
CA ARG A 929 10.70 18.80 23.52
C ARG A 929 11.16 18.12 22.24
N ASN A 930 11.12 16.80 22.21
CA ASN A 930 11.53 16.08 21.02
C ASN A 930 10.40 16.01 20.00
N SER A 931 9.16 16.05 20.46
CA SER A 931 8.04 15.89 19.54
C SER A 931 7.94 17.05 18.57
N LEU A 932 8.28 18.26 19.00
CA LEU A 932 8.17 19.40 18.09
C LEU A 932 9.27 19.38 17.04
N ARG A 933 10.51 19.10 17.47
CA ARG A 933 11.57 18.87 16.50
C ARG A 933 11.16 17.81 15.48
N LYS A 934 10.50 16.76 15.93
CA LYS A 934 10.04 15.75 14.98
C LYS A 934 9.00 16.32 14.02
N ALA A 935 8.07 17.13 14.53
CA ALA A 935 7.04 17.67 13.64
C ALA A 935 7.64 18.54 12.55
N HIS A 936 8.61 19.38 12.91
CA HIS A 936 9.27 20.21 11.91
C HIS A 936 10.05 19.38 10.91
N ILE A 937 10.87 18.44 11.41
CA ILE A 937 11.69 17.62 10.52
C ILE A 937 10.83 16.85 9.55
N PHE A 938 9.72 16.27 10.02
CA PHE A 938 8.89 15.48 9.12
C PHE A 938 8.13 16.34 8.14
N GLY A 939 7.66 17.52 8.57
CA GLY A 939 7.07 18.43 7.62
C GLY A 939 8.02 18.76 6.49
N ILE A 940 9.26 19.10 6.82
CA ILE A 940 10.23 19.45 5.79
C ILE A 940 10.47 18.29 4.85
N THR A 941 10.61 17.08 5.42
CA THR A 941 10.92 15.85 4.62
C THR A 941 9.80 15.58 3.61
N PHE A 942 8.54 15.69 4.04
CA PHE A 942 7.38 15.50 3.17
C PHE A 942 7.35 16.56 2.07
N SER A 943 7.52 17.83 2.45
CA SER A 943 7.42 18.90 1.47
C SER A 943 8.50 18.78 0.42
N PHE A 944 9.73 18.52 0.85
CA PHE A 944 10.83 18.43 -0.10
C PHE A 944 10.62 17.30 -1.09
N THR A 945 10.19 16.13 -0.62
CA THR A 945 10.03 15.02 -1.56
C THR A 945 8.94 15.30 -2.59
N GLN A 946 7.81 15.88 -2.18
CA GLN A 946 6.80 16.17 -3.18
C GLN A 946 7.25 17.27 -4.16
N ALA A 947 7.78 18.37 -3.63
CA ALA A 947 8.29 19.40 -4.52
C ALA A 947 9.28 18.81 -5.50
N MET A 948 10.06 17.82 -5.07
CA MET A 948 11.01 17.19 -5.99
C MET A 948 10.29 16.46 -7.10
N MET A 949 9.15 15.85 -6.79
CA MET A 949 8.39 15.23 -7.87
C MET A 949 8.01 16.25 -8.94
N TYR A 950 7.54 17.42 -8.51
CA TYR A 950 7.11 18.43 -9.49
C TYR A 950 8.30 18.98 -10.29
N PHE A 951 9.42 19.25 -9.61
CA PHE A 951 10.60 19.74 -10.33
C PHE A 951 11.13 18.69 -11.29
N SER A 952 11.01 17.41 -10.94
CA SER A 952 11.42 16.34 -11.86
C SER A 952 10.58 16.36 -13.11
N TYR A 953 9.28 16.68 -12.93
CA TYR A 953 8.28 16.77 -14.03
C TYR A 953 8.73 17.88 -15.00
N ALA A 954 9.22 18.99 -14.45
CA ALA A 954 9.72 20.11 -15.26
C ALA A 954 11.02 19.76 -15.98
N GLY A 955 12.02 19.31 -15.23
CA GLY A 955 13.34 19.14 -15.79
C GLY A 955 13.40 18.03 -16.83
N CYS A 956 12.70 16.92 -16.58
CA CYS A 956 12.62 15.87 -17.59
C CYS A 956 12.00 16.38 -18.87
N PHE A 957 10.87 17.10 -18.79
CA PHE A 957 10.25 17.48 -20.06
C PHE A 957 11.00 18.60 -20.77
N ARG A 958 11.69 19.47 -20.03
CA ARG A 958 12.53 20.47 -20.70
C ARG A 958 13.69 19.81 -21.44
N PHE A 959 14.43 18.92 -20.78
CA PHE A 959 15.50 18.23 -21.49
C PHE A 959 14.95 17.44 -22.65
N GLY A 960 13.75 16.88 -22.51
CA GLY A 960 13.15 16.15 -23.62
C GLY A 960 12.82 17.04 -24.79
N ALA A 961 12.44 18.29 -24.52
CA ALA A 961 12.19 19.21 -25.63
C ALA A 961 13.48 19.61 -26.33
N TYR A 962 14.55 19.78 -25.57
CA TYR A 962 15.83 20.02 -26.25
C TYR A 962 16.22 18.84 -27.11
N LEU A 963 15.96 17.62 -26.65
CA LEU A 963 16.32 16.45 -27.43
C LEU A 963 15.48 16.34 -28.69
N VAL A 964 14.15 16.42 -28.55
CA VAL A 964 13.27 16.42 -29.71
C VAL A 964 13.69 17.50 -30.69
N ALA A 965 14.15 18.64 -30.19
CA ALA A 965 14.50 19.75 -31.06
C ALA A 965 15.66 19.41 -31.98
N HIS A 966 16.71 18.79 -31.44
CA HIS A 966 17.85 18.39 -32.23
C HIS A 966 17.70 16.99 -32.81
N LYS A 967 16.46 16.54 -33.01
CA LYS A 967 16.14 15.30 -33.71
C LYS A 967 16.93 14.11 -33.16
N LEU A 968 17.14 14.09 -31.86
CA LEU A 968 17.82 12.96 -31.24
C LEU A 968 16.85 11.87 -30.83
N MET A 969 15.58 12.21 -30.59
CA MET A 969 14.57 11.23 -30.19
C MET A 969 13.21 11.87 -30.34
N SER A 970 12.19 11.02 -30.44
CA SER A 970 10.84 11.48 -30.72
C SER A 970 10.13 11.92 -29.45
N PHE A 971 8.85 12.23 -29.57
CA PHE A 971 8.08 12.62 -28.39
C PHE A 971 7.53 11.41 -27.66
N GLU A 972 7.09 10.40 -28.41
CA GLU A 972 6.71 9.14 -27.79
C GLU A 972 7.82 8.60 -26.90
N ASP A 973 9.07 8.77 -27.32
CA ASP A 973 10.17 8.23 -26.54
C ASP A 973 10.37 9.00 -25.25
N VAL A 974 10.25 10.32 -25.28
CA VAL A 974 10.42 11.06 -24.03
C VAL A 974 9.28 10.75 -23.09
N LEU A 975 8.10 10.49 -23.64
CA LEU A 975 6.96 10.14 -22.79
C LEU A 975 7.13 8.75 -22.20
N LEU A 976 7.61 7.80 -22.99
CA LEU A 976 7.83 6.45 -22.50
C LEU A 976 8.93 6.43 -21.45
N VAL A 977 10.00 7.20 -21.65
CA VAL A 977 11.07 7.23 -20.65
C VAL A 977 10.57 7.86 -19.36
N PHE A 978 9.86 8.99 -19.47
CA PHE A 978 9.26 9.60 -18.30
C PHE A 978 8.43 8.61 -17.52
N SER A 979 7.42 8.01 -18.15
CA SER A 979 6.59 7.06 -17.41
C SER A 979 7.42 5.90 -16.86
N ALA A 980 8.02 5.11 -17.74
CA ALA A 980 8.68 3.88 -17.34
C ALA A 980 9.78 4.08 -16.31
N VAL A 981 10.39 5.26 -16.22
CA VAL A 981 11.44 5.43 -15.22
C VAL A 981 10.94 6.19 -14.00
N VAL A 982 10.39 7.39 -14.18
CA VAL A 982 9.95 8.17 -13.03
C VAL A 982 8.87 7.44 -12.25
N PHE A 983 7.80 7.01 -12.93
CA PHE A 983 6.75 6.38 -12.16
C PHE A 983 7.11 4.95 -11.79
N GLY A 984 8.00 4.30 -12.54
CA GLY A 984 8.55 3.05 -12.06
C GLY A 984 9.27 3.20 -10.73
N ALA A 985 10.01 4.30 -10.57
CA ALA A 985 10.66 4.58 -9.29
C ALA A 985 9.64 4.78 -8.19
N MET A 986 8.59 5.55 -8.47
CA MET A 986 7.58 5.79 -7.45
C MET A 986 6.88 4.48 -7.03
N ALA A 987 6.66 3.58 -7.98
CA ALA A 987 6.05 2.30 -7.63
C ALA A 987 7.01 1.42 -6.84
N VAL A 988 8.30 1.44 -7.19
CA VAL A 988 9.32 0.78 -6.36
C VAL A 988 9.20 1.27 -4.93
N GLY A 989 9.06 2.57 -4.76
CA GLY A 989 8.96 3.12 -3.42
C GLY A 989 7.77 2.61 -2.65
N GLN A 990 6.59 2.68 -3.27
CA GLN A 990 5.38 2.26 -2.56
C GLN A 990 5.45 0.78 -2.15
N VAL A 991 5.84 -0.08 -3.08
CA VAL A 991 5.84 -1.50 -2.76
C VAL A 991 6.94 -1.83 -1.76
N SER A 992 8.08 -1.14 -1.80
CA SER A 992 9.08 -1.40 -0.78
C SER A 992 8.68 -0.83 0.58
N SER A 993 7.73 0.10 0.60
CA SER A 993 7.21 0.57 1.88
C SER A 993 6.28 -0.45 2.50
N PHE A 994 5.46 -1.11 1.70
CA PHE A 994 4.54 -2.10 2.28
C PHE A 994 5.28 -3.25 2.97
N ALA A 995 6.50 -3.54 2.51
CA ALA A 995 7.29 -4.66 3.08
C ALA A 995 7.61 -4.37 4.55
N PRO A 996 7.47 -5.37 5.46
CA PRO A 996 7.79 -5.19 6.87
C PRO A 996 9.32 -5.12 7.04
N ASP A 997 9.80 -4.45 8.09
CA ASP A 997 11.27 -4.32 8.28
C ASP A 997 11.86 -5.73 8.36
N TYR A 998 12.93 -5.98 7.61
CA TYR A 998 13.56 -7.29 7.56
C TYR A 998 14.38 -7.57 8.81
N ALA A 999 14.95 -6.54 9.45
CA ALA A 999 15.76 -6.78 10.63
C ALA A 999 14.90 -7.16 11.83
N LYS A 1000 13.78 -6.48 12.03
CA LYS A 1000 12.86 -6.85 13.10
C LYS A 1000 12.41 -8.30 12.93
N ALA A 1001 11.92 -8.64 11.74
CA ALA A 1001 11.40 -9.98 11.52
C ALA A 1001 12.50 -11.04 11.57
N LYS A 1002 13.72 -10.70 11.17
CA LYS A 1002 14.81 -11.67 11.20
C LYS A 1002 15.25 -11.96 12.63
N ILE A 1003 15.46 -10.92 13.43
CA ILE A 1003 15.70 -11.13 14.86
C ILE A 1003 14.58 -11.95 15.48
N SER A 1004 13.33 -11.62 15.15
CA SER A 1004 12.21 -12.33 15.75
C SER A 1004 12.23 -13.81 15.39
N ALA A 1005 12.54 -14.13 14.14
CA ALA A 1005 12.64 -15.54 13.77
C ALA A 1005 13.74 -16.23 14.55
N ALA A 1006 14.83 -15.51 14.83
CA ALA A 1006 15.88 -16.10 15.65
C ALA A 1006 15.39 -16.39 17.07
N HIS A 1007 14.55 -15.51 17.62
CA HIS A 1007 13.97 -15.75 18.94
C HIS A 1007 13.09 -17.01 18.94
N ILE A 1008 12.20 -17.12 17.96
CA ILE A 1008 11.32 -18.28 17.88
C ILE A 1008 12.14 -19.56 17.77
N ILE A 1009 13.21 -19.54 16.97
CA ILE A 1009 14.06 -20.72 16.85
C ILE A 1009 14.70 -21.05 18.18
N MET A 1010 15.13 -20.02 18.93
CA MET A 1010 15.69 -20.24 20.25
C MET A 1010 14.72 -21.02 21.13
N ILE A 1011 13.44 -20.62 21.11
CA ILE A 1011 12.46 -21.36 21.92
C ILE A 1011 12.26 -22.78 21.37
N ILE A 1012 12.09 -22.91 20.06
CA ILE A 1012 11.73 -24.20 19.47
C ILE A 1012 12.80 -25.25 19.74
N GLU A 1013 14.07 -24.90 19.54
CA GLU A 1013 15.13 -25.89 19.71
C GLU A 1013 15.63 -25.96 21.14
N LYS A 1014 14.94 -25.30 22.07
CA LYS A 1014 15.34 -25.32 23.47
C LYS A 1014 15.17 -26.71 24.07
N THR A 1015 16.17 -27.15 24.82
CA THR A 1015 16.14 -28.47 25.45
C THR A 1015 15.74 -28.38 26.92
N PRO A 1016 14.72 -29.17 27.31
CA PRO A 1016 14.22 -29.21 28.69
C PRO A 1016 15.04 -30.14 29.56
N LEU A 1017 15.33 -29.71 30.78
CA LEU A 1017 16.10 -30.52 31.72
C LEU A 1017 15.42 -31.87 31.99
N ILE A 1018 14.28 -31.81 32.67
CA ILE A 1018 13.53 -33.01 32.99
C ILE A 1018 12.63 -33.41 31.82
N ASP A 1019 13.11 -34.35 31.00
CA ASP A 1019 12.35 -34.81 29.85
C ASP A 1019 10.98 -35.35 30.26
N SER A 1020 9.97 -35.05 29.46
CA SER A 1020 8.61 -35.51 29.76
C SER A 1020 8.11 -36.60 28.82
N TYR A 1021 8.76 -36.77 27.68
CA TYR A 1021 8.32 -37.77 26.72
C TYR A 1021 9.12 -39.08 26.82
N SER A 1022 10.37 -39.03 27.26
CA SER A 1022 11.20 -40.22 27.31
C SER A 1022 10.66 -41.23 28.31
N THR A 1023 10.93 -42.50 28.04
CA THR A 1023 10.54 -43.59 28.94
C THR A 1023 11.72 -44.24 29.63
N GLU A 1024 12.95 -43.84 29.29
CA GLU A 1024 14.12 -44.43 29.90
C GLU A 1024 14.23 -44.03 31.37
N GLY A 1025 14.92 -44.87 32.13
CA GLY A 1025 15.05 -44.73 33.56
C GLY A 1025 14.86 -46.08 34.22
N LEU A 1026 14.62 -46.05 35.52
CA LEU A 1026 14.33 -47.27 36.27
C LEU A 1026 12.82 -47.49 36.29
N MET A 1027 12.39 -48.64 35.77
CA MET A 1027 10.98 -49.04 35.79
C MET A 1027 10.87 -50.34 36.56
N PRO A 1028 10.69 -50.27 37.88
CA PRO A 1028 10.32 -51.46 38.63
C PRO A 1028 8.83 -51.75 38.48
N ASN A 1029 8.47 -53.01 38.67
CA ASN A 1029 7.07 -53.40 38.54
C ASN A 1029 6.29 -53.19 39.82
N THR A 1030 6.96 -53.12 40.96
CA THR A 1030 6.30 -53.01 42.26
C THR A 1030 6.85 -51.84 43.05
N LEU A 1031 6.17 -51.54 44.16
CA LEU A 1031 6.58 -50.51 45.10
C LEU A 1031 6.00 -50.86 46.47
N GLU A 1032 6.37 -50.07 47.48
CA GLU A 1032 5.79 -50.18 48.80
C GLU A 1032 5.11 -48.90 49.28
N GLY A 1033 5.79 -47.76 49.16
CA GLY A 1033 5.19 -46.49 49.57
C GLY A 1033 5.90 -45.79 50.71
N ASN A 1034 7.22 -45.94 50.80
CA ASN A 1034 8.03 -45.31 51.83
C ASN A 1034 8.93 -44.27 51.19
N VAL A 1035 9.04 -43.11 51.84
CA VAL A 1035 9.82 -41.98 51.33
C VAL A 1035 10.81 -41.55 52.40
N THR A 1036 12.04 -41.24 51.97
CA THR A 1036 13.10 -40.92 52.92
C THR A 1036 13.92 -39.73 52.39
N PHE A 1037 13.76 -38.58 53.02
CA PHE A 1037 14.58 -37.40 52.74
C PHE A 1037 15.78 -37.39 53.68
N GLY A 1038 16.96 -37.15 53.11
CA GLY A 1038 18.16 -36.99 53.91
C GLY A 1038 19.05 -35.84 53.47
N GLU A 1039 19.25 -34.86 54.36
CA GLU A 1039 20.17 -33.74 54.12
C GLU A 1039 19.84 -32.97 52.85
N VAL A 1040 18.56 -32.85 52.52
CA VAL A 1040 18.16 -32.21 51.27
C VAL A 1040 18.22 -30.70 51.43
N VAL A 1041 18.97 -30.03 50.56
CA VAL A 1041 19.08 -28.58 50.53
C VAL A 1041 18.62 -28.10 49.16
N PHE A 1042 17.86 -27.00 49.16
CA PHE A 1042 17.32 -26.46 47.91
C PHE A 1042 17.37 -24.94 47.94
N ASN A 1043 17.92 -24.36 46.87
CA ASN A 1043 17.91 -22.92 46.64
C ASN A 1043 17.17 -22.65 45.34
N TYR A 1044 16.39 -21.57 45.32
CA TYR A 1044 15.64 -21.22 44.12
C TYR A 1044 16.59 -20.71 43.04
N PRO A 1045 16.39 -21.14 41.78
CA PRO A 1045 17.28 -20.66 40.72
C PRO A 1045 17.12 -19.18 40.42
N THR A 1046 15.99 -18.58 40.77
CA THR A 1046 15.84 -17.14 40.62
C THR A 1046 16.40 -16.37 41.81
N ARG A 1047 16.57 -17.03 42.96
CA ARG A 1047 17.09 -16.42 44.17
C ARG A 1047 18.31 -17.22 44.62
N PRO A 1048 19.43 -17.12 43.89
CA PRO A 1048 20.59 -17.96 44.22
C PRO A 1048 21.30 -17.57 45.50
N ASP A 1049 21.12 -16.34 45.98
CA ASP A 1049 21.80 -15.89 47.18
C ASP A 1049 21.04 -16.21 48.46
N ILE A 1050 19.73 -16.42 48.39
CA ILE A 1050 18.88 -16.59 49.56
C ILE A 1050 18.56 -18.08 49.69
N PRO A 1051 19.14 -18.79 50.68
CA PRO A 1051 18.76 -20.20 50.87
C PRO A 1051 17.50 -20.36 51.72
N VAL A 1052 16.47 -20.99 51.15
CA VAL A 1052 15.25 -21.25 51.91
C VAL A 1052 15.33 -22.53 52.71
N LEU A 1053 16.20 -23.48 52.31
CA LEU A 1053 16.39 -24.74 53.02
C LEU A 1053 17.84 -24.85 53.50
N GLN A 1054 18.02 -25.60 54.58
CA GLN A 1054 19.34 -25.78 55.19
C GLN A 1054 19.55 -27.23 55.60
N GLY A 1055 19.20 -28.16 54.72
CA GLY A 1055 19.50 -29.56 54.97
C GLY A 1055 18.45 -30.32 55.76
N LEU A 1056 17.24 -30.39 55.24
CA LEU A 1056 16.15 -31.09 55.88
C LEU A 1056 16.35 -32.61 55.83
N SER A 1057 15.49 -33.33 56.53
CA SER A 1057 15.43 -34.78 56.47
C SER A 1057 14.08 -35.24 57.00
N LEU A 1058 13.60 -36.36 56.47
CA LEU A 1058 12.27 -36.83 56.84
C LEU A 1058 12.15 -38.32 56.52
N GLU A 1059 11.38 -39.02 57.35
CA GLU A 1059 11.13 -40.45 57.17
C GLU A 1059 9.63 -40.69 57.20
N VAL A 1060 9.08 -41.16 56.08
CA VAL A 1060 7.66 -41.41 55.94
C VAL A 1060 7.45 -42.89 55.61
N LYS A 1061 6.56 -43.54 56.34
CA LYS A 1061 6.18 -44.93 56.12
C LYS A 1061 4.76 -45.01 55.58
N LYS A 1062 4.27 -46.24 55.44
CA LYS A 1062 2.97 -46.47 54.81
C LYS A 1062 1.83 -45.97 55.69
N GLY A 1063 0.97 -45.15 55.12
CA GLY A 1063 -0.23 -44.70 55.81
C GLY A 1063 0.03 -43.75 56.95
N GLN A 1064 1.16 -43.04 56.93
CA GLN A 1064 1.55 -42.14 58.02
C GLN A 1064 1.10 -40.73 57.68
N THR A 1065 0.05 -40.28 58.36
CA THR A 1065 -0.50 -38.94 58.17
C THR A 1065 0.51 -37.93 58.71
N LEU A 1066 1.32 -37.35 57.83
CA LEU A 1066 2.44 -36.51 58.21
C LEU A 1066 2.03 -35.04 58.06
N ALA A 1067 1.85 -34.37 59.20
CA ALA A 1067 1.54 -32.94 59.20
C ALA A 1067 2.82 -32.14 59.13
N LEU A 1068 2.77 -31.03 58.41
CA LEU A 1068 3.90 -30.11 58.28
C LEU A 1068 3.41 -28.72 58.68
N VAL A 1069 3.86 -28.25 59.85
CA VAL A 1069 3.41 -26.99 60.42
C VAL A 1069 4.59 -26.04 60.48
N GLY A 1070 4.34 -24.78 60.18
CA GLY A 1070 5.39 -23.78 60.21
C GLY A 1070 4.83 -22.42 59.86
N SER A 1071 5.74 -21.46 59.78
CA SER A 1071 5.33 -20.10 59.43
C SER A 1071 4.99 -20.00 57.95
N SER A 1072 4.38 -18.86 57.58
CA SER A 1072 4.04 -18.60 56.20
C SER A 1072 5.30 -18.25 55.42
N GLY A 1073 5.82 -19.22 54.68
CA GLY A 1073 7.03 -19.00 53.89
C GLY A 1073 8.26 -19.63 54.50
N CYS A 1074 8.10 -20.82 55.07
CA CYS A 1074 9.23 -21.56 55.67
C CYS A 1074 9.51 -22.86 54.94
N GLY A 1075 9.14 -22.95 53.66
CA GLY A 1075 9.32 -24.17 52.91
C GLY A 1075 8.22 -25.18 53.16
N LYS A 1076 6.97 -24.76 52.91
CA LYS A 1076 5.82 -25.64 53.09
C LYS A 1076 5.46 -26.38 51.80
N SER A 1077 5.33 -25.64 50.71
CA SER A 1077 5.13 -26.24 49.39
C SER A 1077 6.44 -26.66 48.74
N THR A 1078 7.58 -26.36 49.37
CA THR A 1078 8.85 -26.73 48.79
C THR A 1078 9.05 -28.24 48.81
N VAL A 1079 8.60 -28.91 49.88
CA VAL A 1079 8.71 -30.36 49.93
C VAL A 1079 7.81 -31.00 48.88
N VAL A 1080 6.72 -30.32 48.50
CA VAL A 1080 5.87 -30.83 47.44
C VAL A 1080 6.58 -30.74 46.10
N GLN A 1081 7.11 -29.56 45.77
CA GLN A 1081 7.82 -29.41 44.51
C GLN A 1081 9.08 -30.26 44.45
N LEU A 1082 9.63 -30.64 45.61
CA LEU A 1082 10.78 -31.53 45.61
C LEU A 1082 10.35 -32.98 45.35
N LEU A 1083 9.09 -33.32 45.63
CA LEU A 1083 8.61 -34.67 45.39
C LEU A 1083 8.12 -34.82 43.95
N GLU A 1084 7.48 -33.79 43.41
CA GLU A 1084 6.81 -33.92 42.13
C GLU A 1084 7.72 -33.63 40.94
N ARG A 1085 9.04 -33.70 41.11
CA ARG A 1085 9.98 -33.56 40.00
C ARG A 1085 9.90 -32.19 39.33
N PHE A 1086 9.59 -31.16 40.11
CA PHE A 1086 9.66 -29.80 39.57
C PHE A 1086 11.09 -29.29 39.64
N TYR A 1087 11.66 -29.24 40.84
CA TYR A 1087 13.02 -28.78 41.05
C TYR A 1087 13.86 -29.90 41.65
N ASP A 1088 14.90 -30.32 40.94
CA ASP A 1088 15.81 -31.31 41.49
C ASP A 1088 16.84 -30.60 42.38
N PRO A 1089 17.04 -31.06 43.61
CA PRO A 1089 17.94 -30.34 44.52
C PRO A 1089 19.40 -30.53 44.15
N LEU A 1090 20.22 -29.55 44.56
CA LEU A 1090 21.65 -29.62 44.28
C LEU A 1090 22.33 -30.62 45.20
N ALA A 1091 21.91 -30.69 46.46
CA ALA A 1091 22.45 -31.63 47.42
C ALA A 1091 21.30 -32.37 48.10
N GLY A 1092 21.63 -33.47 48.75
CA GLY A 1092 20.65 -34.29 49.44
C GLY A 1092 20.44 -35.61 48.76
N LYS A 1093 19.74 -36.51 49.47
CA LYS A 1093 19.43 -37.83 48.98
C LYS A 1093 17.99 -38.18 49.33
N VAL A 1094 17.22 -38.58 48.32
CA VAL A 1094 15.82 -38.96 48.49
C VAL A 1094 15.67 -40.40 48.03
N LEU A 1095 15.13 -41.25 48.91
CA LEU A 1095 14.92 -42.67 48.63
C LEU A 1095 13.42 -42.95 48.62
N LEU A 1096 12.90 -43.35 47.48
CA LEU A 1096 11.50 -43.74 47.33
C LEU A 1096 11.45 -45.27 47.34
N ASP A 1097 11.22 -45.85 48.51
CA ASP A 1097 11.24 -47.31 48.70
C ASP A 1097 12.57 -47.89 48.28
N GLY A 1098 13.67 -47.28 48.75
CA GLY A 1098 14.99 -47.70 48.34
C GLY A 1098 15.28 -47.52 46.86
N LYS A 1099 14.55 -46.64 46.19
CA LYS A 1099 14.73 -46.37 44.77
C LYS A 1099 14.88 -44.86 44.59
N GLU A 1100 16.06 -44.43 44.15
CA GLU A 1100 16.31 -43.01 43.95
C GLU A 1100 15.46 -42.48 42.80
N ILE A 1101 14.77 -41.36 43.06
CA ILE A 1101 13.88 -40.77 42.07
C ILE A 1101 14.63 -40.28 40.84
N LYS A 1102 15.91 -39.95 40.98
CA LYS A 1102 16.66 -39.42 39.85
C LYS A 1102 16.96 -40.48 38.79
N ARG A 1103 16.79 -41.75 39.10
CA ARG A 1103 17.08 -42.83 38.15
C ARG A 1103 15.81 -43.49 37.62
N LEU A 1104 14.65 -43.16 38.16
CA LEU A 1104 13.40 -43.81 37.78
C LEU A 1104 12.86 -43.22 36.48
N ASN A 1105 11.62 -43.58 36.17
CA ASN A 1105 10.90 -43.00 35.06
C ASN A 1105 10.22 -41.71 35.50
N VAL A 1106 10.20 -40.72 34.59
CA VAL A 1106 9.78 -39.38 34.97
C VAL A 1106 8.26 -39.28 35.02
N GLN A 1107 7.58 -39.90 34.06
CA GLN A 1107 6.12 -39.82 34.04
C GLN A 1107 5.45 -40.83 34.94
N TRP A 1108 6.18 -41.86 35.38
CA TRP A 1108 5.59 -42.84 36.29
C TRP A 1108 5.31 -42.23 37.65
N LEU A 1109 6.24 -41.42 38.18
CA LEU A 1109 6.03 -40.76 39.45
C LEU A 1109 4.97 -39.68 39.34
N ARG A 1110 4.86 -39.03 38.19
CA ARG A 1110 3.80 -38.07 38.00
C ARG A 1110 2.47 -38.74 37.68
N ALA A 1111 2.52 -40.00 37.24
CA ALA A 1111 1.28 -40.74 36.98
C ALA A 1111 0.70 -41.30 38.27
N HIS A 1112 1.56 -41.69 39.20
CA HIS A 1112 1.12 -42.47 40.35
C HIS A 1112 0.41 -41.59 41.38
N LEU A 1113 1.03 -40.50 41.80
CA LEU A 1113 0.50 -39.69 42.89
C LEU A 1113 -0.54 -38.70 42.38
N GLY A 1114 -1.03 -37.86 43.29
CA GLY A 1114 -2.06 -36.88 42.97
C GLY A 1114 -2.33 -35.90 44.10
N ILE A 1115 -2.44 -34.61 43.77
CA ILE A 1115 -2.44 -33.55 44.78
C ILE A 1115 -3.58 -32.57 44.54
N VAL A 1116 -3.92 -31.78 45.54
CA VAL A 1116 -4.77 -30.60 45.40
C VAL A 1116 -3.89 -29.37 45.48
N SER A 1117 -4.10 -28.43 44.55
CA SER A 1117 -3.27 -27.25 44.43
C SER A 1117 -3.48 -26.30 45.62
N GLN A 1118 -2.60 -25.30 45.72
CA GLN A 1118 -2.75 -24.30 46.77
C GLN A 1118 -3.88 -23.34 46.48
N GLU A 1119 -4.20 -23.12 45.20
CA GLU A 1119 -5.37 -22.37 44.78
C GLU A 1119 -6.04 -23.15 43.65
N PRO A 1120 -7.35 -23.38 43.73
CA PRO A 1120 -8.02 -24.18 42.69
C PRO A 1120 -8.06 -23.44 41.37
N ILE A 1121 -7.76 -24.18 40.30
CA ILE A 1121 -7.72 -23.62 38.95
C ILE A 1121 -8.56 -24.52 38.06
N LEU A 1122 -9.36 -23.91 37.20
CA LEU A 1122 -10.32 -24.61 36.36
C LEU A 1122 -10.18 -24.18 34.91
N PHE A 1123 -10.17 -25.17 34.02
CA PHE A 1123 -10.14 -24.90 32.59
C PHE A 1123 -11.50 -24.38 32.12
N ASP A 1124 -11.52 -23.82 30.92
CA ASP A 1124 -12.76 -23.28 30.35
C ASP A 1124 -13.53 -24.41 29.68
N CYS A 1125 -14.22 -25.19 30.50
CA CYS A 1125 -15.05 -26.27 30.01
C CYS A 1125 -16.03 -26.64 31.12
N SER A 1126 -16.86 -27.63 30.83
CA SER A 1126 -17.91 -28.03 31.76
C SER A 1126 -17.36 -28.58 33.07
N ILE A 1127 -18.14 -28.35 34.12
CA ILE A 1127 -17.82 -28.72 35.53
C ILE A 1127 -17.68 -30.24 35.65
N ALA A 1128 -18.53 -31.02 34.98
CA ALA A 1128 -18.38 -32.49 35.08
C ALA A 1128 -16.99 -32.86 34.54
N GLU A 1129 -16.62 -32.29 33.38
CA GLU A 1129 -15.28 -32.51 32.78
C GLU A 1129 -14.22 -31.86 33.67
N ASN A 1130 -14.49 -30.63 34.16
CA ASN A 1130 -13.54 -29.87 34.99
C ASN A 1130 -13.25 -30.61 36.30
N ILE A 1131 -14.30 -31.12 36.96
CA ILE A 1131 -14.12 -31.89 38.24
C ILE A 1131 -13.34 -33.16 37.90
N ALA A 1132 -13.70 -33.79 36.79
CA ALA A 1132 -13.03 -35.04 36.33
C ALA A 1132 -11.56 -34.74 36.03
N TYR A 1133 -11.26 -33.59 35.41
CA TYR A 1133 -9.86 -33.32 35.09
C TYR A 1133 -8.97 -33.95 36.16
N GLY A 1134 -7.90 -34.61 35.71
CA GLY A 1134 -7.01 -35.27 36.65
C GLY A 1134 -6.48 -36.60 36.18
N ASP A 1135 -7.24 -37.30 35.34
CA ASP A 1135 -6.83 -38.58 34.79
C ASP A 1135 -6.81 -38.50 33.27
N ASN A 1136 -5.73 -38.99 32.67
CA ASN A 1136 -5.54 -38.93 31.23
C ASN A 1136 -4.94 -40.24 30.73
N SER A 1137 -4.90 -40.38 29.42
CA SER A 1137 -4.51 -41.63 28.75
C SER A 1137 -5.37 -42.79 29.24
N ARG A 1138 -6.65 -42.51 29.52
CA ARG A 1138 -7.53 -43.51 30.10
C ARG A 1138 -8.97 -43.17 29.76
N VAL A 1139 -9.77 -44.20 29.51
CA VAL A 1139 -11.19 -44.03 29.24
C VAL A 1139 -11.88 -43.64 30.55
N VAL A 1140 -12.38 -42.41 30.61
CA VAL A 1140 -12.94 -41.84 31.84
C VAL A 1140 -14.40 -42.27 31.96
N SER A 1141 -14.69 -43.12 32.94
CA SER A 1141 -16.05 -43.60 33.16
C SER A 1141 -16.85 -42.57 33.95
N GLN A 1142 -18.13 -42.41 33.57
CA GLN A 1142 -18.97 -41.44 34.26
C GLN A 1142 -19.44 -41.94 35.61
N GLU A 1143 -19.44 -43.25 35.83
CA GLU A 1143 -19.77 -43.78 37.15
C GLU A 1143 -18.73 -43.35 38.19
N GLU A 1144 -17.46 -43.31 37.78
CA GLU A 1144 -16.42 -42.76 38.66
C GLU A 1144 -16.57 -41.25 38.82
N ILE A 1145 -17.17 -40.58 37.84
CA ILE A 1145 -17.41 -39.15 37.94
C ILE A 1145 -18.47 -38.86 39.00
N VAL A 1146 -19.59 -39.59 38.95
CA VAL A 1146 -20.66 -39.35 39.92
C VAL A 1146 -20.29 -39.94 41.28
N ARG A 1147 -19.45 -40.97 41.31
CA ARG A 1147 -18.99 -41.51 42.58
C ARG A 1147 -18.05 -40.53 43.28
N ALA A 1148 -17.12 -39.94 42.52
CA ALA A 1148 -16.24 -38.92 43.09
C ALA A 1148 -17.02 -37.68 43.51
N ALA A 1149 -18.10 -37.35 42.79
CA ALA A 1149 -18.89 -36.18 43.15
C ALA A 1149 -19.67 -36.41 44.43
N LYS A 1150 -20.08 -37.66 44.69
CA LYS A 1150 -20.73 -37.97 45.95
C LYS A 1150 -19.73 -38.04 47.09
N GLU A 1151 -18.52 -38.52 46.82
CA GLU A 1151 -17.52 -38.66 47.87
C GLU A 1151 -16.96 -37.31 48.31
N ALA A 1152 -16.91 -36.34 47.40
CA ALA A 1152 -16.45 -35.00 47.74
C ALA A 1152 -17.59 -34.08 48.16
N ASN A 1153 -18.82 -34.59 48.24
CA ASN A 1153 -20.00 -33.81 48.57
C ASN A 1153 -20.14 -32.58 47.67
N ILE A 1154 -19.84 -32.75 46.40
CA ILE A 1154 -20.16 -31.76 45.37
C ILE A 1154 -21.30 -32.22 44.50
N HIS A 1155 -21.72 -33.49 44.62
CA HIS A 1155 -22.79 -34.02 43.79
C HIS A 1155 -24.06 -33.19 43.92
N ALA A 1156 -24.30 -32.59 45.09
CA ALA A 1156 -25.48 -31.77 45.29
C ALA A 1156 -25.45 -30.52 44.43
N PHE A 1157 -24.34 -29.77 44.48
CA PHE A 1157 -24.24 -28.53 43.71
C PHE A 1157 -24.16 -28.77 42.22
N ILE A 1158 -23.74 -29.95 41.78
CA ILE A 1158 -23.75 -30.26 40.36
C ILE A 1158 -25.14 -30.67 39.90
N GLU A 1159 -25.80 -31.55 40.64
CA GLU A 1159 -27.14 -31.98 40.27
C GLU A 1159 -28.16 -30.86 40.41
N SER A 1160 -27.82 -29.78 41.12
CA SER A 1160 -28.74 -28.66 41.25
C SER A 1160 -28.68 -27.73 40.05
N LEU A 1161 -27.56 -27.71 39.33
CA LEU A 1161 -27.33 -26.73 38.28
C LEU A 1161 -27.98 -27.17 36.97
N PRO A 1162 -28.54 -26.24 36.20
CA PRO A 1162 -29.05 -26.58 34.86
C PRO A 1162 -27.92 -26.91 33.90
N ASN A 1163 -28.19 -27.84 32.99
CA ASN A 1163 -27.16 -28.50 32.21
C ASN A 1163 -26.05 -29.00 33.13
N LYS A 1164 -26.44 -29.93 34.00
CA LYS A 1164 -25.71 -30.21 35.23
C LYS A 1164 -24.26 -30.60 34.96
N TYR A 1165 -24.03 -31.56 34.06
CA TYR A 1165 -22.68 -31.96 33.69
C TYR A 1165 -22.22 -31.33 32.38
N SER A 1166 -22.95 -30.32 31.90
CA SER A 1166 -22.54 -29.57 30.71
C SER A 1166 -22.47 -28.08 30.99
N THR A 1167 -22.51 -27.67 32.26
CA THR A 1167 -22.51 -26.26 32.62
C THR A 1167 -21.15 -25.62 32.34
N LYS A 1168 -21.13 -24.65 31.44
CA LYS A 1168 -19.88 -24.03 31.03
C LYS A 1168 -19.34 -23.13 32.13
N VAL A 1169 -18.16 -23.47 32.64
CA VAL A 1169 -17.47 -22.68 33.66
C VAL A 1169 -16.46 -21.78 32.96
N GLY A 1170 -16.39 -20.52 33.40
CA GLY A 1170 -15.47 -19.56 32.85
C GLY A 1170 -14.03 -19.80 33.26
N ASP A 1171 -13.25 -18.72 33.25
CA ASP A 1171 -11.82 -18.79 33.54
C ASP A 1171 -11.57 -18.88 35.04
N LYS A 1172 -10.92 -19.96 35.47
CA LYS A 1172 -10.53 -20.17 36.87
C LYS A 1172 -11.75 -20.15 37.80
N GLY A 1173 -12.81 -20.83 37.37
CA GLY A 1173 -13.98 -21.00 38.22
C GLY A 1173 -14.57 -19.72 38.76
N THR A 1174 -14.45 -18.62 37.99
CA THR A 1174 -14.90 -17.32 38.47
C THR A 1174 -16.41 -17.20 38.55
N GLN A 1175 -17.16 -18.18 38.04
CA GLN A 1175 -18.62 -18.12 38.11
C GLN A 1175 -19.14 -18.64 39.45
N LEU A 1176 -18.64 -19.79 39.89
CA LEU A 1176 -19.06 -20.39 41.16
C LEU A 1176 -18.13 -20.00 42.29
N SER A 1177 -18.51 -20.38 43.51
CA SER A 1177 -17.87 -19.92 44.73
C SER A 1177 -16.58 -20.67 45.01
N GLY A 1178 -15.88 -20.23 46.06
CA GLY A 1178 -14.56 -20.74 46.38
C GLY A 1178 -14.57 -22.09 47.09
N GLY A 1179 -15.54 -22.28 48.00
CA GLY A 1179 -15.67 -23.58 48.64
C GLY A 1179 -16.07 -24.67 47.67
N GLN A 1180 -16.90 -24.35 46.68
CA GLN A 1180 -17.28 -25.35 45.68
C GLN A 1180 -16.11 -25.69 44.77
N LYS A 1181 -15.35 -24.68 44.33
CA LYS A 1181 -14.22 -24.97 43.46
C LYS A 1181 -13.08 -25.66 44.20
N GLN A 1182 -12.99 -25.43 45.51
CA GLN A 1182 -12.05 -26.19 46.32
C GLN A 1182 -12.54 -27.62 46.51
N ARG A 1183 -13.85 -27.80 46.61
CA ARG A 1183 -14.42 -29.14 46.74
C ARG A 1183 -14.26 -29.93 45.46
N ILE A 1184 -14.51 -29.30 44.32
CA ILE A 1184 -14.30 -29.97 43.04
C ILE A 1184 -12.82 -30.21 42.76
N ALA A 1185 -11.94 -29.42 43.35
CA ALA A 1185 -10.52 -29.77 43.32
C ALA A 1185 -10.27 -31.08 44.05
N ILE A 1186 -10.91 -31.27 45.20
CA ILE A 1186 -10.82 -32.53 45.93
C ILE A 1186 -11.35 -33.68 45.07
N ALA A 1187 -12.45 -33.44 44.35
CA ALA A 1187 -12.98 -34.48 43.47
C ALA A 1187 -12.10 -34.66 42.24
N ARG A 1188 -11.29 -33.65 41.90
CA ARG A 1188 -10.34 -33.83 40.82
C ARG A 1188 -9.17 -34.70 41.26
N ALA A 1189 -8.60 -34.41 42.43
CA ALA A 1189 -7.56 -35.28 42.98
C ALA A 1189 -8.08 -36.67 43.28
N LEU A 1190 -9.37 -36.80 43.57
CA LEU A 1190 -9.93 -38.06 44.02
C LEU A 1190 -9.96 -39.11 42.91
N VAL A 1191 -10.14 -38.68 41.66
CA VAL A 1191 -10.23 -39.64 40.56
C VAL A 1191 -8.88 -40.24 40.24
N ARG A 1192 -7.80 -39.67 40.75
CA ARG A 1192 -6.47 -40.22 40.52
C ARG A 1192 -6.23 -41.51 41.30
N GLN A 1193 -6.88 -41.65 42.45
CA GLN A 1193 -6.67 -42.76 43.38
C GLN A 1193 -5.19 -42.92 43.69
N PRO A 1194 -4.55 -41.90 44.25
CA PRO A 1194 -3.09 -41.94 44.39
C PRO A 1194 -2.65 -42.78 45.57
N HIS A 1195 -1.55 -43.50 45.39
CA HIS A 1195 -0.94 -44.21 46.50
C HIS A 1195 -0.06 -43.30 47.34
N ILE A 1196 0.27 -42.12 46.82
CA ILE A 1196 0.88 -41.03 47.59
C ILE A 1196 0.00 -39.80 47.40
N LEU A 1197 -0.53 -39.29 48.51
CA LEU A 1197 -1.48 -38.18 48.47
C LEU A 1197 -0.93 -37.00 49.26
N LEU A 1198 -0.97 -35.82 48.66
CA LEU A 1198 -0.52 -34.59 49.31
C LEU A 1198 -1.67 -33.58 49.32
N LEU A 1199 -1.83 -32.90 50.46
CA LEU A 1199 -2.81 -31.84 50.63
C LEU A 1199 -2.08 -30.57 51.06
N ASP A 1200 -2.30 -29.48 50.32
CA ASP A 1200 -1.72 -28.18 50.64
C ASP A 1200 -2.86 -27.20 50.88
N GLU A 1201 -3.14 -26.91 52.15
CA GLU A 1201 -4.21 -26.00 52.57
C GLU A 1201 -5.58 -26.49 52.06
N ALA A 1202 -5.97 -27.65 52.57
CA ALA A 1202 -7.22 -28.30 52.15
C ALA A 1202 -8.46 -27.53 52.60
N THR A 1203 -8.34 -26.64 53.59
CA THR A 1203 -9.49 -25.93 54.15
C THR A 1203 -9.15 -24.44 54.28
N SER A 1204 -8.66 -23.84 53.19
CA SER A 1204 -8.41 -22.41 53.19
C SER A 1204 -9.72 -21.62 53.22
N ALA A 1205 -10.66 -21.97 52.33
CA ALA A 1205 -11.96 -21.30 52.24
C ALA A 1205 -13.02 -22.38 52.15
N LEU A 1206 -13.50 -22.84 53.31
CA LEU A 1206 -14.43 -23.95 53.36
C LEU A 1206 -15.20 -23.90 54.66
N ASP A 1207 -16.45 -24.37 54.62
CA ASP A 1207 -17.30 -24.35 55.79
C ASP A 1207 -16.94 -25.46 56.76
N THR A 1208 -17.44 -25.32 57.99
CA THR A 1208 -17.09 -26.26 59.06
C THR A 1208 -17.82 -27.60 58.90
N GLU A 1209 -19.03 -27.60 58.34
CA GLU A 1209 -19.71 -28.85 58.03
C GLU A 1209 -19.17 -29.48 56.74
N SER A 1210 -18.52 -28.69 55.89
CA SER A 1210 -17.92 -29.23 54.68
C SER A 1210 -16.52 -29.79 54.93
N GLU A 1211 -15.83 -29.36 55.99
CA GLU A 1211 -14.53 -29.91 56.30
C GLU A 1211 -14.65 -31.36 56.74
N LYS A 1212 -15.72 -31.68 57.50
CA LYS A 1212 -15.93 -33.04 57.96
C LYS A 1212 -16.30 -33.97 56.80
N VAL A 1213 -17.17 -33.52 55.90
CA VAL A 1213 -17.58 -34.36 54.78
C VAL A 1213 -16.47 -34.48 53.75
N VAL A 1214 -15.49 -33.57 53.76
CA VAL A 1214 -14.29 -33.75 52.96
C VAL A 1214 -13.37 -34.76 53.63
N GLN A 1215 -13.22 -34.66 54.95
CA GLN A 1215 -12.25 -35.47 55.67
C GLN A 1215 -12.71 -36.91 55.87
N GLU A 1216 -14.01 -37.20 55.73
CA GLU A 1216 -14.47 -38.57 55.92
C GLU A 1216 -14.06 -39.45 54.75
N ALA A 1217 -14.09 -38.92 53.53
CA ALA A 1217 -13.54 -39.65 52.40
C ALA A 1217 -12.03 -39.84 52.54
N LEU A 1218 -11.34 -38.85 53.09
CA LEU A 1218 -9.91 -38.97 53.32
C LEU A 1218 -9.59 -40.05 54.34
N ASP A 1219 -10.25 -39.99 55.50
CA ASP A 1219 -9.95 -40.95 56.56
C ASP A 1219 -10.30 -42.38 56.16
N LYS A 1220 -11.40 -42.56 55.43
CA LYS A 1220 -11.71 -43.88 54.91
C LYS A 1220 -10.73 -44.34 53.83
N ALA A 1221 -10.08 -43.39 53.15
CA ALA A 1221 -9.16 -43.72 52.07
C ALA A 1221 -7.70 -43.43 52.43
N ARG A 1222 -7.43 -42.93 53.63
CA ARG A 1222 -6.05 -42.74 54.07
C ARG A 1222 -5.33 -44.06 54.28
N GLU A 1223 -6.06 -45.16 54.48
CA GLU A 1223 -5.44 -46.47 54.58
C GLU A 1223 -4.97 -46.93 53.21
N GLY A 1224 -3.82 -47.60 53.21
CA GLY A 1224 -3.20 -48.09 51.98
C GLY A 1224 -2.31 -47.08 51.26
N ARG A 1225 -2.63 -45.80 51.38
CA ARG A 1225 -1.85 -44.75 50.74
C ARG A 1225 -1.16 -43.87 51.78
N THR A 1226 0.09 -43.51 51.49
CA THR A 1226 0.78 -42.50 52.27
C THR A 1226 0.08 -41.16 52.10
N CYS A 1227 -0.23 -40.50 53.21
CA CYS A 1227 -0.95 -39.25 53.21
C CYS A 1227 -0.13 -38.17 53.92
N ILE A 1228 -0.02 -37.00 53.30
CA ILE A 1228 0.72 -35.88 53.85
C ILE A 1228 -0.15 -34.64 53.69
N VAL A 1229 -0.59 -34.06 54.81
CA VAL A 1229 -1.47 -32.91 54.81
C VAL A 1229 -0.73 -31.73 55.42
N ILE A 1230 -0.82 -30.57 54.78
CA ILE A 1230 -0.21 -29.34 55.25
C ILE A 1230 -1.30 -28.27 55.31
N ALA A 1231 -1.59 -27.78 56.51
CA ALA A 1231 -2.64 -26.78 56.68
C ALA A 1231 -2.35 -25.95 57.91
N HIS A 1232 -3.07 -24.83 58.03
CA HIS A 1232 -2.99 -23.98 59.20
C HIS A 1232 -4.04 -24.31 60.25
N ARG A 1233 -5.17 -24.91 59.85
CA ARG A 1233 -6.18 -25.32 60.80
C ARG A 1233 -5.73 -26.57 61.55
N LEU A 1234 -5.84 -26.54 62.87
CA LEU A 1234 -5.36 -27.63 63.72
C LEU A 1234 -6.28 -28.85 63.72
N SER A 1235 -7.42 -28.80 63.01
CA SER A 1235 -8.39 -29.89 63.11
C SER A 1235 -7.88 -31.16 62.46
N THR A 1236 -7.21 -31.03 61.31
CA THR A 1236 -6.58 -32.16 60.65
C THR A 1236 -5.20 -32.48 61.23
N ILE A 1237 -4.67 -31.61 62.09
CA ILE A 1237 -3.34 -31.82 62.67
C ILE A 1237 -3.42 -32.62 63.97
N GLN A 1238 -4.53 -32.51 64.71
CA GLN A 1238 -4.66 -33.27 65.96
C GLN A 1238 -4.75 -34.76 65.70
N ASN A 1239 -5.37 -35.16 64.59
CA ASN A 1239 -5.55 -36.57 64.27
C ASN A 1239 -4.48 -37.12 63.35
N ALA A 1240 -3.42 -36.35 63.08
CA ALA A 1240 -2.36 -36.82 62.21
C ALA A 1240 -1.53 -37.89 62.92
N ASP A 1241 -0.71 -38.58 62.13
CA ASP A 1241 0.15 -39.63 62.68
C ASP A 1241 1.41 -39.05 63.31
N LEU A 1242 2.25 -38.41 62.50
CA LEU A 1242 3.44 -37.72 62.98
C LEU A 1242 3.41 -36.29 62.48
N ILE A 1243 3.97 -35.39 63.29
CA ILE A 1243 3.90 -33.95 63.04
C ILE A 1243 5.32 -33.40 62.99
N VAL A 1244 5.61 -32.63 61.95
CA VAL A 1244 6.93 -32.02 61.75
C VAL A 1244 6.74 -30.51 61.75
N VAL A 1245 7.55 -29.82 62.56
CA VAL A 1245 7.52 -28.37 62.64
C VAL A 1245 8.80 -27.82 62.03
N PHE A 1246 8.66 -26.75 61.25
CA PHE A 1246 9.77 -26.15 60.53
C PHE A 1246 10.12 -24.79 61.13
N GLN A 1247 11.39 -24.40 60.97
CA GLN A 1247 11.85 -23.08 61.38
C GLN A 1247 12.99 -22.68 60.44
N ASN A 1248 12.68 -21.78 59.49
CA ASN A 1248 13.62 -21.35 58.45
C ASN A 1248 14.19 -22.54 57.67
N GLY A 1249 13.36 -23.55 57.42
CA GLY A 1249 13.76 -24.69 56.65
C GLY A 1249 14.38 -25.82 57.45
N ARG A 1250 14.47 -25.69 58.76
CA ARG A 1250 15.08 -26.72 59.61
C ARG A 1250 14.02 -27.46 60.40
N VAL A 1251 14.08 -28.79 60.37
CA VAL A 1251 13.20 -29.63 61.20
C VAL A 1251 13.56 -29.36 62.66
N LYS A 1252 12.61 -28.82 63.42
CA LYS A 1252 12.88 -28.63 64.84
C LYS A 1252 12.38 -29.82 65.66
N GLU A 1253 11.10 -30.17 65.53
CA GLU A 1253 10.51 -31.24 66.31
C GLU A 1253 9.82 -32.25 65.39
N HIS A 1254 9.94 -33.52 65.74
CA HIS A 1254 9.28 -34.60 65.00
C HIS A 1254 8.92 -35.70 65.98
N GLY A 1255 7.95 -36.53 65.58
CA GLY A 1255 7.46 -37.62 66.39
C GLY A 1255 5.96 -37.57 66.52
N THR A 1256 5.44 -38.26 67.52
CA THR A 1256 4.00 -38.32 67.73
C THR A 1256 3.48 -37.03 68.35
N HIS A 1257 2.15 -36.87 68.27
CA HIS A 1257 1.53 -35.64 68.77
C HIS A 1257 1.56 -35.56 70.29
N GLN A 1258 1.51 -36.71 70.98
CA GLN A 1258 1.57 -36.70 72.44
C GLN A 1258 2.97 -36.36 72.94
N GLN A 1259 4.00 -36.74 72.18
CA GLN A 1259 5.36 -36.40 72.57
C GLN A 1259 5.63 -34.91 72.41
N LEU A 1260 5.04 -34.28 71.39
CA LEU A 1260 5.19 -32.85 71.22
C LEU A 1260 4.34 -32.06 72.23
N LEU A 1261 3.24 -32.65 72.70
CA LEU A 1261 2.44 -32.02 73.75
C LEU A 1261 3.06 -32.19 75.13
N ALA A 1262 3.90 -33.22 75.32
CA ALA A 1262 4.59 -33.38 76.59
C ALA A 1262 5.70 -32.35 76.76
N GLN A 1263 6.67 -32.36 75.86
CA GLN A 1263 7.77 -31.41 75.92
C GLN A 1263 7.31 -30.11 75.28
N LYS A 1264 7.04 -29.10 76.11
CA LYS A 1264 6.52 -27.82 75.62
C LYS A 1264 7.62 -27.08 74.88
N GLY A 1265 7.44 -26.94 73.56
CA GLY A 1265 8.37 -26.18 72.75
C GLY A 1265 7.67 -25.10 71.94
N ILE A 1266 8.05 -24.96 70.67
CA ILE A 1266 7.38 -23.98 69.82
C ILE A 1266 6.07 -24.55 69.28
N TYR A 1267 5.95 -25.88 69.20
CA TYR A 1267 4.69 -26.47 68.75
C TYR A 1267 3.60 -26.32 69.80
N PHE A 1268 3.97 -26.21 71.08
CA PHE A 1268 2.98 -25.88 72.11
C PHE A 1268 2.44 -24.47 71.89
N SER A 1269 3.29 -23.53 71.51
CA SER A 1269 2.82 -22.18 71.21
C SER A 1269 2.01 -22.16 69.92
N MET A 1270 2.27 -23.11 69.03
CA MET A 1270 1.56 -23.20 67.76
C MET A 1270 0.16 -23.78 67.95
N VAL A 1271 0.11 -24.98 68.51
CA VAL A 1271 -1.16 -25.65 68.76
C VAL A 1271 -2.10 -24.78 69.59
N SER A 1272 -1.69 -24.49 70.82
CA SER A 1272 -2.48 -23.66 71.72
C SER A 1272 -2.43 -22.20 71.30
N VAL A 1273 -3.39 -21.80 70.47
CA VAL A 1273 -3.46 -20.42 69.99
C VAL A 1273 -4.85 -19.83 70.14
N GLN A 1274 -5.88 -20.62 69.84
CA GLN A 1274 -7.25 -20.17 69.93
C GLN A 1274 -8.19 -21.22 70.53
N ALA A 1275 -7.62 -22.30 71.06
CA ALA A 1275 -8.43 -23.35 71.66
C ALA A 1275 -8.73 -23.04 73.13
N GLY A 1276 -9.57 -23.87 73.74
CA GLY A 1276 -9.96 -23.69 75.13
C GLY A 1276 -11.42 -23.32 75.31
N ASP B 1 -18.36 1.28 -53.27
CA ASP B 1 -17.81 2.04 -54.39
C ASP B 1 -18.64 3.30 -54.63
N VAL B 2 -17.95 4.45 -54.65
CA VAL B 2 -18.56 5.73 -54.96
C VAL B 2 -18.09 6.14 -56.35
N LEU B 3 -19.02 6.65 -57.15
CA LEU B 3 -18.67 7.12 -58.52
C LEU B 3 -18.79 8.65 -58.54
N MET B 4 -17.72 9.34 -58.94
CA MET B 4 -17.71 10.84 -58.99
C MET B 4 -17.76 11.27 -60.46
N THR B 5 -18.73 12.12 -60.82
CA THR B 5 -18.84 12.58 -62.22
C THR B 5 -18.76 14.10 -62.30
N GLN B 6 -17.87 14.63 -63.14
CA GLN B 6 -17.74 16.08 -63.31
C GLN B 6 -18.53 16.46 -64.55
N THR B 7 -19.58 17.26 -64.35
CA THR B 7 -20.45 17.69 -65.45
C THR B 7 -19.69 18.25 -66.65
N PRO B 8 -19.03 19.40 -66.46
CA PRO B 8 -18.26 20.02 -67.56
C PRO B 8 -16.93 19.33 -67.79
N VAL B 9 -16.73 18.77 -68.98
CA VAL B 9 -15.49 18.09 -69.31
C VAL B 9 -14.55 19.08 -70.00
N SER B 10 -15.04 19.70 -71.07
CA SER B 10 -14.27 20.68 -71.81
C SER B 10 -14.83 22.07 -71.50
N LEU B 11 -14.21 22.75 -70.54
CA LEU B 11 -14.66 24.07 -70.13
C LEU B 11 -13.78 25.19 -70.67
N SER B 12 -14.04 25.59 -71.91
CA SER B 12 -13.27 26.67 -72.52
C SER B 12 -13.73 27.99 -71.94
N VAL B 13 -12.78 28.90 -71.69
CA VAL B 13 -13.07 30.13 -70.97
C VAL B 13 -12.22 31.26 -71.55
N SER B 14 -12.81 32.45 -71.56
CA SER B 14 -12.10 33.65 -72.00
C SER B 14 -11.07 34.09 -70.98
N LEU B 15 -9.95 34.58 -71.47
CA LEU B 15 -8.87 35.01 -70.58
C LEU B 15 -9.31 36.25 -69.82
N GLY B 16 -9.34 36.16 -68.50
CA GLY B 16 -9.69 37.29 -67.64
C GLY B 16 -10.96 37.11 -66.85
N ASP B 17 -11.79 36.13 -67.20
CA ASP B 17 -13.10 35.92 -66.60
C ASP B 17 -13.06 34.77 -65.58
N GLN B 18 -14.23 34.33 -65.16
CA GLN B 18 -14.39 33.33 -64.10
C GLN B 18 -14.97 32.06 -64.69
N ALA B 19 -14.35 30.92 -64.38
CA ALA B 19 -14.72 29.59 -64.83
C ALA B 19 -15.00 28.68 -63.65
N SER B 20 -16.02 27.83 -63.75
CA SER B 20 -16.42 26.98 -62.63
C SER B 20 -16.64 25.55 -63.07
N ILE B 21 -16.13 24.62 -62.25
CA ILE B 21 -16.22 23.18 -62.50
C ILE B 21 -17.09 22.57 -61.42
N SER B 22 -17.91 21.58 -61.78
CA SER B 22 -18.85 20.99 -60.84
C SER B 22 -18.74 19.47 -60.82
N CYS B 23 -18.59 18.90 -59.62
CA CYS B 23 -18.42 17.46 -59.42
C CYS B 23 -19.54 16.96 -58.52
N ARG B 24 -20.28 15.96 -59.01
CA ARG B 24 -21.41 15.38 -58.29
C ARG B 24 -21.00 14.02 -57.74
N SER B 25 -21.26 13.82 -56.47
CA SER B 25 -20.83 12.62 -55.74
C SER B 25 -22.03 11.85 -55.24
N SER B 26 -22.08 10.57 -55.54
CA SER B 26 -23.17 9.74 -55.04
C SER B 26 -22.95 9.37 -53.58
N GLN B 27 -24.04 8.93 -52.93
CA GLN B 27 -24.10 8.47 -51.55
C GLN B 27 -23.87 9.56 -50.51
N SER B 28 -23.90 10.83 -50.90
CA SER B 28 -23.79 11.92 -49.95
C SER B 28 -22.54 11.80 -49.09
N ILE B 29 -21.39 11.87 -49.75
CA ILE B 29 -20.11 11.51 -49.13
C ILE B 29 -19.91 12.23 -47.81
N VAL B 30 -19.90 11.47 -46.72
CA VAL B 30 -19.78 12.00 -45.36
C VAL B 30 -19.07 10.97 -44.52
N HIS B 31 -17.90 11.30 -44.01
CA HIS B 31 -17.20 10.39 -43.14
C HIS B 31 -18.03 10.15 -41.89
N SER B 32 -17.63 9.16 -41.10
CA SER B 32 -18.34 8.89 -39.85
C SER B 32 -18.19 10.05 -38.88
N THR B 33 -16.96 10.54 -38.71
CA THR B 33 -16.71 11.61 -37.75
C THR B 33 -17.49 12.87 -38.10
N GLY B 34 -17.66 13.17 -39.38
CA GLY B 34 -18.47 14.30 -39.77
C GLY B 34 -17.86 15.24 -40.77
N ASN B 35 -16.78 14.83 -41.41
CA ASN B 35 -16.03 15.67 -42.34
C ASN B 35 -16.17 15.14 -43.75
N THR B 36 -16.43 16.03 -44.70
CA THR B 36 -16.78 15.56 -46.05
C THR B 36 -15.58 14.95 -46.77
N TYR B 37 -14.38 15.48 -46.55
CA TYR B 37 -13.14 14.93 -47.12
C TYR B 37 -13.19 14.86 -48.64
N LEU B 38 -13.52 15.97 -49.26
CA LEU B 38 -13.52 16.08 -50.71
C LEU B 38 -12.51 17.14 -51.13
N GLU B 39 -11.60 16.77 -52.01
CA GLU B 39 -10.45 17.57 -52.37
C GLU B 39 -10.38 17.71 -53.88
N TRP B 40 -9.77 18.78 -54.34
CA TRP B 40 -9.58 18.98 -55.77
C TRP B 40 -8.10 18.99 -56.11
N TYR B 41 -7.79 18.68 -57.36
CA TYR B 41 -6.41 18.57 -57.82
C TYR B 41 -6.29 19.19 -59.20
N LEU B 42 -5.14 19.79 -59.46
CA LEU B 42 -4.83 20.39 -60.75
C LEU B 42 -3.60 19.72 -61.30
N GLN B 43 -3.61 19.45 -62.61
CA GLN B 43 -2.47 18.85 -63.29
C GLN B 43 -2.16 19.68 -64.52
N LYS B 44 -0.98 20.18 -64.59
CA LYS B 44 -0.60 20.96 -65.74
C LYS B 44 -0.04 20.06 -66.83
N PRO B 45 -0.12 20.46 -68.09
CA PRO B 45 0.36 19.60 -69.17
C PRO B 45 1.83 19.27 -69.04
N GLY B 46 2.14 18.00 -68.78
CA GLY B 46 3.52 17.58 -68.60
C GLY B 46 4.07 17.81 -67.21
N GLN B 47 3.23 17.73 -66.18
CA GLN B 47 3.68 17.88 -64.80
C GLN B 47 2.79 17.02 -63.91
N SER B 48 3.23 16.84 -62.66
CA SER B 48 2.54 15.96 -61.72
C SER B 48 1.43 16.73 -61.01
N PRO B 49 0.24 16.16 -60.90
CA PRO B 49 -0.88 16.89 -60.27
C PRO B 49 -0.50 17.44 -58.91
N LYS B 50 -1.06 18.59 -58.58
CA LYS B 50 -0.78 19.28 -57.34
C LYS B 50 -2.08 19.57 -56.61
N LEU B 51 -1.97 19.88 -55.33
CA LEU B 51 -3.14 20.07 -54.49
C LEU B 51 -3.66 21.50 -54.60
N LEU B 52 -4.99 21.64 -54.66
CA LEU B 52 -5.59 23.00 -54.73
C LEU B 52 -6.33 23.28 -53.41
N ILE B 53 -7.26 22.39 -53.04
CA ILE B 53 -8.03 22.52 -51.77
C ILE B 53 -7.98 21.16 -51.05
N TYR B 54 -7.63 21.15 -49.76
CA TYR B 54 -7.58 19.88 -48.98
C TYR B 54 -8.96 19.57 -48.40
N LYS B 55 -9.88 20.53 -48.50
CA LYS B 55 -11.29 20.41 -48.04
C LYS B 55 -12.17 21.28 -48.95
N ILE B 56 -13.50 21.13 -48.85
CA ILE B 56 -14.41 21.89 -49.74
C ILE B 56 -14.21 23.40 -49.55
N SER B 57 -14.07 23.87 -48.31
CA SER B 57 -13.87 25.33 -48.06
C SER B 57 -12.39 25.69 -47.94
N ASN B 58 -11.61 24.88 -47.22
CA ASN B 58 -10.17 25.16 -46.96
C ASN B 58 -9.36 25.15 -48.27
N ARG B 59 -8.38 26.06 -48.35
CA ARG B 59 -7.48 26.18 -49.55
C ARG B 59 -6.04 25.85 -49.12
N PHE B 60 -5.35 24.99 -49.89
CA PHE B 60 -4.00 24.59 -49.57
C PHE B 60 -3.11 25.80 -49.51
N SER B 61 -2.06 25.73 -48.70
CA SER B 61 -1.20 26.88 -48.44
C SER B 61 -0.27 27.10 -49.63
N GLY B 62 -0.57 28.10 -50.45
CA GLY B 62 0.26 28.41 -51.59
C GLY B 62 -0.54 28.60 -52.86
N VAL B 63 -1.85 28.71 -52.72
CA VAL B 63 -2.78 28.76 -53.83
C VAL B 63 -3.40 30.16 -53.88
N PRO B 64 -3.42 30.81 -55.03
CA PRO B 64 -4.01 32.16 -55.09
C PRO B 64 -5.45 32.15 -54.60
N ASP B 65 -5.83 33.20 -53.89
CA ASP B 65 -7.14 33.22 -53.26
C ASP B 65 -8.24 33.46 -54.25
N ARG B 66 -7.99 33.32 -55.55
CA ARG B 66 -9.07 33.37 -56.52
C ARG B 66 -9.71 32.02 -56.74
N PHE B 67 -9.01 30.93 -56.44
CA PHE B 67 -9.62 29.60 -56.45
C PHE B 67 -10.51 29.47 -55.22
N SER B 68 -11.82 29.35 -55.43
CA SER B 68 -12.76 29.15 -54.34
C SER B 68 -13.45 27.81 -54.53
N GLY B 69 -14.01 27.29 -53.45
CA GLY B 69 -14.72 26.04 -53.50
C GLY B 69 -15.91 26.08 -52.56
N SER B 70 -16.98 25.40 -52.95
CA SER B 70 -18.19 25.40 -52.15
C SER B 70 -18.90 24.08 -52.32
N GLY B 71 -19.40 23.51 -51.23
CA GLY B 71 -19.98 22.20 -51.34
C GLY B 71 -20.89 21.79 -50.22
N SER B 72 -22.00 21.15 -50.60
CA SER B 72 -23.03 20.77 -49.66
C SER B 72 -23.37 19.31 -49.88
N GLY B 73 -23.14 18.48 -48.86
CA GLY B 73 -23.62 17.12 -48.90
C GLY B 73 -23.12 16.31 -50.07
N THR B 74 -24.00 16.09 -51.04
CA THR B 74 -23.70 15.28 -52.21
C THR B 74 -23.48 16.11 -53.47
N ASP B 75 -22.95 17.33 -53.35
CA ASP B 75 -22.69 18.15 -54.53
C ASP B 75 -21.57 19.13 -54.21
N PHE B 76 -20.66 19.35 -55.17
CA PHE B 76 -19.57 20.27 -54.89
C PHE B 76 -19.14 21.01 -56.14
N THR B 77 -18.61 22.21 -55.97
CA THR B 77 -18.20 23.05 -57.10
C THR B 77 -16.94 23.83 -56.75
N LEU B 78 -16.28 24.27 -57.81
CA LEU B 78 -15.02 25.00 -57.74
C LEU B 78 -15.12 26.21 -58.65
N LYS B 79 -14.99 27.41 -58.08
CA LYS B 79 -15.09 28.65 -58.82
C LYS B 79 -13.71 29.25 -58.95
N ILE B 80 -13.14 29.16 -60.13
CA ILE B 80 -11.95 29.92 -60.50
C ILE B 80 -12.46 31.26 -61.02
N SER B 81 -11.81 32.34 -60.64
CA SER B 81 -12.17 33.66 -61.13
C SER B 81 -10.91 34.37 -61.59
N ARG B 82 -11.05 35.23 -62.59
CA ARG B 82 -9.92 35.95 -63.18
C ARG B 82 -8.94 34.97 -63.82
N VAL B 83 -9.43 34.18 -64.77
CA VAL B 83 -8.65 33.12 -65.39
C VAL B 83 -7.31 33.69 -65.89
N GLU B 84 -6.23 33.00 -65.54
CA GLU B 84 -4.88 33.39 -65.94
C GLU B 84 -4.21 32.21 -66.60
N ALA B 85 -3.49 32.48 -67.70
CA ALA B 85 -2.95 31.41 -68.54
C ALA B 85 -2.12 30.38 -67.78
N GLU B 86 -1.72 30.69 -66.55
CA GLU B 86 -1.07 29.69 -65.73
C GLU B 86 -2.07 28.71 -65.13
N ASP B 87 -3.36 29.01 -65.18
CA ASP B 87 -4.39 28.10 -64.72
C ASP B 87 -4.99 27.34 -65.90
N LEU B 88 -4.16 26.53 -66.53
CA LEU B 88 -4.56 25.72 -67.67
C LEU B 88 -4.09 24.30 -67.43
N GLY B 89 -5.02 23.35 -67.46
CA GLY B 89 -4.67 21.97 -67.21
C GLY B 89 -5.87 21.06 -67.07
N VAL B 90 -5.82 20.13 -66.11
CA VAL B 90 -6.91 19.20 -65.86
C VAL B 90 -7.26 19.25 -64.38
N TYR B 91 -8.55 19.12 -64.06
CA TYR B 91 -9.05 19.24 -62.69
C TYR B 91 -9.74 17.94 -62.25
N TYR B 92 -9.25 17.36 -61.14
CA TYR B 92 -9.77 16.09 -60.62
C TYR B 92 -10.35 16.28 -59.23
N CYS B 93 -11.37 15.49 -58.86
CA CYS B 93 -11.92 15.48 -57.50
C CYS B 93 -11.62 14.15 -56.84
N PHE B 94 -11.23 14.17 -55.57
CA PHE B 94 -10.88 12.98 -54.82
C PHE B 94 -11.69 12.98 -53.53
N GLN B 95 -12.22 11.84 -53.11
CA GLN B 95 -12.98 11.75 -51.89
C GLN B 95 -12.46 10.61 -51.04
N ALA B 96 -12.16 10.89 -49.79
CA ALA B 96 -11.63 9.86 -48.92
C ALA B 96 -12.61 9.43 -47.85
N SER B 97 -13.88 9.79 -47.98
CA SER B 97 -14.84 9.40 -46.97
C SER B 97 -15.11 7.92 -46.99
N HIS B 98 -15.28 7.34 -48.17
CA HIS B 98 -15.66 5.95 -48.23
C HIS B 98 -14.42 5.05 -48.27
N ALA B 99 -14.63 3.79 -47.93
CA ALA B 99 -13.49 2.90 -47.67
C ALA B 99 -12.67 2.58 -48.90
N PRO B 100 -13.21 2.55 -50.11
CA PRO B 100 -12.39 2.78 -51.30
C PRO B 100 -12.34 4.26 -51.61
N ARG B 101 -11.38 4.65 -52.42
CA ARG B 101 -11.18 6.06 -52.75
C ARG B 101 -11.06 6.19 -54.26
N THR B 102 -11.74 7.16 -54.84
CA THR B 102 -11.85 7.24 -56.28
C THR B 102 -11.70 8.67 -56.77
N PHE B 103 -10.80 8.88 -57.72
CA PHE B 103 -10.70 10.13 -58.46
C PHE B 103 -11.83 10.22 -59.46
N GLY B 104 -12.33 11.43 -59.66
CA GLY B 104 -13.32 11.61 -60.71
C GLY B 104 -12.68 11.73 -62.07
N GLY B 105 -13.53 11.68 -63.09
CA GLY B 105 -13.05 11.90 -64.44
C GLY B 105 -12.43 13.28 -64.58
N GLY B 106 -11.41 13.42 -65.42
CA GLY B 106 -10.77 14.71 -65.56
C GLY B 106 -11.61 15.69 -66.35
N THR B 107 -11.49 16.96 -66.01
CA THR B 107 -12.06 18.06 -66.76
C THR B 107 -10.94 18.93 -67.30
N LYS B 108 -11.01 19.25 -68.58
CA LYS B 108 -9.98 20.02 -69.25
C LYS B 108 -10.41 21.48 -69.37
N LEU B 109 -9.44 22.37 -69.25
CA LEU B 109 -9.67 23.80 -69.37
C LEU B 109 -9.08 24.29 -70.68
N GLU B 110 -9.59 25.42 -71.17
CA GLU B 110 -9.12 26.00 -72.42
C GLU B 110 -9.22 27.51 -72.40
N ILE B 111 -8.11 28.19 -72.73
CA ILE B 111 -8.07 29.63 -72.75
C ILE B 111 -8.55 30.17 -74.09
N LYS B 112 -9.83 30.53 -74.15
CA LYS B 112 -10.44 31.05 -75.38
C LYS B 112 -9.64 32.21 -75.95
N ARG B 113 -9.37 32.14 -77.25
CA ARG B 113 -8.62 33.17 -77.95
C ARG B 113 -9.18 33.34 -79.36
N ALA B 114 -8.46 34.11 -80.18
CA ALA B 114 -8.87 34.35 -81.56
C ALA B 114 -8.37 33.24 -82.49
N ASP B 115 -8.87 33.23 -83.71
CA ASP B 115 -8.48 32.24 -84.70
C ASP B 115 -7.04 32.47 -85.17
N ALA B 116 -6.40 31.41 -85.64
CA ALA B 116 -5.03 31.50 -86.13
C ALA B 116 -4.80 30.39 -87.14
N ALA B 117 -4.24 30.75 -88.29
CA ALA B 117 -4.01 29.77 -89.34
C ALA B 117 -2.70 29.03 -89.10
N PRO B 118 -2.66 27.73 -89.40
CA PRO B 118 -1.46 26.94 -89.16
C PRO B 118 -0.36 27.28 -90.16
N THR B 119 0.88 27.23 -89.67
CA THR B 119 2.06 27.35 -90.52
C THR B 119 2.39 25.95 -91.02
N VAL B 120 1.83 25.60 -92.17
CA VAL B 120 1.95 24.26 -92.73
C VAL B 120 3.33 24.09 -93.34
N SER B 121 3.86 22.87 -93.26
CA SER B 121 5.14 22.53 -93.87
C SER B 121 5.14 21.05 -94.19
N ILE B 122 5.63 20.70 -95.38
CA ILE B 122 5.67 19.30 -95.82
C ILE B 122 7.12 18.87 -95.98
N PHE B 123 7.38 17.59 -95.73
CA PHE B 123 8.73 17.05 -95.71
C PHE B 123 8.77 15.73 -96.46
N PRO B 124 9.66 15.57 -97.43
CA PRO B 124 9.76 14.32 -98.16
C PRO B 124 10.44 13.27 -97.31
N PRO B 125 10.25 11.99 -97.62
CA PRO B 125 10.94 10.94 -96.85
C PRO B 125 12.45 11.08 -96.97
N SER B 126 13.14 10.62 -95.94
CA SER B 126 14.59 10.63 -95.94
C SER B 126 15.13 9.49 -96.80
N SER B 127 16.36 9.67 -97.27
CA SER B 127 16.99 8.64 -98.11
C SER B 127 17.13 7.33 -97.34
N GLU B 128 17.52 7.41 -96.06
CA GLU B 128 17.70 6.21 -95.25
C GLU B 128 16.42 5.39 -95.18
N GLN B 129 15.27 6.06 -95.05
CA GLN B 129 14.00 5.35 -94.99
C GLN B 129 13.66 4.69 -96.32
N LEU B 130 13.89 5.39 -97.42
CA LEU B 130 13.65 4.82 -98.74
C LEU B 130 14.53 3.60 -98.98
N THR B 131 15.72 3.56 -98.36
CA THR B 131 16.59 2.40 -98.47
C THR B 131 15.98 1.18 -97.80
N SER B 132 15.29 1.38 -96.68
CA SER B 132 14.70 0.28 -95.92
C SER B 132 13.34 -0.15 -96.46
N GLY B 133 12.88 0.44 -97.55
CA GLY B 133 11.63 0.03 -98.17
C GLY B 133 10.40 0.79 -97.76
N GLY B 134 10.56 1.92 -97.07
CA GLY B 134 9.42 2.71 -96.65
C GLY B 134 9.54 4.15 -97.14
N ALA B 135 8.41 4.86 -97.06
CA ALA B 135 8.36 6.25 -97.46
C ALA B 135 7.27 6.94 -96.65
N SER B 136 7.67 7.69 -95.63
CA SER B 136 6.75 8.43 -94.79
C SER B 136 6.93 9.92 -95.03
N VAL B 137 5.87 10.56 -95.49
CA VAL B 137 5.87 12.00 -95.74
C VAL B 137 5.20 12.67 -94.54
N VAL B 138 5.88 13.63 -93.94
CA VAL B 138 5.42 14.28 -92.72
C VAL B 138 5.04 15.71 -93.02
N CYS B 139 3.87 16.12 -92.54
CA CYS B 139 3.38 17.49 -92.67
C CYS B 139 3.15 18.04 -91.27
N PHE B 140 3.61 19.28 -91.04
CA PHE B 140 3.46 19.95 -89.76
C PHE B 140 2.45 21.07 -89.88
N LEU B 141 1.50 21.12 -88.96
CA LEU B 141 0.52 22.21 -88.90
C LEU B 141 0.70 22.87 -87.53
N ASN B 142 1.55 23.89 -87.47
CA ASN B 142 1.98 24.46 -86.21
C ASN B 142 1.26 25.76 -85.88
N ASN B 143 0.96 25.93 -84.59
CA ASN B 143 0.44 27.17 -84.02
C ASN B 143 -0.80 27.69 -84.73
N PHE B 144 -1.89 26.94 -84.63
CA PHE B 144 -3.18 27.36 -85.17
C PHE B 144 -4.22 27.39 -84.05
N TYR B 145 -5.46 27.73 -84.42
CA TYR B 145 -6.61 27.74 -83.52
C TYR B 145 -7.88 27.94 -84.33
N PRO B 146 -8.98 27.23 -84.02
CA PRO B 146 -9.11 26.21 -82.97
C PRO B 146 -8.53 24.86 -83.38
N LYS B 147 -8.62 23.87 -82.51
CA LYS B 147 -8.06 22.56 -82.80
C LYS B 147 -8.77 21.89 -83.97
N ASP B 148 -10.04 22.22 -84.20
CA ASP B 148 -10.79 21.60 -85.27
C ASP B 148 -10.23 22.06 -86.61
N ILE B 149 -9.38 21.23 -87.19
CA ILE B 149 -8.76 21.50 -88.48
C ILE B 149 -8.64 20.18 -89.22
N ASN B 150 -8.83 20.23 -90.54
CA ASN B 150 -8.68 19.05 -91.37
C ASN B 150 -7.38 19.14 -92.15
N VAL B 151 -6.89 17.99 -92.58
CA VAL B 151 -5.70 17.91 -93.42
C VAL B 151 -5.94 16.82 -94.46
N LYS B 152 -5.71 17.13 -95.73
CA LYS B 152 -5.89 16.19 -96.82
C LYS B 152 -4.57 15.99 -97.54
N TRP B 153 -4.25 14.74 -97.84
CA TRP B 153 -3.08 14.38 -98.63
C TRP B 153 -3.52 14.11 -100.05
N LYS B 154 -2.76 14.64 -101.01
CA LYS B 154 -3.10 14.51 -102.43
C LYS B 154 -1.87 14.04 -103.20
N ILE B 155 -1.86 12.76 -103.56
CA ILE B 155 -0.80 12.19 -104.38
C ILE B 155 -1.19 12.35 -105.85
N ASP B 156 -0.22 12.76 -106.67
CA ASP B 156 -0.46 13.03 -108.10
C ASP B 156 -1.60 14.05 -108.29
N GLY B 157 -1.81 14.89 -107.28
CA GLY B 157 -2.86 15.89 -107.34
C GLY B 157 -4.26 15.34 -107.18
N SER B 158 -4.61 14.35 -108.01
CA SER B 158 -5.98 13.87 -108.04
C SER B 158 -6.29 12.97 -106.86
N GLU B 159 -5.35 12.11 -106.46
CA GLU B 159 -5.62 11.13 -105.41
C GLU B 159 -5.76 11.80 -104.04
N ARG B 160 -6.53 11.15 -103.18
CA ARG B 160 -6.71 11.55 -101.79
C ARG B 160 -6.36 10.35 -100.92
N GLN B 161 -5.12 10.31 -100.42
CA GLN B 161 -4.71 9.22 -99.55
C GLN B 161 -5.35 9.35 -98.18
N ASN B 162 -5.57 8.21 -97.54
CA ASN B 162 -6.26 8.16 -96.25
C ASN B 162 -5.55 7.32 -95.20
N GLY B 163 -4.37 6.79 -95.49
CA GLY B 163 -3.62 6.05 -94.49
C GLY B 163 -2.66 6.93 -93.72
N VAL B 164 -3.18 7.94 -93.03
CA VAL B 164 -2.35 8.95 -92.39
C VAL B 164 -2.45 8.82 -90.87
N LEU B 165 -1.40 9.30 -90.21
CA LEU B 165 -1.26 9.21 -88.76
C LEU B 165 -1.16 10.62 -88.19
N ASN B 166 -2.24 11.09 -87.57
CA ASN B 166 -2.30 12.44 -87.04
C ASN B 166 -1.97 12.45 -85.56
N SER B 167 -1.59 13.63 -85.07
CA SER B 167 -1.18 13.80 -83.68
C SER B 167 -1.25 15.27 -83.31
N TRP B 168 -1.94 15.59 -82.22
CA TRP B 168 -2.11 16.95 -81.74
C TRP B 168 -1.39 17.14 -80.41
N THR B 169 -0.75 18.29 -80.24
CA THR B 169 -0.26 18.70 -78.94
C THR B 169 -1.35 19.43 -78.18
N ASP B 170 -1.22 19.48 -76.86
CA ASP B 170 -2.20 20.23 -76.08
C ASP B 170 -1.95 21.71 -76.24
N GLN B 171 -2.99 22.50 -75.98
CA GLN B 171 -2.91 23.95 -76.07
C GLN B 171 -1.66 24.45 -75.37
N ASP B 172 -0.88 25.25 -76.08
CA ASP B 172 0.35 25.80 -75.53
C ASP B 172 0.02 26.88 -74.50
N SER B 173 0.82 26.95 -73.44
CA SER B 173 0.54 27.93 -72.40
C SER B 173 0.92 29.35 -72.80
N LYS B 174 1.85 29.51 -73.74
CA LYS B 174 2.31 30.86 -74.10
C LYS B 174 1.30 31.58 -74.97
N ASP B 175 1.01 31.04 -76.15
CA ASP B 175 0.12 31.67 -77.12
C ASP B 175 -1.24 31.02 -77.23
N SER B 176 -1.47 29.91 -76.54
CA SER B 176 -2.75 29.20 -76.50
C SER B 176 -3.13 28.56 -77.83
N THR B 177 -2.15 28.27 -78.68
CA THR B 177 -2.41 27.68 -79.98
C THR B 177 -2.26 26.16 -79.92
N TYR B 178 -2.57 25.51 -81.03
CA TYR B 178 -2.42 24.07 -81.15
C TYR B 178 -1.44 23.77 -82.28
N SER B 179 -0.89 22.56 -82.25
CA SER B 179 0.00 22.10 -83.31
C SER B 179 -0.31 20.63 -83.59
N MET B 180 -0.24 20.25 -84.86
CA MET B 180 -0.47 18.87 -85.22
C MET B 180 0.45 18.47 -86.35
N SER B 181 0.76 17.18 -86.41
CA SER B 181 1.57 16.60 -87.46
C SER B 181 0.79 15.49 -88.13
N SER B 182 0.83 15.45 -89.46
CA SER B 182 0.23 14.39 -90.25
C SER B 182 1.35 13.66 -90.97
N THR B 183 1.45 12.35 -90.74
CA THR B 183 2.49 11.53 -91.36
C THR B 183 1.82 10.48 -92.23
N LEU B 184 1.90 10.68 -93.55
CA LEU B 184 1.41 9.72 -94.53
C LEU B 184 2.49 8.66 -94.74
N THR B 185 2.16 7.41 -94.44
CA THR B 185 3.12 6.31 -94.56
C THR B 185 2.70 5.39 -95.70
N LEU B 186 3.54 5.31 -96.72
CA LEU B 186 3.36 4.38 -97.82
C LEU B 186 4.67 3.65 -98.05
N THR B 187 4.65 2.70 -98.98
CA THR B 187 5.87 1.96 -99.28
C THR B 187 6.78 2.76 -100.20
N LYS B 188 8.02 2.28 -100.33
CA LYS B 188 8.97 2.92 -101.23
C LYS B 188 8.54 2.75 -102.69
N ASP B 189 7.94 1.61 -103.03
CA ASP B 189 7.55 1.36 -104.41
C ASP B 189 6.31 2.16 -104.80
N GLU B 190 5.28 2.13 -103.94
CA GLU B 190 4.10 2.95 -104.19
C GLU B 190 4.46 4.43 -104.25
N TYR B 191 5.53 4.83 -103.56
CA TYR B 191 5.97 6.21 -103.53
C TYR B 191 6.80 6.56 -104.76
N GLU B 192 7.71 5.67 -105.18
CA GLU B 192 8.49 5.90 -106.39
C GLU B 192 7.60 6.01 -107.62
N ARG B 193 6.36 5.53 -107.53
CA ARG B 193 5.43 5.50 -108.66
C ARG B 193 4.71 6.81 -108.89
N HIS B 194 4.90 7.81 -108.03
CA HIS B 194 4.29 9.12 -108.20
C HIS B 194 5.28 10.19 -107.73
N ASN B 195 5.06 11.42 -108.19
CA ASN B 195 5.92 12.52 -107.78
C ASN B 195 5.15 13.83 -107.55
N SER B 196 3.85 13.76 -107.26
CA SER B 196 3.03 14.95 -107.05
C SER B 196 2.18 14.74 -105.80
N TYR B 197 2.70 15.09 -104.63
CA TYR B 197 1.93 14.93 -103.40
C TYR B 197 1.98 16.23 -102.60
N THR B 198 0.86 16.58 -101.98
CA THR B 198 0.73 17.84 -101.27
C THR B 198 0.17 17.62 -99.87
N CYS B 199 -0.17 18.71 -99.20
CA CYS B 199 -0.71 18.68 -97.84
C CYS B 199 -1.61 19.91 -97.71
N GLU B 200 -2.92 19.69 -97.58
CA GLU B 200 -3.90 20.77 -97.58
C GLU B 200 -4.56 20.88 -96.22
N ALA B 201 -4.50 22.07 -95.62
CA ALA B 201 -5.16 22.34 -94.36
C ALA B 201 -6.48 23.04 -94.60
N THR B 202 -7.55 22.51 -94.01
CA THR B 202 -8.88 23.09 -94.18
C THR B 202 -9.57 23.31 -92.84
N SER B 208 -11.19 27.92 -98.81
CA SER B 208 -9.87 28.51 -98.92
C SER B 208 -8.87 27.75 -98.06
N PRO B 209 -8.34 26.65 -98.59
CA PRO B 209 -7.41 25.82 -97.82
C PRO B 209 -6.00 26.39 -97.84
N ILE B 210 -5.12 25.72 -97.10
CA ILE B 210 -3.70 26.04 -97.06
C ILE B 210 -2.96 24.87 -97.71
N VAL B 211 -2.38 25.10 -98.89
CA VAL B 211 -1.71 24.04 -99.64
C VAL B 211 -0.21 24.16 -99.46
N LYS B 212 0.45 23.01 -99.45
CA LYS B 212 1.91 22.90 -99.41
C LYS B 212 2.25 21.60 -100.14
N SER B 213 3.24 21.65 -101.03
CA SER B 213 3.60 20.42 -101.80
C SER B 213 5.10 20.36 -102.13
N PHE B 214 5.58 19.15 -102.45
CA PHE B 214 7.00 18.91 -102.84
C PHE B 214 7.03 18.43 -104.29
N ASN B 215 7.84 19.09 -105.13
CA ASN B 215 7.95 18.77 -106.58
C ASN B 215 8.53 17.36 -106.80
N ARG B 216 9.55 16.98 -106.04
CA ARG B 216 10.19 15.68 -106.23
C ARG B 216 10.53 15.06 -104.89
N ASN B 217 10.78 13.75 -104.93
CA ASN B 217 11.08 12.98 -103.72
C ASN B 217 12.38 13.45 -103.08
N GLU B 218 13.40 13.66 -103.89
CA GLU B 218 14.69 14.16 -103.43
C GLU B 218 15.09 15.33 -104.31
N CYS B 219 16.00 16.15 -103.79
CA CYS B 219 16.45 17.33 -104.52
C CYS B 219 17.96 17.48 -104.42
N GLU C 1 12.85 21.81 -49.39
CA GLU C 1 11.50 21.30 -49.55
C GLU C 1 11.50 19.78 -49.53
N VAL C 2 10.48 19.16 -50.11
CA VAL C 2 10.33 17.71 -50.11
C VAL C 2 10.73 17.17 -51.49
N ILE C 3 11.75 16.34 -51.52
CA ILE C 3 12.21 15.74 -52.77
C ILE C 3 11.81 14.26 -52.74
N LEU C 4 10.93 13.88 -53.65
CA LEU C 4 10.54 12.48 -53.84
C LEU C 4 11.03 12.05 -55.21
N VAL C 5 11.68 10.89 -55.27
CA VAL C 5 12.33 10.45 -56.51
C VAL C 5 12.09 8.95 -56.68
N GLU C 6 11.32 8.57 -57.70
CA GLU C 6 10.97 7.18 -57.94
C GLU C 6 12.01 6.54 -58.87
N SER C 7 12.17 5.23 -58.73
CA SER C 7 13.08 4.49 -59.59
C SER C 7 12.71 3.01 -59.53
N GLY C 8 12.82 2.34 -60.67
CA GLY C 8 12.36 1.00 -60.88
C GLY C 8 11.44 0.97 -62.07
N GLY C 9 10.70 -0.11 -62.23
CA GLY C 9 9.74 -0.16 -63.30
C GLY C 9 10.38 -0.51 -64.63
N GLY C 10 9.90 0.12 -65.69
CA GLY C 10 10.37 -0.25 -67.01
C GLY C 10 9.47 -1.29 -67.64
N LEU C 11 10.05 -2.21 -68.41
CA LEU C 11 9.27 -3.20 -69.14
C LEU C 11 9.21 -4.51 -68.38
N VAL C 12 8.04 -5.13 -68.37
CA VAL C 12 7.85 -6.43 -67.75
C VAL C 12 6.75 -7.16 -68.51
N LYS C 13 6.83 -8.49 -68.51
CA LYS C 13 5.97 -9.50 -69.12
C LYS C 13 4.90 -9.93 -68.14
N PRO C 14 3.69 -10.30 -68.60
CA PRO C 14 2.60 -10.63 -67.66
C PRO C 14 3.00 -11.65 -66.61
N GLY C 15 2.21 -11.74 -65.54
CA GLY C 15 2.57 -12.58 -64.41
C GLY C 15 3.86 -12.15 -63.74
N GLY C 16 4.45 -11.05 -64.20
CA GLY C 16 5.75 -10.65 -63.72
C GLY C 16 5.71 -9.93 -62.39
N SER C 17 6.89 -9.74 -61.81
CA SER C 17 7.04 -9.04 -60.53
C SER C 17 8.08 -7.95 -60.68
N LEU C 18 7.76 -6.77 -60.15
CA LEU C 18 8.66 -5.61 -60.16
C LEU C 18 8.70 -4.98 -58.78
N LYS C 19 9.69 -4.12 -58.56
CA LYS C 19 9.86 -3.41 -57.30
C LYS C 19 10.15 -1.95 -57.59
N LEU C 20 9.23 -1.08 -57.22
CA LEU C 20 9.37 0.37 -57.38
C LEU C 20 9.76 0.97 -56.05
N SER C 21 10.85 1.73 -56.03
CA SER C 21 11.31 2.35 -54.80
C SER C 21 11.41 3.85 -55.00
N CYS C 22 10.86 4.61 -54.06
CA CYS C 22 10.80 6.06 -54.15
C CYS C 22 11.55 6.64 -52.96
N ALA C 23 12.73 7.20 -53.22
CA ALA C 23 13.53 7.82 -52.16
C ALA C 23 12.94 9.17 -51.79
N ALA C 24 12.79 9.40 -50.50
CA ALA C 24 12.11 10.58 -49.99
C ALA C 24 13.02 11.31 -49.03
N SER C 25 13.19 12.61 -49.25
CA SER C 25 14.12 13.36 -48.42
C SER C 25 13.61 14.77 -48.17
N GLY C 26 13.79 15.24 -46.93
CA GLY C 26 13.52 16.61 -46.57
C GLY C 26 12.48 16.81 -45.48
N PHE C 27 11.73 15.77 -45.12
CA PHE C 27 10.55 15.97 -44.28
C PHE C 27 10.37 14.87 -43.24
N THR C 28 11.45 14.46 -42.57
CA THR C 28 11.41 13.45 -41.51
C THR C 28 10.45 12.30 -41.84
N PHE C 29 10.81 11.59 -42.90
CA PHE C 29 9.95 10.60 -43.56
C PHE C 29 9.29 9.63 -42.61
N SER C 30 9.86 9.41 -41.43
CA SER C 30 9.34 8.35 -40.59
C SER C 30 8.02 8.71 -39.91
N SER C 31 7.42 9.85 -40.22
CA SER C 31 6.24 10.29 -39.49
C SER C 31 5.07 10.59 -40.40
N TYR C 32 5.17 10.29 -41.68
CA TYR C 32 4.13 10.62 -42.65
C TYR C 32 3.56 9.36 -43.28
N THR C 33 2.24 9.27 -43.32
CA THR C 33 1.57 8.31 -44.19
C THR C 33 2.11 8.49 -45.60
N MET C 34 2.17 7.40 -46.37
CA MET C 34 2.64 7.50 -47.73
C MET C 34 1.71 6.70 -48.63
N SER C 35 1.27 7.32 -49.71
CA SER C 35 0.40 6.61 -50.64
C SER C 35 1.09 6.47 -51.99
N TRP C 36 0.54 5.56 -52.79
CA TRP C 36 0.97 5.31 -54.15
C TRP C 36 -0.23 5.49 -55.06
N VAL C 37 -0.13 6.41 -56.01
CA VAL C 37 -1.21 6.70 -56.95
C VAL C 37 -0.72 6.36 -58.35
N ARG C 38 -1.66 6.07 -59.24
CA ARG C 38 -1.34 5.62 -60.59
C ARG C 38 -2.15 6.41 -61.60
N GLN C 39 -1.64 6.49 -62.82
CA GLN C 39 -2.35 7.13 -63.92
C GLN C 39 -2.15 6.33 -65.19
N THR C 40 -3.22 6.00 -65.86
CA THR C 40 -3.18 5.13 -67.03
C THR C 40 -3.03 5.97 -68.30
N PRO C 41 -2.73 5.33 -69.44
CA PRO C 41 -2.61 6.10 -70.67
C PRO C 41 -3.93 6.70 -71.16
N GLU C 42 -5.08 6.22 -70.69
CA GLU C 42 -6.33 6.87 -71.04
C GLU C 42 -6.49 8.23 -70.36
N LYS C 43 -5.54 8.62 -69.52
CA LYS C 43 -5.46 9.87 -68.75
C LYS C 43 -6.29 9.83 -67.47
N ARG C 44 -6.99 8.74 -67.17
CA ARG C 44 -7.69 8.62 -65.90
C ARG C 44 -6.70 8.47 -64.76
N LEU C 45 -7.21 8.61 -63.53
CA LEU C 45 -6.42 8.40 -62.33
C LEU C 45 -7.10 7.37 -61.45
N GLU C 46 -6.33 6.77 -60.55
CA GLU C 46 -6.84 5.75 -59.64
C GLU C 46 -5.98 5.76 -58.39
N TRP C 47 -6.38 4.96 -57.40
CA TRP C 47 -5.63 4.81 -56.17
C TRP C 47 -5.08 3.40 -56.09
N VAL C 48 -3.85 3.24 -55.59
CA VAL C 48 -3.18 1.96 -55.68
C VAL C 48 -2.68 1.43 -54.33
N ALA C 49 -2.34 2.32 -53.41
CA ALA C 49 -2.09 1.83 -52.05
C ALA C 49 -1.88 2.99 -51.10
N THR C 50 -2.00 2.71 -49.81
CA THR C 50 -1.46 3.60 -48.77
C THR C 50 -0.82 2.75 -47.69
N ILE C 51 0.11 3.35 -46.98
CA ILE C 51 0.74 2.71 -45.84
C ILE C 51 0.93 3.76 -44.76
N SER C 52 0.54 3.44 -43.53
CA SER C 52 0.64 4.39 -42.44
C SER C 52 2.09 4.63 -42.09
N SER C 53 2.35 5.48 -41.11
CA SER C 53 3.72 5.86 -40.80
C SER C 53 4.38 4.77 -39.97
N GLY C 54 5.51 4.27 -40.47
CA GLY C 54 6.29 3.26 -39.78
C GLY C 54 5.45 2.16 -39.18
N GLY C 55 4.38 1.78 -39.87
CA GLY C 55 3.42 0.87 -39.28
C GLY C 55 2.94 -0.22 -40.21
N GLY C 56 1.88 -0.90 -39.79
CA GLY C 56 1.45 -2.09 -40.48
C GLY C 56 0.15 -1.94 -41.24
N ASN C 57 -0.55 -0.85 -41.05
CA ASN C 57 -1.78 -0.65 -41.79
C ASN C 57 -1.47 -0.43 -43.25
N THR C 58 -1.93 -1.35 -44.09
CA THR C 58 -1.88 -1.15 -45.53
C THR C 58 -3.28 -1.28 -46.08
N TYR C 59 -3.61 -0.44 -47.05
CA TYR C 59 -4.90 -0.47 -47.72
C TYR C 59 -4.68 -0.71 -49.19
N TYR C 60 -5.68 -1.28 -49.86
CA TYR C 60 -5.59 -1.51 -51.30
C TYR C 60 -6.99 -1.52 -51.89
N PRO C 61 -7.14 -1.05 -53.12
CA PRO C 61 -8.40 -1.28 -53.84
C PRO C 61 -8.45 -2.72 -54.30
N ASP C 62 -9.67 -3.18 -54.58
CA ASP C 62 -9.91 -4.61 -54.74
C ASP C 62 -9.00 -5.24 -55.79
N SER C 63 -8.83 -4.55 -56.92
CA SER C 63 -8.00 -5.08 -58.00
C SER C 63 -6.61 -5.44 -57.50
N VAL C 64 -5.91 -4.46 -56.95
CA VAL C 64 -4.51 -4.70 -56.64
C VAL C 64 -4.33 -5.62 -55.44
N LYS C 65 -5.38 -5.86 -54.66
CA LYS C 65 -5.22 -6.61 -53.43
C LYS C 65 -4.71 -8.02 -53.72
N GLY C 66 -3.87 -8.53 -52.82
CA GLY C 66 -3.29 -9.84 -52.98
C GLY C 66 -2.16 -9.91 -53.99
N ARG C 67 -2.10 -8.98 -54.93
CA ARG C 67 -1.03 -8.94 -55.91
C ARG C 67 0.00 -7.86 -55.64
N PHE C 68 -0.34 -6.85 -54.85
CA PHE C 68 0.55 -5.72 -54.60
C PHE C 68 0.87 -5.65 -53.12
N THR C 69 2.16 -5.52 -52.78
CA THR C 69 2.57 -5.34 -51.40
C THR C 69 3.26 -3.99 -51.30
N ILE C 70 3.10 -3.34 -50.14
CA ILE C 70 3.65 -2.01 -49.94
C ILE C 70 4.41 -2.00 -48.63
N SER C 71 5.57 -1.37 -48.60
CA SER C 71 6.36 -1.36 -47.39
C SER C 71 7.24 -0.11 -47.36
N ARG C 72 7.78 0.19 -46.20
CA ARG C 72 8.61 1.37 -46.04
C ARG C 72 9.81 1.02 -45.17
N ASP C 73 10.98 1.46 -45.59
CA ASP C 73 12.20 1.26 -44.82
C ASP C 73 12.66 2.61 -44.30
N ASN C 74 12.46 2.84 -43.01
CA ASN C 74 12.76 4.14 -42.43
C ASN C 74 14.25 4.38 -42.25
N ALA C 75 15.04 3.31 -42.17
CA ALA C 75 16.47 3.47 -41.96
C ALA C 75 17.10 4.38 -43.00
N LYS C 76 16.58 4.37 -44.22
CA LYS C 76 17.08 5.23 -45.28
C LYS C 76 15.99 6.09 -45.91
N ASN C 77 14.78 6.09 -45.35
CA ASN C 77 13.66 6.84 -45.89
C ASN C 77 13.33 6.39 -47.32
N ASN C 78 12.90 5.13 -47.44
CA ASN C 78 12.52 4.55 -48.72
C ASN C 78 11.11 4.00 -48.65
N LEU C 79 10.43 3.95 -49.79
CA LEU C 79 9.11 3.35 -49.92
C LEU C 79 9.13 2.39 -51.10
N TYR C 80 8.79 1.11 -50.86
CA TYR C 80 8.86 0.06 -51.87
C TYR C 80 7.48 -0.51 -52.14
N LEU C 81 7.04 -0.45 -53.39
CA LEU C 81 5.86 -1.18 -53.86
C LEU C 81 6.34 -2.36 -54.68
N GLN C 82 5.93 -3.55 -54.29
CA GLN C 82 6.34 -4.77 -55.00
C GLN C 82 5.12 -5.38 -55.64
N MET C 83 5.11 -5.36 -56.96
CA MET C 83 4.02 -5.86 -57.78
C MET C 83 4.34 -7.26 -58.26
N SER C 84 3.28 -8.06 -58.42
CA SER C 84 3.42 -9.41 -58.93
C SER C 84 2.13 -9.79 -59.65
N SER C 85 2.26 -10.68 -60.63
CA SER C 85 1.14 -11.17 -61.44
C SER C 85 0.61 -10.10 -62.39
N LEU C 86 1.48 -9.24 -62.91
CA LEU C 86 1.01 -8.03 -63.57
C LEU C 86 0.14 -8.31 -64.77
N ARG C 87 -1.15 -8.01 -64.64
CA ARG C 87 -2.07 -8.11 -65.75
C ARG C 87 -1.68 -7.11 -66.84
N SER C 88 -2.20 -7.34 -68.04
CA SER C 88 -1.79 -6.51 -69.17
C SER C 88 -2.34 -5.10 -69.11
N GLU C 89 -3.13 -4.77 -68.08
CA GLU C 89 -3.82 -3.50 -68.01
C GLU C 89 -3.18 -2.51 -67.05
N ASP C 90 -2.25 -2.95 -66.21
CA ASP C 90 -1.58 -2.08 -65.27
C ASP C 90 -0.49 -1.24 -65.89
N THR C 91 -0.42 -1.16 -67.21
CA THR C 91 0.50 -0.23 -67.84
C THR C 91 0.14 1.17 -67.39
N ALA C 92 1.13 1.91 -66.87
CA ALA C 92 0.79 3.15 -66.19
C ALA C 92 2.00 3.94 -65.74
N LEU C 93 1.73 5.13 -65.21
CA LEU C 93 2.73 5.98 -64.58
C LEU C 93 2.39 6.06 -63.09
N TYR C 94 3.36 5.75 -62.25
CA TYR C 94 3.15 5.65 -60.81
C TYR C 94 3.83 6.81 -60.10
N TYR C 95 3.06 7.58 -59.33
CA TYR C 95 3.57 8.68 -58.53
C TYR C 95 3.50 8.33 -57.05
N CYS C 96 4.60 8.56 -56.34
CA CYS C 96 4.58 8.56 -54.88
C CYS C 96 3.69 9.68 -54.39
N ALA C 97 3.40 9.69 -53.09
CA ALA C 97 2.69 10.82 -52.52
C ALA C 97 2.97 10.92 -51.03
N ARG C 98 2.66 12.08 -50.47
CA ARG C 98 2.89 12.39 -49.07
C ARG C 98 1.56 12.82 -48.47
N TYR C 99 1.45 12.82 -47.15
CA TYR C 99 0.20 13.17 -46.50
C TYR C 99 0.34 14.48 -45.74
N TYR C 100 -0.57 15.41 -46.02
CA TYR C 100 -0.55 16.75 -45.46
C TYR C 100 -1.35 16.77 -44.18
N ARG C 101 -0.76 17.31 -43.12
CA ARG C 101 -1.53 17.54 -41.90
C ARG C 101 -2.74 18.41 -42.22
N TYR C 102 -3.73 18.38 -41.35
CA TYR C 102 -5.06 18.93 -41.62
C TYR C 102 -5.80 18.08 -42.64
N GLU C 103 -5.38 16.83 -42.82
CA GLU C 103 -6.11 15.82 -43.55
C GLU C 103 -6.38 16.18 -45.02
N ALA C 104 -5.32 16.26 -45.81
CA ALA C 104 -5.44 16.49 -47.25
C ALA C 104 -4.61 15.50 -48.06
N TRP C 105 -5.18 14.37 -48.46
CA TRP C 105 -4.47 13.12 -48.75
C TRP C 105 -3.17 13.32 -49.52
N PHE C 106 -3.22 13.70 -50.79
CA PHE C 106 -1.99 13.70 -51.57
C PHE C 106 -1.48 15.13 -51.69
N ALA C 107 -0.42 15.46 -50.98
CA ALA C 107 0.04 16.85 -50.89
C ALA C 107 1.18 17.15 -51.84
N SER C 108 2.26 16.38 -51.78
CA SER C 108 3.41 16.57 -52.63
C SER C 108 3.67 15.30 -53.42
N TRP C 109 3.58 15.40 -54.74
CA TRP C 109 3.77 14.26 -55.63
C TRP C 109 5.21 14.21 -56.09
N GLY C 110 5.81 13.03 -56.03
CA GLY C 110 7.11 12.80 -56.63
C GLY C 110 6.98 12.68 -58.13
N GLN C 111 8.09 12.37 -58.78
CA GLN C 111 8.07 12.24 -60.22
C GLN C 111 7.64 10.83 -60.63
N GLY C 112 6.82 10.75 -61.66
CA GLY C 112 6.23 9.48 -62.03
C GLY C 112 7.25 8.54 -62.64
N THR C 113 7.10 7.24 -62.34
CA THR C 113 7.85 6.23 -63.05
C THR C 113 6.92 5.48 -63.99
N LEU C 114 7.47 4.97 -65.09
CA LEU C 114 6.66 4.33 -66.10
C LEU C 114 6.84 2.82 -66.04
N VAL C 115 5.73 2.10 -65.95
CA VAL C 115 5.74 0.63 -65.94
C VAL C 115 4.90 0.17 -67.12
N THR C 116 5.49 -0.67 -67.97
CA THR C 116 4.80 -1.19 -69.14
C THR C 116 4.73 -2.71 -69.09
N VAL C 117 3.52 -3.25 -69.13
CA VAL C 117 3.32 -4.69 -69.07
C VAL C 117 2.69 -5.20 -70.37
N SER C 118 3.51 -5.79 -71.23
CA SER C 118 3.04 -6.32 -72.51
C SER C 118 4.03 -7.34 -73.07
N ALA C 119 3.50 -8.41 -73.65
CA ALA C 119 4.32 -9.45 -74.24
C ALA C 119 4.84 -9.03 -75.61
N ALA C 120 5.91 -8.26 -75.61
CA ALA C 120 6.49 -7.75 -76.86
C ALA C 120 7.94 -7.33 -76.68
N LYS C 121 8.83 -7.92 -77.49
CA LYS C 121 10.24 -7.61 -77.42
C LYS C 121 10.49 -6.12 -77.68
N THR C 122 11.43 -5.54 -76.95
CA THR C 122 11.77 -4.13 -77.11
C THR C 122 12.21 -3.81 -78.52
N THR C 123 11.44 -2.96 -79.21
CA THR C 123 11.78 -2.58 -80.58
C THR C 123 12.49 -1.22 -80.56
N ALA C 124 13.64 -1.15 -81.22
CA ALA C 124 14.37 0.11 -81.28
C ALA C 124 13.75 1.02 -82.34
N PRO C 125 13.74 2.33 -82.10
CA PRO C 125 13.16 3.25 -83.07
C PRO C 125 14.09 3.52 -84.24
N SER C 126 13.48 3.92 -85.36
CA SER C 126 14.20 4.36 -86.54
C SER C 126 14.08 5.88 -86.60
N VAL C 127 15.21 6.58 -86.53
CA VAL C 127 15.23 8.03 -86.49
C VAL C 127 15.58 8.55 -87.88
N TYR C 128 14.67 9.36 -88.45
CA TYR C 128 14.81 9.91 -89.77
C TYR C 128 14.83 11.44 -89.72
N PRO C 129 15.78 12.06 -90.41
CA PRO C 129 15.78 13.52 -90.50
C PRO C 129 14.63 14.01 -91.36
N LEU C 130 14.25 15.27 -91.15
CA LEU C 130 13.16 15.90 -91.90
C LEU C 130 13.56 17.34 -92.23
N ALA C 131 13.73 17.62 -93.51
CA ALA C 131 14.16 18.92 -93.98
C ALA C 131 13.39 19.26 -95.26
N PRO C 132 13.24 20.54 -95.57
CA PRO C 132 12.55 20.94 -96.80
C PRO C 132 13.43 20.70 -98.02
N VAL C 133 12.87 21.03 -99.19
CA VAL C 133 13.55 20.73 -100.44
C VAL C 133 14.78 21.60 -100.55
N CYS C 134 15.95 20.99 -100.32
CA CYS C 134 17.23 21.66 -100.50
C CYS C 134 17.31 22.94 -99.67
N GLY C 135 16.74 22.88 -98.47
CA GLY C 135 16.70 24.05 -97.61
C GLY C 135 15.91 25.21 -98.18
N ASP C 136 14.60 25.04 -98.28
CA ASP C 136 13.76 26.10 -98.83
C ASP C 136 13.72 27.29 -97.88
N THR C 137 13.88 28.48 -98.45
CA THR C 137 13.86 29.73 -97.69
C THR C 137 12.41 30.12 -97.46
N THR C 138 11.85 29.67 -96.33
CA THR C 138 10.43 29.86 -96.04
C THR C 138 10.26 31.11 -95.18
N GLY C 139 9.65 32.14 -95.77
CA GLY C 139 9.41 33.38 -95.03
C GLY C 139 10.72 33.91 -94.48
N SER C 140 10.74 34.14 -93.16
CA SER C 140 11.98 34.39 -92.44
C SER C 140 12.05 33.38 -91.29
N SER C 141 12.38 32.14 -91.64
CA SER C 141 12.43 31.02 -90.71
C SER C 141 12.77 29.75 -91.50
N VAL C 142 13.04 28.65 -90.79
CA VAL C 142 13.13 27.33 -91.38
C VAL C 142 12.60 26.34 -90.36
N THR C 143 11.66 25.49 -90.77
CA THR C 143 11.11 24.46 -89.90
C THR C 143 11.75 23.12 -90.27
N LEU C 144 12.45 22.53 -89.30
CA LEU C 144 13.03 21.21 -89.44
C LEU C 144 12.21 20.22 -88.63
N GLY C 145 12.49 18.93 -88.83
CA GLY C 145 11.75 17.89 -88.15
C GLY C 145 12.59 16.67 -87.88
N CYS C 146 12.03 15.76 -87.10
CA CYS C 146 12.68 14.50 -86.79
C CYS C 146 11.58 13.46 -86.56
N LEU C 147 11.76 12.27 -87.12
CA LEU C 147 10.73 11.24 -87.11
C LEU C 147 11.31 9.97 -86.51
N VAL C 148 10.83 9.59 -85.33
CA VAL C 148 11.17 8.32 -84.71
C VAL C 148 10.00 7.38 -84.94
N LYS C 149 10.27 6.23 -85.53
CA LYS C 149 9.23 5.24 -85.81
C LYS C 149 9.66 3.86 -85.33
N GLY C 150 8.68 2.96 -85.21
CA GLY C 150 8.96 1.60 -84.77
C GLY C 150 9.72 1.57 -83.46
N TYR C 151 9.09 2.09 -82.41
CA TYR C 151 9.71 2.13 -81.10
C TYR C 151 8.75 1.63 -80.02
N PHE C 152 9.29 0.84 -79.09
CA PHE C 152 8.51 0.29 -78.00
C PHE C 152 9.46 -0.18 -76.90
N PRO C 153 9.17 0.17 -75.65
CA PRO C 153 7.96 0.81 -75.14
C PRO C 153 7.90 2.32 -75.33
N GLU C 154 6.83 2.92 -74.82
CA GLU C 154 6.59 4.35 -74.97
C GLU C 154 7.71 5.25 -74.45
N PRO C 155 8.41 4.97 -73.33
CA PRO C 155 9.39 5.95 -72.83
C PRO C 155 10.52 6.21 -73.82
N VAL C 156 10.54 7.40 -74.40
CA VAL C 156 11.56 7.80 -75.36
C VAL C 156 11.85 9.28 -75.14
N THR C 157 13.09 9.67 -75.40
CA THR C 157 13.53 11.05 -75.18
C THR C 157 14.01 11.64 -76.50
N LEU C 158 13.62 12.90 -76.75
CA LEU C 158 14.02 13.61 -77.95
C LEU C 158 14.36 15.04 -77.58
N THR C 159 15.56 15.47 -77.94
CA THR C 159 15.99 16.85 -77.75
C THR C 159 16.73 17.31 -78.99
N TRP C 160 16.83 18.63 -79.15
CA TRP C 160 17.58 19.23 -80.23
C TRP C 160 18.86 19.84 -79.66
N ASN C 161 19.99 19.47 -80.25
CA ASN C 161 21.30 20.01 -79.87
C ASN C 161 21.54 19.87 -78.37
N SER C 162 21.27 18.66 -77.86
CA SER C 162 21.49 18.32 -76.45
C SER C 162 20.70 19.21 -75.51
N GLY C 163 19.65 19.86 -76.02
CA GLY C 163 18.84 20.76 -75.22
C GLY C 163 19.07 22.22 -75.49
N SER C 164 20.04 22.55 -76.34
CA SER C 164 20.23 23.95 -76.75
C SER C 164 18.95 24.50 -77.34
N LEU C 165 18.44 23.84 -78.37
CA LEU C 165 17.22 24.27 -79.05
C LEU C 165 16.02 23.87 -78.22
N SER C 166 15.36 24.85 -77.61
CA SER C 166 14.15 24.64 -76.83
C SER C 166 13.06 25.67 -77.07
N SER C 167 13.34 26.76 -77.79
CA SER C 167 12.41 27.88 -77.85
C SER C 167 11.29 27.65 -78.86
N GLY C 168 11.60 26.96 -79.95
CA GLY C 168 10.60 26.73 -80.99
C GLY C 168 10.32 25.28 -81.29
N VAL C 169 10.21 24.45 -80.25
CA VAL C 169 10.09 23.01 -80.41
C VAL C 169 8.61 22.62 -80.31
N HIS C 170 8.26 21.52 -80.99
CA HIS C 170 6.92 20.94 -80.95
C HIS C 170 7.08 19.42 -80.96
N THR C 171 7.09 18.82 -79.77
CA THR C 171 7.18 17.37 -79.66
C THR C 171 5.76 16.80 -79.63
N PHE C 172 5.42 16.03 -80.65
CA PHE C 172 4.05 15.54 -80.74
C PHE C 172 3.90 14.21 -79.99
N PRO C 173 2.76 14.00 -79.34
CA PRO C 173 2.57 12.75 -78.59
C PRO C 173 2.66 11.54 -79.50
N ALA C 174 3.21 10.46 -78.96
CA ALA C 174 3.35 9.23 -79.73
C ALA C 174 1.98 8.61 -79.99
N VAL C 175 1.79 8.09 -81.19
CA VAL C 175 0.58 7.39 -81.56
C VAL C 175 0.91 5.90 -81.68
N LEU C 176 0.12 5.08 -80.98
CA LEU C 176 0.32 3.63 -81.01
C LEU C 176 -0.50 3.00 -82.12
N GLN C 177 0.15 2.14 -82.90
CA GLN C 177 -0.50 1.36 -83.95
C GLN C 177 0.33 0.12 -84.24
N SER C 178 -0.35 -1.04 -84.28
CA SER C 178 0.30 -2.31 -84.60
C SER C 178 1.47 -2.60 -83.65
N ASP C 179 1.22 -2.38 -82.35
CA ASP C 179 2.21 -2.64 -81.30
C ASP C 179 3.54 -1.95 -81.57
N LEU C 180 3.48 -0.74 -82.11
CA LEU C 180 4.66 0.08 -82.39
C LEU C 180 4.28 1.55 -82.28
N TYR C 181 5.19 2.34 -81.73
CA TYR C 181 4.95 3.75 -81.50
C TYR C 181 5.66 4.61 -82.52
N THR C 182 5.02 5.73 -82.87
CA THR C 182 5.54 6.72 -83.80
C THR C 182 5.46 8.10 -83.15
N LEU C 183 6.56 8.84 -83.19
CA LEU C 183 6.64 10.16 -82.58
C LEU C 183 7.45 11.07 -83.48
N SER C 184 7.17 12.37 -83.41
CA SER C 184 7.85 13.35 -84.25
C SER C 184 7.97 14.67 -83.52
N SER C 185 8.99 15.44 -83.91
CA SER C 185 9.24 16.74 -83.31
C SER C 185 9.66 17.73 -84.38
N SER C 186 9.26 18.98 -84.20
CA SER C 186 9.61 20.07 -85.10
C SER C 186 10.37 21.14 -84.34
N VAL C 187 11.17 21.91 -85.08
CA VAL C 187 11.89 23.04 -84.51
C VAL C 187 11.95 24.13 -85.57
N THR C 188 11.66 25.36 -85.19
CA THR C 188 11.61 26.48 -86.10
C THR C 188 12.75 27.44 -85.78
N VAL C 189 13.68 27.59 -86.71
CA VAL C 189 14.84 28.45 -86.55
C VAL C 189 14.88 29.42 -87.72
N THR C 190 15.52 30.56 -87.50
CA THR C 190 15.67 31.55 -88.55
C THR C 190 16.50 31.00 -89.69
N SER C 191 16.33 31.60 -90.88
CA SER C 191 17.06 31.15 -92.06
C SER C 191 18.57 31.24 -91.86
N SER C 192 19.03 32.16 -91.04
CA SER C 192 20.45 32.35 -90.80
C SER C 192 21.01 31.39 -89.75
N THR C 193 20.29 30.32 -89.40
CA THR C 193 20.75 29.39 -88.37
C THR C 193 21.04 28.00 -88.95
N TRP C 194 20.05 27.34 -89.55
CA TRP C 194 20.23 25.94 -89.94
C TRP C 194 21.23 25.74 -91.06
N PRO C 195 21.09 26.37 -92.23
CA PRO C 195 22.09 26.13 -93.29
C PRO C 195 23.50 26.53 -92.88
N SER C 196 23.61 27.48 -91.96
CA SER C 196 24.92 27.89 -91.45
C SER C 196 25.49 26.85 -90.49
N GLN C 197 24.79 26.59 -89.38
CA GLN C 197 25.21 25.61 -88.39
C GLN C 197 24.18 24.49 -88.32
N SER C 198 24.64 23.26 -88.48
CA SER C 198 23.74 22.12 -88.54
C SER C 198 23.03 21.90 -87.22
N ILE C 199 21.76 21.50 -87.31
CA ILE C 199 20.94 21.13 -86.17
C ILE C 199 20.89 19.61 -86.08
N THR C 200 20.97 19.08 -84.86
CA THR C 200 21.03 17.64 -84.64
C THR C 200 19.88 17.19 -83.76
N CYS C 201 19.31 16.04 -84.09
CA CYS C 201 18.17 15.46 -83.38
C CYS C 201 18.68 14.35 -82.46
N ASN C 202 18.53 14.54 -81.15
CA ASN C 202 19.01 13.59 -80.15
C ASN C 202 17.85 12.74 -79.67
N VAL C 203 17.95 11.43 -79.83
CA VAL C 203 16.88 10.49 -79.49
C VAL C 203 17.44 9.39 -78.61
N ALA C 204 16.77 9.12 -77.50
CA ALA C 204 17.20 8.08 -76.57
C ALA C 204 16.01 7.18 -76.25
N HIS C 205 16.17 5.87 -76.48
CA HIS C 205 15.17 4.86 -76.13
C HIS C 205 15.78 3.97 -75.06
N PRO C 206 15.56 4.28 -73.78
CA PRO C 206 16.24 3.54 -72.70
C PRO C 206 16.05 2.03 -72.73
N ALA C 207 14.84 1.56 -73.00
CA ALA C 207 14.56 0.13 -72.88
C ALA C 207 15.43 -0.72 -73.81
N SER C 208 15.88 -0.17 -74.93
CA SER C 208 16.78 -0.88 -75.84
C SER C 208 18.17 -0.25 -75.87
N SER C 209 18.51 0.55 -74.86
CA SER C 209 19.80 1.25 -74.78
C SER C 209 20.13 1.99 -76.07
N THR C 210 19.10 2.42 -76.80
CA THR C 210 19.29 3.14 -78.05
C THR C 210 19.52 4.61 -77.78
N LYS C 211 20.50 5.19 -78.49
CA LYS C 211 20.85 6.60 -78.33
C LYS C 211 21.52 7.04 -79.61
N VAL C 212 20.85 7.88 -80.39
CA VAL C 212 21.35 8.28 -81.70
C VAL C 212 21.10 9.77 -81.91
N ASP C 213 22.09 10.44 -82.49
CA ASP C 213 22.04 11.86 -82.82
C ASP C 213 22.05 12.01 -84.34
N LYS C 214 20.90 12.39 -84.90
CA LYS C 214 20.75 12.52 -86.35
C LYS C 214 20.82 13.99 -86.74
N LYS C 215 21.90 14.37 -87.43
CA LYS C 215 22.02 15.74 -87.92
C LYS C 215 21.05 16.00 -89.05
N ILE C 216 20.50 17.21 -89.09
CA ILE C 216 19.57 17.62 -90.14
C ILE C 216 20.36 18.34 -91.22
N GLU C 217 20.46 17.73 -92.40
CA GLU C 217 21.21 18.28 -93.50
C GLU C 217 20.30 18.56 -94.69
N PRO C 218 20.65 19.54 -95.55
CA PRO C 218 19.85 19.84 -96.75
C PRO C 218 20.21 18.94 -97.93
C10 R1H D . 3.53 11.45 -6.34
C13 R1H D . 0.60 11.33 -4.95
C15 R1H D . 0.02 9.90 -7.04
C17 R1H D . -0.73 8.33 -8.70
C20 R1H D . 1.15 9.12 -6.86
C22 R1H D . 0.09 6.13 -10.64
C24 R1H D . 0.32 4.79 -11.41
C26 R1H D . 0.52 2.39 -11.42
C28 R1H D . 0.75 3.65 -13.48
C01 R1H D . 4.67 14.27 -10.99
C03 R1H D . 3.04 13.44 -9.56
C04 R1H D . 2.10 14.37 -9.19
C05 R1H D . 1.61 14.35 -7.89
C06 R1H D . 2.08 13.38 -6.93
C07 R1H D . 1.54 13.35 -5.53
C09 R1H D . 2.85 11.51 -4.92
C11 R1H D . 2.98 12.51 -7.30
C12 R1H D . 3.48 12.51 -8.64
C14 R1H D . -0.20 11.22 -6.26
C16 R1H D . -0.92 9.50 -7.98
C18 R1H D . 0.39 7.55 -8.52
C19 R1H D . 1.34 7.94 -7.58
C25 R1H D . 0.31 3.58 -10.72
C27 R1H D . 0.74 2.42 -12.80
C29 R1H D . 0.55 4.83 -12.78
C31 R1H D . 1.27 6.47 -14.69
C33 R1H D . 1.15 7.90 -15.26
C34 R1H D . 2.20 8.49 -15.89
C35 R1H D . 2.07 9.80 -16.40
C36 R1H D . 3.18 10.42 -17.05
C37 R1H D . 3.03 11.71 -17.55
C38 R1H D . 1.82 12.38 -17.41
C39 R1H D . 0.75 11.78 -16.77
C40 R1H D . 0.90 10.45 -16.25
C42 R1H D . -0.06 8.60 -15.13
C44 R1H D . -0.03 0.29 -13.45
C46 R1H D . -0.39 1.26 -9.58
C48 R1H D . 1.11 14.79 -11.32
N08 R1H D . 1.61 12.13 -4.94
N21 R1H D . 0.61 6.29 -9.28
N30 R1H D . 0.53 6.16 -13.44
N41 R1H D . -0.18 9.86 -15.62
O02 R1H D . 3.60 13.39 -10.84
O23 R1H D . -0.48 7.00 -11.18
O32 R1H D . 1.92 5.68 -15.23
O43 R1H D . 0.96 1.25 -13.56
O45 R1H D . 0.49 1.20 -10.67
O47 R1H D . 1.64 15.33 -10.13
C10 R1H E . -1.62 -5.66 -2.85
C13 R1H E . -0.01 -2.47 -3.19
C15 R1H E . -0.51 -0.37 -4.59
C17 R1H E . 0.12 1.93 -4.12
C20 R1H E . -1.71 0.09 -5.11
C22 R1H E . -2.30 4.43 -5.72
C24 R1H E . -2.72 5.94 -5.65
C26 R1H E . -3.08 7.93 -4.33
C28 R1H E . -3.57 7.96 -6.68
C01 R1H E . -0.38 -10.05 0.36
C03 R1H E . 0.49 -8.41 -1.14
C04 R1H E . 1.65 -7.71 -0.87
C05 R1H E . 1.75 -6.37 -1.22
C06 R1H E . 0.66 -5.69 -1.88
C07 R1H E . 0.79 -4.24 -2.25
C09 R1H E . -1.40 -4.11 -2.96
C11 R1H E . -0.45 -6.37 -2.15
C12 R1H E . -0.56 -7.76 -1.78
C14 R1H E . -0.25 -1.90 -4.59
C16 R1H E . 0.41 0.55 -4.09
C18 R1H E . -1.07 2.39 -4.67
C19 R1H E . -1.98 1.45 -5.15
C25 R1H E . -2.70 6.60 -4.43
C27 R1H E . -3.52 8.62 -5.46
C29 R1H E . -3.17 6.62 -6.79
C31 R1H E . -3.44 6.59 -9.39
C33 R1H E . -3.42 5.76 -10.68
C34 R1H E . -3.51 4.41 -10.60
C35 R1H E . -3.47 3.64 -11.77
C36 R1H E . -3.57 2.23 -11.70
C37 R1H E . -3.54 1.49 -12.87
C38 R1H E . -3.42 2.14 -14.10
C39 R1H E . -3.32 3.51 -14.15
C40 R1H E . -3.36 4.27 -12.96
C42 R1H E . -3.30 6.39 -11.91
C44 R1H E . -4.74 10.37 -6.44
C46 R1H E . -3.47 7.67 -2.06
C48 R1H E . 3.70 -7.47 0.31
N08 R1H E . -0.07 -3.76 -3.20
N21 R1H E . -1.45 3.84 -4.69
N30 R1H E . -3.21 5.90 -8.09
N41 R1H E . -3.27 5.64 -13.04
O02 R1H E . 0.37 -9.78 -0.79
O23 R1H E . -2.74 3.79 -6.62
O32 R1H E . -3.63 7.75 -9.50
O43 R1H E . -3.92 9.97 -5.37
O45 R1H E . -3.03 8.55 -3.07
O47 R1H E . 2.74 -8.36 -0.22
C1 CLR F . 16.17 26.72 -15.32
C2 CLR F . 15.74 27.28 -16.66
C3 CLR F . 15.55 26.15 -17.65
C4 CLR F . 14.39 25.29 -17.16
C5 CLR F . 14.63 24.85 -15.74
C6 CLR F . 14.40 23.57 -15.40
C7 CLR F . 14.46 23.02 -13.99
C8 CLR F . 14.66 24.12 -12.97
C9 CLR F . 15.65 25.14 -13.53
C10 CLR F . 15.08 25.86 -14.73
C11 CLR F . 16.05 26.18 -12.50
C12 CLR F . 16.51 25.55 -11.20
C13 CLR F . 15.38 24.69 -10.67
C14 CLR F . 15.22 23.57 -11.67
C15 CLR F . 14.44 22.50 -10.91
C16 CLR F . 14.88 22.68 -9.46
C17 CLR F . 15.64 24.01 -9.34
C18 CLR F . 14.08 25.48 -10.60
C19 CLR F . 13.88 26.69 -14.30
C20 CLR F . 15.22 24.84 -8.12
C21 CLR F . 15.97 26.16 -7.94
C22 CLR F . 15.36 24.07 -6.83
C23 CLR F . 14.84 24.93 -5.67
C24 CLR F . 15.59 24.68 -4.37
C25 CLR F . 14.93 23.56 -3.56
C26 CLR F . 15.48 22.20 -3.93
C27 CLR F . 15.10 23.82 -2.07
O1 CLR F . 15.25 26.72 -18.91
C1 CLR G . 19.36 23.70 -23.22
C2 CLR G . 20.03 23.66 -24.58
C3 CLR G . 21.23 24.57 -24.57
C4 CLR G . 22.25 23.99 -23.58
C5 CLR G . 21.61 23.78 -22.24
C6 CLR G . 22.27 24.17 -21.13
C7 CLR G . 21.78 23.93 -19.73
C8 CLR G . 20.65 22.91 -19.72
C9 CLR G . 19.64 23.31 -20.78
C10 CLR G . 20.26 23.13 -22.15
C11 CLR G . 18.38 22.47 -20.67
C12 CLR G . 17.83 22.36 -19.25
C13 CLR G . 18.90 21.80 -18.35
C14 CLR G . 19.98 22.84 -18.35
C15 CLR G . 20.84 22.47 -17.16
C16 CLR G . 19.83 21.92 -16.15
C17 CLR G . 18.53 21.66 -16.89
C18 CLR G . 19.47 20.50 -18.90
C19 CLR G . 20.37 21.65 -22.41
C20 CLR G . 17.96 20.32 -16.45
C21 CLR G . 16.66 19.96 -17.14
C22 CLR G . 17.66 20.37 -14.95
C23 CLR G . 18.46 19.38 -14.13
C24 CLR G . 17.96 19.36 -12.70
C25 CLR G . 16.55 18.78 -12.63
C26 CLR G . 16.55 17.28 -12.91
C27 CLR G . 15.90 19.08 -11.29
O1 CLR G . 21.79 24.66 -25.88
C1 CLR H . 27.80 13.94 -23.20
C2 CLR H . 28.52 15.00 -24.02
C3 CLR H . 27.60 15.51 -25.12
C4 CLR H . 26.34 16.13 -24.53
C5 CLR H . 25.74 15.26 -23.47
C6 CLR H . 24.41 15.10 -23.43
C7 CLR H . 23.66 14.55 -22.23
C8 CLR H . 24.64 14.30 -21.09
C9 CLR H . 25.86 13.60 -21.67
C10 CLR H . 26.65 14.60 -22.47
C11 CLR H . 26.78 13.04 -20.60
C12 CLR H . 26.08 12.36 -19.43
C13 CLR H . 25.04 13.31 -18.87
C14 CLR H . 24.02 13.47 -19.97
C15 CLR H . 22.82 14.02 -19.22
C16 CLR H . 22.91 13.42 -17.82
C17 CLR H . 24.30 12.80 -17.66
C18 CLR H . 25.61 14.69 -18.55
C19 CLR H . 27.23 15.66 -21.54
C20 CLR H . 24.94 13.15 -16.32
C21 CLR H . 26.39 12.65 -16.13
C22 CLR H . 24.06 12.66 -15.18
C23 CLR H . 24.85 12.10 -14.01
C24 CLR H . 24.91 10.59 -14.10
C25 CLR H . 25.16 9.94 -12.77
C26 CLR H . 24.18 10.50 -11.76
C27 CLR H . 25.02 8.44 -12.95
O1 CLR H . 28.32 16.50 -25.89
C1 CLR I . 25.99 19.82 -22.50
C2 CLR I . 26.03 20.73 -23.72
C3 CLR I . 24.82 20.48 -24.62
C4 CLR I . 23.57 20.79 -23.84
C5 CLR I . 23.57 20.02 -22.54
C6 CLR I . 22.50 19.29 -22.22
C7 CLR I . 22.14 18.95 -20.80
C8 CLR I . 23.28 19.21 -19.85
C9 CLR I . 24.65 19.08 -20.52
C10 CLR I . 24.77 20.09 -21.64
C11 CLR I . 25.77 19.25 -19.48
C12 CLR I . 25.61 18.35 -18.25
C13 CLR I . 24.22 18.52 -17.67
C14 CLR I . 23.23 18.18 -18.73
C15 CLR I . 21.91 18.06 -18.00
C16 CLR I . 22.30 17.45 -16.66
C17 CLR I . 23.82 17.59 -16.54
C18 CLR I . 23.98 19.96 -17.22
C19 CLR I . 24.85 21.50 -21.05
C20 CLR I . 24.24 18.06 -15.16
C21 CLR I . 25.42 17.24 -14.62
C22 CLR I . 23.06 18.08 -14.19
C23 CLR I . 23.14 16.97 -13.15
C24 CLR I . 21.80 16.28 -13.00
C25 CLR I . 21.32 16.29 -11.57
C26 CLR I . 20.24 15.26 -11.35
C27 CLR I . 22.49 16.08 -10.60
O1 CLR I . 24.88 21.33 -25.76
C1 CLR J . -13.16 -2.42 -28.26
C2 CLR J . -12.57 -2.40 -29.65
C3 CLR J . -13.65 -2.29 -30.71
C4 CLR J . -14.38 -0.97 -30.52
C5 CLR J . -14.82 -0.84 -29.08
C6 CLR J . -16.08 -0.45 -28.84
C7 CLR J . -16.61 -0.08 -27.48
C8 CLR J . -15.55 -0.07 -26.41
C9 CLR J . -14.59 -1.22 -26.65
C10 CLR J . -13.86 -1.11 -27.97
C11 CLR J . -13.60 -1.35 -25.51
C12 CLR J . -14.39 -1.64 -24.24
C13 CLR J . -15.27 -0.45 -23.93
C14 CLR J . -16.23 -0.29 -25.08
C15 CLR J . -17.22 0.75 -24.59
C16 CLR J . -17.35 0.41 -23.11
C17 CLR J . -16.22 -0.57 -22.76
C18 CLR J . -14.44 0.81 -23.78
C19 CLR J . -12.82 0.00 -27.91
C20 CLR J . -15.64 -0.29 -21.38
C21 CLR J . -14.45 -1.15 -20.99
C22 CLR J . -16.72 -0.51 -20.33
C23 CLR J . -16.20 -0.19 -18.95
C24 CLR J . -16.97 1.01 -18.41
C25 CLR J . -16.79 1.17 -16.91
C26 CLR J . -17.58 0.12 -16.14
C27 CLR J . -15.32 1.11 -16.54
O1 CLR J . -13.03 -2.30 -31.99
C1 CLR K . -25.74 13.71 -23.27
C2 CLR K . -25.63 14.09 -24.73
C3 CLR K . -24.24 14.62 -24.98
C4 CLR K . -23.27 13.46 -24.83
C5 CLR K . -23.41 12.87 -23.46
C6 CLR K . -22.30 12.56 -22.80
C7 CLR K . -22.27 11.90 -21.43
C8 CLR K . -23.64 11.64 -20.86
C9 CLR K . -24.65 12.64 -21.35
C10 CLR K . -24.76 12.63 -22.86
C11 CLR K . -26.00 12.40 -20.70
C12 CLR K . -25.93 12.48 -19.18
C13 CLR K . -24.88 11.51 -18.70
C14 CLR K . -23.59 11.86 -19.37
C15 CLR K . -22.54 11.10 -18.59
C16 CLR K . -23.06 11.24 -17.17
C17 CLR K . -24.53 11.60 -17.24
C18 CLR K . -25.30 10.09 -19.03
C19 CLR K . -25.20 11.25 -23.35
C20 CLR K . -25.38 10.71 -16.33
C21 CLR K . -26.59 11.48 -15.85
C22 CLR K . -24.55 10.19 -15.15
C23 CLR K . -24.67 8.68 -15.04
C24 CLR K . -25.62 8.26 -13.93
C25 CLR K . -26.11 6.83 -14.13
C26 CLR K . -27.07 6.42 -13.02
C27 CLR K . -26.75 6.65 -15.52
O1 CLR K . -24.19 15.14 -26.31
C1 CLR L . -20.81 5.74 -25.52
C2 CLR L . -20.46 6.60 -26.72
C3 CLR L . -21.63 7.47 -27.15
C4 CLR L . -22.06 8.37 -26.00
C5 CLR L . -22.23 7.56 -24.75
C6 CLR L . -23.36 7.71 -24.04
C7 CLR L . -23.57 7.11 -22.67
C8 CLR L . -22.26 6.61 -22.13
C9 CLR L . -21.60 5.75 -23.19
C10 CLR L . -21.14 6.62 -24.34
C11 CLR L . -20.39 4.98 -22.66
C12 CLR L . -20.76 4.18 -21.42
C13 CLR L . -21.28 5.13 -20.36
C14 CLR L . -22.53 5.76 -20.89
C15 CLR L . -23.13 6.46 -19.69
C16 CLR L . -22.78 5.53 -18.53
C17 CLR L . -21.79 4.50 -19.08
C18 CLR L . -20.26 6.19 -20.02
C19 CLR L . -19.92 7.41 -23.92
C20 CLR L . -20.73 4.21 -18.05
C21 CLR L . -19.77 3.10 -18.44
C22 CLR L . -21.41 3.84 -16.73
C23 CLR L . -21.84 2.38 -16.75
C24 CLR L . -21.96 1.82 -15.33
C25 CLR L . -20.81 2.27 -14.44
C26 CLR L . -21.31 3.19 -13.33
C27 CLR L . -20.08 1.08 -13.85
O1 CLR L . -21.22 8.28 -28.26
C1 CLR M . 16.81 -3.32 -2.30
C2 CLR M . 16.09 -3.72 -1.02
C3 CLR M . 14.76 -3.01 -0.90
C4 CLR M . 13.86 -3.45 -2.05
C5 CLR M . 14.58 -3.15 -3.34
C6 CLR M . 13.94 -2.47 -4.29
C7 CLR M . 14.41 -2.36 -5.71
C8 CLR M . 15.69 -3.11 -5.93
C9 CLR M . 16.59 -2.94 -4.73
C10 CLR M . 15.98 -3.63 -3.53
C11 CLR M . 17.97 -3.53 -4.98
C12 CLR M . 18.61 -3.02 -6.27
C13 CLR M . 17.67 -3.27 -7.43
C14 CLR M . 16.40 -2.52 -7.13
C15 CLR M . 15.65 -2.51 -8.44
C16 CLR M . 16.76 -2.32 -9.46
C17 CLR M . 18.08 -2.69 -8.77
C18 CLR M . 17.36 -4.75 -7.57
C19 CLR M . 15.93 -5.12 -3.77
C20 CLR M . 18.97 -3.59 -9.63
C21 CLR M . 20.35 -3.85 -9.05
C22 CLR M . 19.14 -2.95 -11.01
C23 CLR M . 18.31 -3.69 -12.05
C24 CLR M . 18.30 -2.92 -13.36
C25 CLR M . 18.70 -3.87 -14.47
C26 CLR M . 17.96 -5.19 -14.36
C27 CLR M . 18.45 -3.20 -15.80
O1 CLR M . 14.14 -3.38 0.33
C1 CLR N . 13.64 2.05 -1.93
C2 CLR N . 12.96 2.40 -0.62
C3 CLR N . 13.67 1.71 0.54
C4 CLR N . 15.04 2.36 0.63
C5 CLR N . 15.76 2.11 -0.68
C6 CLR N . 16.97 1.56 -0.64
C7 CLR N . 17.65 1.03 -1.86
C8 CLR N . 17.26 1.88 -3.05
C9 CLR N . 15.75 1.90 -3.18
C10 CLR N . 15.09 2.51 -1.96
C11 CLR N . 15.33 2.64 -4.44
C12 CLR N . 15.97 2.08 -5.70
C13 CLR N . 17.48 2.11 -5.51
C14 CLR N . 17.81 1.27 -4.31
C15 CLR N . 19.31 1.10 -4.39
C16 CLR N . 19.57 1.00 -5.90
C17 CLR N . 18.31 1.49 -6.60
C18 CLR N . 17.95 3.54 -5.30
C19 CLR N . 15.15 4.02 -2.07
C20 CLR N . 18.63 2.50 -7.69
C21 CLR N . 17.54 2.54 -8.77
C22 CLR N . 20.02 2.24 -8.25
C23 CLR N . 20.18 2.92 -9.60
C24 CLR N . 21.24 2.22 -10.42
C25 CLR N . 20.66 1.30 -11.49
C26 CLR N . 21.60 0.13 -11.77
C27 CLR N . 19.26 0.79 -11.17
O1 CLR N . 12.96 1.92 1.76
C1 CLR O . -3.12 29.35 -16.37
C2 CLR O . -3.72 28.73 -17.63
C3 CLR O . -2.67 28.47 -18.68
C4 CLR O . -1.70 27.45 -18.14
C5 CLR O . -1.14 27.95 -16.84
C6 CLR O . 0.18 27.95 -16.70
C7 CLR O . 0.84 28.20 -15.37
C8 CLR O . -0.11 28.41 -14.21
C9 CLR O . -1.33 29.19 -14.67
C10 CLR O . -2.06 28.43 -15.75
C11 CLR O . -2.25 29.42 -13.48
C12 CLR O . -1.52 30.04 -12.30
C13 CLR O . -0.31 29.22 -11.91
C14 CLR O . 0.58 29.19 -13.11
C15 CLR O . 1.88 28.65 -12.58
C16 CLR O . 1.98 29.18 -11.15
C17 CLR O . 0.61 29.76 -10.81
C18 CLR O . -0.70 27.79 -11.57
C19 CLR O . -2.71 27.21 -15.12
C20 CLR O . 0.16 29.43 -9.40
C21 CLR O . -1.06 30.26 -9.00
C22 CLR O . 1.26 29.62 -8.34
C23 CLR O . 1.28 28.52 -7.28
C24 CLR O . 0.00 28.41 -6.43
C25 CLR O . -0.94 27.31 -6.93
C26 CLR O . -0.60 25.99 -6.28
C27 CLR O . -2.40 27.69 -6.73
O1 CLR O . -3.28 27.95 -19.86
C1 CLR P . -9.97 27.69 -15.52
C2 CLR P . -9.69 27.44 -16.99
C3 CLR P . -8.98 28.63 -17.61
C4 CLR P . -7.65 28.86 -16.91
C5 CLR P . -7.80 28.86 -15.40
C6 CLR P . -7.10 29.77 -14.70
C7 CLR P . -7.19 29.93 -13.21
C8 CLR P . -7.75 28.68 -12.56
C9 CLR P . -9.00 28.21 -13.32
C10 CLR P . -8.67 27.83 -14.74
C11 CLR P . -9.64 27.01 -12.62
C12 CLR P . -9.95 27.29 -11.17
C13 CLR P . -8.66 27.66 -10.47
C14 CLR P . -8.16 28.93 -11.11
C15 CLR P . -7.10 29.46 -10.16
C16 CLR P . -7.64 29.06 -8.78
C17 CLR P . -8.76 28.03 -8.99
C18 CLR P . -7.63 26.57 -10.66
C19 CLR P . -7.94 26.50 -14.73
C20 CLR P . -8.66 26.84 -8.03
C21 CLR P . -9.81 25.87 -8.19
C22 CLR P . -8.62 27.27 -6.56
C23 CLR P . -8.89 26.07 -5.65
C24 CLR P . -9.82 26.37 -4.48
C25 CLR P . -10.84 25.25 -4.27
C26 CLR P . -11.41 25.25 -2.87
C27 CLR P . -11.98 25.35 -5.27
O1 CLR P . -8.73 28.33 -18.98
#